data_2RQ1
#
_entry.id   2RQ1
#
_entity_poly.entity_id   1
_entity_poly.type   'polypeptide(L)'
_entity_poly.pdbx_seq_one_letter_code
;GSHMDPAQLTEDITRYYLCLQLRQDIVAGRLPCSFATLALLGSYTIQSELGDYDPELHGVDYVSDFKLAPNQTKELEEKV
MELHKSYRSMTPAQADLEFLENAKKLSMY
;
_entity_poly.pdbx_strand_id   A
#
# COMPACT_ATOMS: atom_id res chain seq x y z
N GLY A 1 -13.00 6.28 28.44
CA GLY A 1 -13.22 6.30 26.97
C GLY A 1 -12.18 7.13 26.24
N SER A 2 -12.62 8.19 25.59
CA SER A 2 -11.72 9.07 24.85
C SER A 2 -11.02 8.30 23.73
N HIS A 3 -11.34 8.65 22.49
CA HIS A 3 -10.74 8.00 21.32
C HIS A 3 -9.81 8.94 20.59
N MET A 4 -10.22 10.20 20.46
CA MET A 4 -9.43 11.21 19.78
C MET A 4 -8.26 11.67 20.66
N ASP A 5 -7.14 12.01 20.03
CA ASP A 5 -5.96 12.47 20.76
C ASP A 5 -5.17 13.48 19.93
N PRO A 6 -5.21 14.77 20.32
CA PRO A 6 -4.49 15.82 19.61
C PRO A 6 -2.97 15.71 19.78
N ALA A 7 -2.54 14.84 20.68
CA ALA A 7 -1.12 14.64 20.93
C ALA A 7 -0.55 13.48 20.11
N GLN A 8 -1.45 12.68 19.55
CA GLN A 8 -1.04 11.53 18.74
C GLN A 8 -0.89 11.92 17.27
N LEU A 9 -0.21 13.03 17.02
CA LEU A 9 0.00 13.51 15.66
C LEU A 9 1.34 13.02 15.11
N THR A 10 2.30 12.81 16.00
CA THR A 10 3.62 12.34 15.60
C THR A 10 3.53 11.03 14.83
N GLU A 11 2.84 10.05 15.41
CA GLU A 11 2.68 8.75 14.76
C GLU A 11 2.14 8.90 13.34
N ASP A 12 1.34 9.94 13.13
CA ASP A 12 0.77 10.20 11.82
C ASP A 12 1.86 10.70 10.88
N ILE A 13 2.63 11.66 11.35
CA ILE A 13 3.72 12.24 10.56
C ILE A 13 4.74 11.16 10.17
N THR A 14 5.12 10.34 11.13
CA THR A 14 6.08 9.28 10.88
C THR A 14 5.52 8.25 9.89
N ARG A 15 4.30 7.76 10.16
CA ARG A 15 3.68 6.77 9.31
C ARG A 15 3.61 7.24 7.86
N TYR A 16 3.09 8.45 7.65
CA TYR A 16 2.98 9.01 6.30
C TYR A 16 4.33 8.99 5.59
N TYR A 17 5.34 9.58 6.21
CA TYR A 17 6.68 9.62 5.63
C TYR A 17 7.22 8.20 5.41
N LEU A 18 7.01 7.34 6.39
CA LEU A 18 7.48 5.96 6.32
C LEU A 18 7.02 5.29 5.02
N CYS A 19 5.72 5.30 4.79
CA CYS A 19 5.15 4.70 3.59
C CYS A 19 5.74 5.32 2.33
N LEU A 20 5.91 6.65 2.35
CA LEU A 20 6.47 7.36 1.21
C LEU A 20 7.88 6.88 0.90
N GLN A 21 8.72 6.80 1.93
CA GLN A 21 10.10 6.37 1.77
C GLN A 21 10.17 4.90 1.37
N LEU A 22 9.44 4.06 2.11
CA LEU A 22 9.41 2.63 1.83
C LEU A 22 8.97 2.36 0.40
N ARG A 23 7.84 2.93 0.01
CA ARG A 23 7.30 2.74 -1.34
C ARG A 23 8.25 3.32 -2.38
N GLN A 24 9.01 4.34 -2.00
CA GLN A 24 9.96 4.98 -2.90
C GLN A 24 11.14 4.06 -3.18
N ASP A 25 11.60 3.37 -2.14
CA ASP A 25 12.73 2.45 -2.27
C ASP A 25 12.36 1.23 -3.10
N ILE A 26 11.11 0.78 -2.97
CA ILE A 26 10.63 -0.37 -3.70
C ILE A 26 10.54 -0.08 -5.20
N VAL A 27 9.84 1.00 -5.54
CA VAL A 27 9.66 1.38 -6.94
C VAL A 27 11.01 1.60 -7.63
N ALA A 28 11.99 2.07 -6.88
CA ALA A 28 13.32 2.32 -7.43
C ALA A 28 14.18 1.06 -7.41
N GLY A 29 13.66 -0.02 -6.85
CA GLY A 29 14.41 -1.26 -6.80
C GLY A 29 15.60 -1.16 -5.86
N ARG A 30 15.46 -0.40 -4.79
CA ARG A 30 16.53 -0.21 -3.82
C ARG A 30 16.59 -1.37 -2.83
N LEU A 31 15.70 -2.34 -2.99
CA LEU A 31 15.65 -3.49 -2.10
C LEU A 31 15.12 -4.72 -2.83
N PRO A 32 15.79 -5.88 -2.70
CA PRO A 32 15.36 -7.12 -3.36
C PRO A 32 14.05 -7.66 -2.78
N CYS A 33 13.05 -7.80 -3.63
CA CYS A 33 11.74 -8.30 -3.21
C CYS A 33 11.19 -9.29 -4.23
N SER A 34 10.13 -9.99 -3.86
CA SER A 34 9.50 -10.96 -4.74
C SER A 34 8.22 -10.40 -5.35
N PHE A 35 7.75 -11.04 -6.42
CA PHE A 35 6.52 -10.60 -7.09
C PHE A 35 5.35 -10.55 -6.11
N ALA A 36 5.19 -11.61 -5.33
CA ALA A 36 4.10 -11.69 -4.37
C ALA A 36 4.09 -10.50 -3.42
N THR A 37 5.25 -10.18 -2.84
CA THR A 37 5.34 -9.05 -1.92
C THR A 37 5.07 -7.74 -2.64
N LEU A 38 5.59 -7.63 -3.87
CA LEU A 38 5.39 -6.43 -4.66
C LEU A 38 3.90 -6.17 -4.85
N ALA A 39 3.17 -7.22 -5.22
CA ALA A 39 1.74 -7.13 -5.45
C ALA A 39 0.98 -6.94 -4.14
N LEU A 40 1.46 -7.56 -3.08
CA LEU A 40 0.80 -7.45 -1.78
C LEU A 40 0.95 -6.05 -1.20
N LEU A 41 2.19 -5.56 -1.14
CA LEU A 41 2.46 -4.23 -0.60
C LEU A 41 1.79 -3.17 -1.46
N GLY A 42 1.71 -3.43 -2.76
CA GLY A 42 1.07 -2.50 -3.66
C GLY A 42 -0.44 -2.49 -3.49
N SER A 43 -1.03 -3.67 -3.50
CA SER A 43 -2.48 -3.82 -3.34
C SER A 43 -2.96 -3.11 -2.08
N TYR A 44 -2.14 -3.13 -1.03
CA TYR A 44 -2.51 -2.50 0.22
C TYR A 44 -2.42 -0.97 0.11
N THR A 45 -1.31 -0.49 -0.46
CA THR A 45 -1.11 0.94 -0.63
C THR A 45 -2.20 1.53 -1.53
N ILE A 46 -2.58 0.79 -2.57
CA ILE A 46 -3.62 1.25 -3.49
C ILE A 46 -4.96 1.38 -2.77
N GLN A 47 -5.35 0.32 -2.06
CA GLN A 47 -6.61 0.32 -1.33
C GLN A 47 -6.64 1.45 -0.30
N SER A 48 -5.49 1.75 0.29
CA SER A 48 -5.39 2.80 1.28
C SER A 48 -5.34 4.18 0.61
N GLU A 49 -4.88 4.21 -0.62
CA GLU A 49 -4.76 5.46 -1.37
C GLU A 49 -6.10 5.86 -1.96
N LEU A 50 -6.82 4.89 -2.49
CA LEU A 50 -8.10 5.14 -3.12
C LEU A 50 -9.27 4.58 -2.31
N GLY A 51 -8.96 3.94 -1.18
CA GLY A 51 -10.00 3.39 -0.35
C GLY A 51 -10.65 2.16 -0.98
N ASP A 52 -11.86 1.86 -0.54
CA ASP A 52 -12.60 0.72 -1.07
C ASP A 52 -12.80 0.85 -2.57
N TYR A 53 -12.93 -0.30 -3.24
CA TYR A 53 -13.11 -0.32 -4.69
C TYR A 53 -14.54 0.10 -5.06
N ASP A 54 -14.71 0.53 -6.30
CA ASP A 54 -16.02 0.97 -6.78
C ASP A 54 -16.22 0.59 -8.24
N PRO A 55 -16.77 -0.60 -8.51
CA PRO A 55 -17.00 -1.08 -9.88
C PRO A 55 -17.92 -0.16 -10.68
N GLU A 56 -18.70 0.65 -9.95
CA GLU A 56 -19.64 1.57 -10.59
C GLU A 56 -18.88 2.60 -11.43
N LEU A 57 -17.66 2.91 -11.02
CA LEU A 57 -16.84 3.89 -11.74
C LEU A 57 -15.88 3.19 -12.70
N HIS A 58 -15.48 1.97 -12.35
CA HIS A 58 -14.56 1.20 -13.18
C HIS A 58 -13.22 1.91 -13.31
N GLY A 59 -12.27 1.26 -13.99
CA GLY A 59 -10.96 1.85 -14.17
C GLY A 59 -10.04 0.97 -14.98
N VAL A 60 -9.83 -0.25 -14.51
CA VAL A 60 -8.97 -1.21 -15.21
C VAL A 60 -7.51 -0.74 -15.17
N ASP A 61 -7.22 0.35 -15.86
CA ASP A 61 -5.87 0.88 -15.93
C ASP A 61 -5.68 2.01 -14.91
N TYR A 62 -6.41 1.95 -13.81
CA TYR A 62 -6.32 2.97 -12.77
C TYR A 62 -5.02 2.84 -11.98
N VAL A 63 -4.53 1.60 -11.87
CA VAL A 63 -3.30 1.33 -11.15
C VAL A 63 -2.11 2.04 -11.80
N SER A 64 -2.27 2.42 -13.06
CA SER A 64 -1.23 3.11 -13.81
C SER A 64 -0.88 4.47 -13.18
N ASP A 65 -1.74 4.94 -12.28
CA ASP A 65 -1.51 6.22 -11.62
C ASP A 65 -0.59 6.06 -10.41
N PHE A 66 -0.51 4.84 -9.88
CA PHE A 66 0.33 4.57 -8.72
C PHE A 66 1.47 3.62 -9.09
N LYS A 67 2.70 4.09 -8.91
CA LYS A 67 3.89 3.30 -9.23
C LYS A 67 4.12 2.23 -8.16
N LEU A 68 3.77 0.99 -8.46
CA LEU A 68 3.94 -0.12 -7.54
C LEU A 68 5.32 -0.76 -7.68
N ALA A 69 5.96 -0.52 -8.83
CA ALA A 69 7.28 -1.07 -9.08
C ALA A 69 7.85 -0.55 -10.40
N PRO A 70 9.17 -0.74 -10.62
CA PRO A 70 9.83 -0.29 -11.85
C PRO A 70 9.45 -1.13 -13.06
N ASN A 71 9.38 -2.45 -12.87
CA ASN A 71 9.01 -3.36 -13.94
C ASN A 71 7.61 -3.90 -13.75
N GLN A 72 6.62 -3.03 -13.93
CA GLN A 72 5.22 -3.41 -13.77
C GLN A 72 4.70 -4.13 -15.01
N THR A 73 4.24 -5.36 -14.83
CA THR A 73 3.72 -6.16 -15.94
C THR A 73 2.26 -6.55 -15.68
N LYS A 74 1.61 -7.06 -16.72
CA LYS A 74 0.21 -7.47 -16.60
C LYS A 74 0.01 -8.34 -15.37
N GLU A 75 1.01 -9.16 -15.06
CA GLU A 75 0.95 -10.04 -13.90
C GLU A 75 0.85 -9.23 -12.61
N LEU A 76 1.83 -8.38 -12.37
CA LEU A 76 1.84 -7.54 -11.19
C LEU A 76 0.61 -6.64 -11.15
N GLU A 77 0.27 -6.06 -12.30
CA GLU A 77 -0.90 -5.19 -12.41
C GLU A 77 -2.17 -5.95 -12.02
N GLU A 78 -2.39 -7.09 -12.66
CA GLU A 78 -3.56 -7.90 -12.39
C GLU A 78 -3.68 -8.21 -10.90
N LYS A 79 -2.59 -8.71 -10.32
CA LYS A 79 -2.58 -9.06 -8.90
C LYS A 79 -2.93 -7.85 -8.04
N VAL A 80 -2.58 -6.66 -8.50
CA VAL A 80 -2.87 -5.44 -7.76
C VAL A 80 -4.37 -5.18 -7.70
N MET A 81 -5.01 -5.18 -8.86
CA MET A 81 -6.45 -4.95 -8.95
C MET A 81 -7.23 -6.12 -8.34
N GLU A 82 -6.76 -7.33 -8.58
CA GLU A 82 -7.42 -8.53 -8.07
C GLU A 82 -7.47 -8.50 -6.54
N LEU A 83 -6.30 -8.35 -5.91
CA LEU A 83 -6.22 -8.32 -4.46
C LEU A 83 -7.04 -7.17 -3.90
N HIS A 84 -7.03 -6.03 -4.58
CA HIS A 84 -7.78 -4.86 -4.14
C HIS A 84 -9.25 -5.19 -3.96
N LYS A 85 -9.87 -5.72 -5.02
CA LYS A 85 -11.28 -6.08 -4.98
C LYS A 85 -11.49 -7.36 -4.17
N SER A 86 -10.46 -8.19 -4.10
CA SER A 86 -10.54 -9.45 -3.36
C SER A 86 -10.77 -9.20 -1.87
N TYR A 87 -10.36 -8.02 -1.39
CA TYR A 87 -10.53 -7.67 0.01
C TYR A 87 -11.97 -7.27 0.31
N ARG A 88 -12.57 -7.95 1.29
CA ARG A 88 -13.94 -7.67 1.68
C ARG A 88 -14.07 -6.27 2.28
N SER A 89 -15.07 -6.07 3.13
CA SER A 89 -15.28 -4.77 3.78
C SER A 89 -14.14 -4.46 4.74
N MET A 90 -12.98 -4.12 4.18
CA MET A 90 -11.81 -3.80 4.99
C MET A 90 -11.77 -2.30 5.32
N THR A 91 -11.25 -1.98 6.50
CA THR A 91 -11.16 -0.60 6.93
C THR A 91 -9.80 0.00 6.55
N PRO A 92 -9.71 1.34 6.45
CA PRO A 92 -8.47 2.02 6.10
C PRO A 92 -7.31 1.61 7.00
N ALA A 93 -7.51 1.70 8.30
CA ALA A 93 -6.49 1.34 9.27
C ALA A 93 -5.93 -0.06 8.98
N GLN A 94 -6.80 -0.97 8.58
CA GLN A 94 -6.40 -2.34 8.27
C GLN A 94 -5.33 -2.34 7.17
N ALA A 95 -5.57 -1.54 6.14
CA ALA A 95 -4.63 -1.45 5.03
C ALA A 95 -3.31 -0.83 5.49
N ASP A 96 -3.41 0.26 6.24
CA ASP A 96 -2.23 0.94 6.76
C ASP A 96 -1.37 -0.01 7.58
N LEU A 97 -2.04 -0.81 8.41
CA LEU A 97 -1.36 -1.79 9.26
C LEU A 97 -0.84 -2.96 8.43
N GLU A 98 -1.53 -3.27 7.34
CA GLU A 98 -1.14 -4.38 6.47
C GLU A 98 0.24 -4.17 5.87
N PHE A 99 0.45 -3.03 5.24
CA PHE A 99 1.74 -2.72 4.62
C PHE A 99 2.80 -2.45 5.68
N LEU A 100 2.45 -1.68 6.69
CA LEU A 100 3.38 -1.35 7.77
C LEU A 100 3.82 -2.62 8.49
N GLU A 101 2.86 -3.51 8.76
CA GLU A 101 3.14 -4.77 9.43
C GLU A 101 3.98 -5.68 8.55
N ASN A 102 3.77 -5.57 7.24
CA ASN A 102 4.51 -6.38 6.28
C ASN A 102 5.95 -5.89 6.18
N ALA A 103 6.11 -4.59 6.00
CA ALA A 103 7.43 -3.98 5.90
C ALA A 103 8.23 -4.19 7.17
N LYS A 104 7.55 -4.11 8.31
CA LYS A 104 8.19 -4.30 9.61
C LYS A 104 8.57 -5.77 9.81
N LYS A 105 7.76 -6.67 9.26
CA LYS A 105 8.01 -8.10 9.39
C LYS A 105 9.16 -8.53 8.49
N LEU A 106 9.44 -7.73 7.46
CA LEU A 106 10.53 -8.04 6.53
C LEU A 106 11.82 -7.31 6.91
N SER A 107 11.71 -6.34 7.82
CA SER A 107 12.87 -5.57 8.26
C SER A 107 13.42 -4.72 7.13
N MET A 108 12.53 -4.06 6.40
CA MET A 108 12.93 -3.20 5.28
C MET A 108 13.66 -1.97 5.79
N TYR A 109 13.28 -1.49 6.97
CA TYR A 109 13.91 -0.32 7.56
C TYR A 109 14.18 -0.53 9.05
N GLY A 1 -15.60 16.01 14.46
CA GLY A 1 -14.14 16.26 14.63
C GLY A 1 -13.77 16.59 16.06
N SER A 2 -14.49 15.98 17.01
CA SER A 2 -14.23 16.21 18.42
C SER A 2 -13.68 14.95 19.09
N HIS A 3 -14.16 13.79 18.64
CA HIS A 3 -13.71 12.52 19.20
C HIS A 3 -12.50 11.98 18.42
N MET A 4 -11.49 12.83 18.28
CA MET A 4 -10.28 12.44 17.56
C MET A 4 -9.09 12.35 18.51
N ASP A 5 -8.46 11.18 18.57
CA ASP A 5 -7.30 10.97 19.44
C ASP A 5 -6.13 11.85 19.01
N PRO A 6 -5.78 12.86 19.84
CA PRO A 6 -4.67 13.78 19.54
C PRO A 6 -3.31 13.12 19.72
N ALA A 7 -3.29 11.93 20.31
CA ALA A 7 -2.05 11.20 20.53
C ALA A 7 -1.56 10.54 19.24
N GLN A 8 -2.49 10.24 18.34
CA GLN A 8 -2.15 9.59 17.08
C GLN A 8 -1.75 10.62 16.01
N LEU A 9 -1.65 11.89 16.41
CA LEU A 9 -1.29 12.95 15.49
C LEU A 9 0.09 12.69 14.89
N THR A 10 1.07 12.47 15.75
CA THR A 10 2.44 12.21 15.32
C THR A 10 2.52 10.89 14.56
N GLU A 11 1.94 9.84 15.12
CA GLU A 11 1.94 8.52 14.48
C GLU A 11 1.37 8.61 13.06
N ASP A 12 0.46 9.55 12.86
CA ASP A 12 -0.14 9.74 11.55
C ASP A 12 0.88 10.36 10.59
N ILE A 13 1.55 11.40 11.06
CA ILE A 13 2.56 12.10 10.26
C ILE A 13 3.70 11.16 9.88
N THR A 14 4.19 10.41 10.86
CA THR A 14 5.30 9.47 10.63
C THR A 14 4.90 8.39 9.62
N ARG A 15 3.76 7.75 9.85
CA ARG A 15 3.29 6.69 8.96
C ARG A 15 3.23 7.15 7.51
N TYR A 16 2.57 8.29 7.28
CA TYR A 16 2.44 8.82 5.93
C TYR A 16 3.81 8.99 5.27
N TYR A 17 4.71 9.66 5.96
CA TYR A 17 6.06 9.89 5.44
C TYR A 17 6.84 8.59 5.32
N LEU A 18 6.50 7.62 6.18
CA LEU A 18 7.17 6.32 6.16
C LEU A 18 6.81 5.54 4.90
N CYS A 19 5.52 5.35 4.68
CA CYS A 19 5.05 4.63 3.50
C CYS A 19 5.59 5.24 2.22
N LEU A 20 5.56 6.57 2.15
CA LEU A 20 6.05 7.29 0.97
C LEU A 20 7.52 6.94 0.70
N GLN A 21 8.34 7.03 1.73
CA GLN A 21 9.76 6.74 1.61
C GLN A 21 9.99 5.27 1.22
N LEU A 22 9.29 4.37 1.92
CA LEU A 22 9.41 2.94 1.65
C LEU A 22 9.00 2.62 0.21
N ARG A 23 7.88 3.18 -0.22
CA ARG A 23 7.37 2.95 -1.56
C ARG A 23 8.33 3.52 -2.62
N GLN A 24 9.06 4.57 -2.24
CA GLN A 24 10.00 5.20 -3.15
C GLN A 24 11.22 4.31 -3.40
N ASP A 25 11.71 3.68 -2.34
CA ASP A 25 12.87 2.80 -2.44
C ASP A 25 12.54 1.52 -3.19
N ILE A 26 11.37 0.96 -2.90
CA ILE A 26 10.93 -0.27 -3.54
C ILE A 26 10.76 -0.09 -5.05
N VAL A 27 10.03 0.95 -5.43
CA VAL A 27 9.78 1.24 -6.84
C VAL A 27 11.09 1.48 -7.60
N ALA A 28 12.07 2.05 -6.92
CA ALA A 28 13.36 2.33 -7.53
C ALA A 28 14.25 1.10 -7.57
N GLY A 29 13.76 -0.01 -7.03
CA GLY A 29 14.53 -1.24 -7.02
C GLY A 29 15.73 -1.16 -6.10
N ARG A 30 15.58 -0.41 -5.01
CA ARG A 30 16.66 -0.25 -4.03
C ARG A 30 16.70 -1.41 -3.05
N LEU A 31 15.82 -2.39 -3.23
CA LEU A 31 15.77 -3.56 -2.35
C LEU A 31 15.15 -4.75 -3.06
N PRO A 32 15.77 -5.94 -2.94
CA PRO A 32 15.27 -7.17 -3.59
C PRO A 32 13.97 -7.65 -2.96
N CYS A 33 12.95 -7.84 -3.79
CA CYS A 33 11.65 -8.31 -3.32
C CYS A 33 11.06 -9.33 -4.29
N SER A 34 10.01 -10.01 -3.87
CA SER A 34 9.36 -11.01 -4.71
C SER A 34 8.07 -10.46 -5.31
N PHE A 35 7.58 -11.12 -6.36
CA PHE A 35 6.36 -10.71 -7.03
C PHE A 35 5.19 -10.65 -6.06
N ALA A 36 5.04 -11.69 -5.25
CA ALA A 36 3.95 -11.76 -4.29
C ALA A 36 3.94 -10.56 -3.35
N THR A 37 5.09 -10.23 -2.78
CA THR A 37 5.20 -9.09 -1.88
C THR A 37 4.92 -7.79 -2.62
N LEU A 38 5.43 -7.70 -3.83
CA LEU A 38 5.23 -6.51 -4.65
C LEU A 38 3.75 -6.26 -4.85
N ALA A 39 3.02 -7.31 -5.20
CA ALA A 39 1.58 -7.23 -5.42
C ALA A 39 0.82 -7.01 -4.12
N LEU A 40 1.32 -7.60 -3.03
CA LEU A 40 0.68 -7.46 -1.73
C LEU A 40 0.81 -6.03 -1.21
N LEU A 41 2.04 -5.52 -1.20
CA LEU A 41 2.30 -4.17 -0.73
C LEU A 41 1.57 -3.15 -1.60
N GLY A 42 1.47 -3.46 -2.89
CA GLY A 42 0.79 -2.58 -3.81
C GLY A 42 -0.72 -2.58 -3.60
N SER A 43 -1.30 -3.79 -3.58
CA SER A 43 -2.73 -3.93 -3.38
C SER A 43 -3.21 -3.21 -2.13
N TYR A 44 -2.38 -3.21 -1.09
CA TYR A 44 -2.73 -2.55 0.16
C TYR A 44 -2.64 -1.04 0.02
N THR A 45 -1.57 -0.56 -0.61
CA THR A 45 -1.39 0.87 -0.81
C THR A 45 -2.54 1.45 -1.62
N ILE A 46 -2.95 0.74 -2.66
CA ILE A 46 -4.04 1.18 -3.50
C ILE A 46 -5.33 1.27 -2.69
N GLN A 47 -5.61 0.22 -1.93
CA GLN A 47 -6.81 0.17 -1.10
C GLN A 47 -6.83 1.33 -0.10
N SER A 48 -5.65 1.66 0.42
CA SER A 48 -5.54 2.77 1.38
C SER A 48 -5.56 4.12 0.67
N GLU A 49 -5.13 4.13 -0.59
CA GLU A 49 -5.09 5.35 -1.37
C GLU A 49 -6.46 5.72 -1.92
N LEU A 50 -7.19 4.71 -2.39
CA LEU A 50 -8.51 4.93 -2.97
C LEU A 50 -9.63 4.34 -2.11
N GLY A 51 -9.26 3.74 -0.98
CA GLY A 51 -10.26 3.16 -0.10
C GLY A 51 -10.71 1.78 -0.56
N ASP A 52 -11.91 1.71 -1.14
CA ASP A 52 -12.44 0.43 -1.62
C ASP A 52 -12.32 0.34 -3.14
N TYR A 53 -12.80 -0.78 -3.68
CA TYR A 53 -12.75 -1.00 -5.13
C TYR A 53 -14.09 -0.67 -5.78
N ASP A 54 -14.06 0.19 -6.79
CA ASP A 54 -15.27 0.59 -7.50
C ASP A 54 -14.98 0.84 -8.98
N PRO A 55 -15.16 -0.18 -9.84
CA PRO A 55 -14.91 -0.05 -11.28
C PRO A 55 -15.83 0.96 -11.95
N GLU A 56 -17.06 1.06 -11.45
CA GLU A 56 -18.03 1.99 -12.00
C GLU A 56 -17.74 3.42 -11.59
N LEU A 57 -17.14 3.58 -10.41
CA LEU A 57 -16.79 4.90 -9.90
C LEU A 57 -15.49 5.41 -10.51
N HIS A 58 -14.49 4.54 -10.53
CA HIS A 58 -13.18 4.90 -11.08
C HIS A 58 -12.87 4.09 -12.33
N GLY A 59 -12.42 2.85 -12.14
CA GLY A 59 -12.11 2.00 -13.27
C GLY A 59 -11.38 0.73 -12.86
N VAL A 60 -10.44 0.30 -13.68
CA VAL A 60 -9.68 -0.91 -13.41
C VAL A 60 -8.20 -0.73 -13.76
N ASP A 61 -7.93 0.01 -14.83
CA ASP A 61 -6.56 0.25 -15.28
C ASP A 61 -5.98 1.52 -14.67
N TYR A 62 -6.43 1.86 -13.46
CA TYR A 62 -5.94 3.05 -12.78
C TYR A 62 -4.63 2.76 -12.04
N VAL A 63 -4.28 1.48 -11.93
CA VAL A 63 -3.06 1.08 -11.25
C VAL A 63 -1.82 1.50 -12.04
N SER A 64 -2.00 1.69 -13.35
CA SER A 64 -0.90 2.09 -14.22
C SER A 64 -0.37 3.48 -13.85
N ASP A 65 -1.11 4.21 -13.03
CA ASP A 65 -0.70 5.53 -12.59
C ASP A 65 0.11 5.45 -11.30
N PHE A 66 -0.16 4.42 -10.50
CA PHE A 66 0.54 4.22 -9.24
C PHE A 66 1.79 3.38 -9.44
N LYS A 67 2.93 3.89 -8.97
CA LYS A 67 4.20 3.18 -9.10
C LYS A 67 4.36 2.16 -7.99
N LEU A 68 3.93 0.93 -8.25
CA LEU A 68 4.03 -0.15 -7.27
C LEU A 68 5.37 -0.88 -7.38
N ALA A 69 6.02 -0.77 -8.54
CA ALA A 69 7.31 -1.40 -8.76
C ALA A 69 7.99 -0.84 -10.00
N PRO A 70 9.31 -1.11 -10.16
CA PRO A 70 10.07 -0.62 -11.31
C PRO A 70 9.66 -1.30 -12.61
N ASN A 71 9.54 -2.63 -12.56
CA ASN A 71 9.15 -3.40 -13.74
C ASN A 71 7.73 -3.93 -13.60
N GLN A 72 6.77 -3.01 -13.57
CA GLN A 72 5.36 -3.37 -13.44
C GLN A 72 4.89 -4.16 -14.66
N THR A 73 4.50 -5.42 -14.43
CA THR A 73 4.02 -6.28 -15.51
C THR A 73 2.55 -6.58 -15.34
N LYS A 74 1.88 -6.96 -16.44
CA LYS A 74 0.47 -7.28 -16.42
C LYS A 74 0.11 -8.16 -15.23
N GLU A 75 0.95 -9.14 -14.94
CA GLU A 75 0.72 -10.05 -13.82
C GLU A 75 0.62 -9.27 -12.51
N LEU A 76 1.56 -8.35 -12.30
CA LEU A 76 1.57 -7.53 -11.09
C LEU A 76 0.35 -6.62 -11.06
N GLU A 77 0.04 -6.04 -12.21
CA GLU A 77 -1.11 -5.14 -12.32
C GLU A 77 -2.40 -5.87 -11.96
N GLU A 78 -2.64 -6.99 -12.62
CA GLU A 78 -3.84 -7.78 -12.37
C GLU A 78 -3.96 -8.14 -10.90
N LYS A 79 -2.89 -8.70 -10.33
CA LYS A 79 -2.88 -9.10 -8.93
C LYS A 79 -3.20 -7.93 -8.01
N VAL A 80 -2.83 -6.72 -8.43
CA VAL A 80 -3.09 -5.53 -7.63
C VAL A 80 -4.59 -5.25 -7.57
N MET A 81 -5.24 -5.26 -8.73
CA MET A 81 -6.68 -5.02 -8.82
C MET A 81 -7.46 -6.17 -8.20
N GLU A 82 -7.02 -7.39 -8.48
CA GLU A 82 -7.69 -8.57 -7.95
C GLU A 82 -7.66 -8.60 -6.43
N LEU A 83 -6.47 -8.49 -5.85
CA LEU A 83 -6.31 -8.50 -4.40
C LEU A 83 -7.12 -7.38 -3.76
N HIS A 84 -7.11 -6.21 -4.39
CA HIS A 84 -7.83 -5.05 -3.88
C HIS A 84 -9.32 -5.37 -3.74
N LYS A 85 -9.94 -5.77 -4.85
CA LYS A 85 -11.36 -6.10 -4.86
C LYS A 85 -11.63 -7.35 -4.02
N SER A 86 -10.66 -8.25 -3.97
CA SER A 86 -10.80 -9.49 -3.22
C SER A 86 -10.89 -9.21 -1.72
N TYR A 87 -10.41 -8.05 -1.30
CA TYR A 87 -10.44 -7.68 0.12
C TYR A 87 -11.85 -7.30 0.56
N ARG A 88 -12.33 -7.96 1.61
CA ARG A 88 -13.67 -7.70 2.13
C ARG A 88 -13.77 -6.28 2.67
N SER A 89 -14.76 -6.04 3.54
CA SER A 89 -14.96 -4.72 4.13
C SER A 89 -13.81 -4.36 5.05
N MET A 90 -12.66 -4.05 4.46
CA MET A 90 -11.48 -3.68 5.23
C MET A 90 -11.46 -2.19 5.53
N THR A 91 -10.90 -1.81 6.67
CA THR A 91 -10.81 -0.41 7.07
C THR A 91 -9.46 0.17 6.66
N PRO A 92 -9.35 1.51 6.67
CA PRO A 92 -8.11 2.20 6.30
C PRO A 92 -6.93 1.74 7.16
N ALA A 93 -7.12 1.75 8.48
CA ALA A 93 -6.08 1.33 9.41
C ALA A 93 -5.60 -0.08 9.10
N GLN A 94 -6.53 -0.95 8.72
CA GLN A 94 -6.20 -2.34 8.40
C GLN A 94 -5.17 -2.38 7.28
N ALA A 95 -5.37 -1.56 6.26
CA ALA A 95 -4.45 -1.50 5.13
C ALA A 95 -3.11 -0.92 5.57
N ASP A 96 -3.15 0.16 6.33
CA ASP A 96 -1.94 0.81 6.82
C ASP A 96 -1.09 -0.17 7.62
N LEU A 97 -1.77 -0.98 8.43
CA LEU A 97 -1.08 -1.98 9.26
C LEU A 97 -0.57 -3.14 8.40
N GLU A 98 -1.30 -3.44 7.34
CA GLU A 98 -0.93 -4.55 6.45
C GLU A 98 0.44 -4.34 5.81
N PHE A 99 0.62 -3.19 5.15
CA PHE A 99 1.88 -2.88 4.50
C PHE A 99 2.97 -2.60 5.54
N LEU A 100 2.59 -1.89 6.58
CA LEU A 100 3.54 -1.55 7.65
C LEU A 100 4.05 -2.81 8.33
N GLU A 101 3.13 -3.74 8.59
CA GLU A 101 3.48 -5.00 9.24
C GLU A 101 4.34 -5.86 8.32
N ASN A 102 4.09 -5.74 7.02
CA ASN A 102 4.85 -6.49 6.03
C ASN A 102 6.25 -5.92 5.90
N ALA A 103 6.34 -4.61 5.74
CA ALA A 103 7.63 -3.94 5.61
C ALA A 103 8.48 -4.12 6.85
N LYS A 104 7.83 -4.08 8.02
CA LYS A 104 8.53 -4.23 9.28
C LYS A 104 9.02 -5.67 9.46
N LYS A 105 8.23 -6.63 8.97
CA LYS A 105 8.61 -8.03 9.07
C LYS A 105 9.73 -8.38 8.08
N LEU A 106 9.90 -7.54 7.06
CA LEU A 106 10.93 -7.77 6.06
C LEU A 106 12.20 -6.99 6.40
N SER A 107 12.11 -6.09 7.39
CA SER A 107 13.26 -5.29 7.80
C SER A 107 13.74 -4.41 6.65
N MET A 108 13.04 -3.30 6.43
CA MET A 108 13.40 -2.37 5.37
C MET A 108 13.86 -1.03 5.94
N TYR A 109 13.23 -0.62 7.04
CA TYR A 109 13.58 0.64 7.69
C TYR A 109 13.90 0.42 9.17
N GLY A 1 -2.48 24.24 21.88
CA GLY A 1 -1.86 25.48 22.42
C GLY A 1 -0.40 25.62 22.03
N SER A 2 -0.08 25.17 20.82
CA SER A 2 1.29 25.24 20.31
C SER A 2 2.20 24.28 21.06
N HIS A 3 2.39 24.53 22.35
CA HIS A 3 3.24 23.67 23.18
C HIS A 3 2.44 22.55 23.83
N MET A 4 1.58 21.90 23.05
CA MET A 4 0.75 20.82 23.56
C MET A 4 -0.08 20.20 22.45
N ASP A 5 -0.02 18.88 22.33
CA ASP A 5 -0.77 18.16 21.31
C ASP A 5 -1.79 17.21 21.95
N PRO A 6 -3.07 17.61 22.00
CA PRO A 6 -4.13 16.78 22.59
C PRO A 6 -4.57 15.65 21.66
N ALA A 7 -4.36 15.82 20.37
CA ALA A 7 -4.74 14.82 19.39
C ALA A 7 -3.58 13.88 19.08
N GLN A 8 -2.37 14.43 19.08
CA GLN A 8 -1.17 13.65 18.80
C GLN A 8 -1.26 13.00 17.42
N LEU A 9 -1.24 13.83 16.38
CA LEU A 9 -1.32 13.34 15.01
C LEU A 9 0.06 13.00 14.45
N THR A 10 1.07 12.98 15.31
CA THR A 10 2.43 12.68 14.88
C THR A 10 2.49 11.32 14.18
N GLU A 11 1.91 10.31 14.80
CA GLU A 11 1.87 8.97 14.22
C GLU A 11 1.26 9.00 12.82
N ASP A 12 0.34 9.93 12.62
CA ASP A 12 -0.31 10.08 11.32
C ASP A 12 0.68 10.67 10.32
N ILE A 13 1.35 11.74 10.75
CA ILE A 13 2.32 12.42 9.91
C ILE A 13 3.50 11.50 9.57
N THR A 14 4.02 10.83 10.60
CA THR A 14 5.15 9.93 10.41
C THR A 14 4.78 8.77 9.48
N ARG A 15 3.67 8.10 9.77
CA ARG A 15 3.23 6.96 8.96
C ARG A 15 3.10 7.33 7.49
N TYR A 16 2.52 8.49 7.22
CA TYR A 16 2.35 8.94 5.84
C TYR A 16 3.71 9.06 5.14
N TYR A 17 4.61 9.81 5.77
CA TYR A 17 5.95 10.02 5.22
C TYR A 17 6.72 8.71 5.19
N LEU A 18 6.41 7.79 6.09
CA LEU A 18 7.08 6.51 6.16
C LEU A 18 6.74 5.66 4.94
N CYS A 19 5.44 5.45 4.72
CA CYS A 19 4.98 4.66 3.58
C CYS A 19 5.52 5.22 2.27
N LEU A 20 5.51 6.55 2.16
CA LEU A 20 6.00 7.21 0.95
C LEU A 20 7.47 6.90 0.72
N GLN A 21 8.26 6.90 1.80
CA GLN A 21 9.68 6.61 1.71
C GLN A 21 9.92 5.14 1.35
N LEU A 22 9.23 4.25 2.06
CA LEU A 22 9.36 2.82 1.83
C LEU A 22 8.93 2.46 0.40
N ARG A 23 7.81 3.02 -0.02
CA ARG A 23 7.26 2.77 -1.35
C ARG A 23 8.17 3.36 -2.42
N GLN A 24 8.88 4.44 -2.08
CA GLN A 24 9.79 5.09 -3.01
C GLN A 24 11.03 4.23 -3.28
N ASP A 25 11.52 3.58 -2.23
CA ASP A 25 12.69 2.73 -2.34
C ASP A 25 12.38 1.44 -3.11
N ILE A 26 11.19 0.89 -2.86
CA ILE A 26 10.77 -0.34 -3.52
C ILE A 26 10.60 -0.12 -5.03
N VAL A 27 9.81 0.89 -5.40
CA VAL A 27 9.56 1.19 -6.80
C VAL A 27 10.85 1.53 -7.53
N ALA A 28 11.80 2.14 -6.83
CA ALA A 28 13.07 2.52 -7.42
C ALA A 28 14.01 1.32 -7.56
N GLY A 29 13.57 0.17 -7.06
CA GLY A 29 14.39 -1.02 -7.14
C GLY A 29 15.62 -0.95 -6.25
N ARG A 30 15.48 -0.26 -5.12
CA ARG A 30 16.59 -0.11 -4.18
C ARG A 30 16.56 -1.21 -3.11
N LEU A 31 15.64 -2.17 -3.25
CA LEU A 31 15.54 -3.26 -2.30
C LEU A 31 14.92 -4.49 -2.97
N PRO A 32 15.69 -5.59 -3.10
CA PRO A 32 15.20 -6.82 -3.73
C PRO A 32 13.91 -7.32 -3.09
N CYS A 33 12.93 -7.62 -3.93
CA CYS A 33 11.63 -8.12 -3.45
C CYS A 33 11.08 -9.16 -4.41
N SER A 34 10.03 -9.87 -3.97
CA SER A 34 9.41 -10.89 -4.78
C SER A 34 8.11 -10.39 -5.40
N PHE A 35 7.61 -11.12 -6.40
CA PHE A 35 6.37 -10.74 -7.07
C PHE A 35 5.20 -10.71 -6.08
N ALA A 36 5.07 -11.77 -5.30
CA ALA A 36 3.99 -11.86 -4.33
C ALA A 36 3.99 -10.68 -3.37
N THR A 37 5.16 -10.33 -2.85
CA THR A 37 5.27 -9.21 -1.92
C THR A 37 4.98 -7.90 -2.63
N LEU A 38 5.46 -7.79 -3.87
CA LEU A 38 5.24 -6.60 -4.67
C LEU A 38 3.75 -6.34 -4.85
N ALA A 39 3.02 -7.41 -5.18
CA ALA A 39 1.59 -7.31 -5.38
C ALA A 39 0.85 -7.12 -4.06
N LEU A 40 1.36 -7.74 -3.00
CA LEU A 40 0.74 -7.62 -1.68
C LEU A 40 0.88 -6.21 -1.13
N LEU A 41 2.11 -5.71 -1.12
CA LEU A 41 2.38 -4.36 -0.64
C LEU A 41 1.66 -3.33 -1.48
N GLY A 42 1.55 -3.62 -2.78
CA GLY A 42 0.87 -2.72 -3.70
C GLY A 42 -0.63 -2.72 -3.48
N SER A 43 -1.22 -3.92 -3.48
CA SER A 43 -2.66 -4.07 -3.29
C SER A 43 -3.12 -3.37 -2.01
N TYR A 44 -2.28 -3.38 -0.98
CA TYR A 44 -2.62 -2.75 0.28
C TYR A 44 -2.56 -1.22 0.16
N THR A 45 -1.47 -0.73 -0.42
CA THR A 45 -1.29 0.70 -0.60
C THR A 45 -2.41 1.29 -1.45
N ILE A 46 -2.81 0.55 -2.48
CA ILE A 46 -3.89 1.00 -3.36
C ILE A 46 -5.20 1.11 -2.59
N GLN A 47 -5.54 0.05 -1.85
CA GLN A 47 -6.77 0.03 -1.06
C GLN A 47 -6.78 1.18 -0.06
N SER A 48 -5.62 1.47 0.51
CA SER A 48 -5.49 2.56 1.48
C SER A 48 -5.46 3.92 0.79
N GLU A 49 -5.01 3.93 -0.46
CA GLU A 49 -4.90 5.16 -1.23
C GLU A 49 -6.24 5.58 -1.80
N LEU A 50 -7.01 4.60 -2.25
CA LEU A 50 -8.30 4.86 -2.86
C LEU A 50 -9.45 4.28 -2.04
N GLY A 51 -9.15 3.65 -0.91
CA GLY A 51 -10.18 3.08 -0.09
C GLY A 51 -10.97 2.01 -0.80
N ASP A 52 -12.27 1.94 -0.51
CA ASP A 52 -13.16 0.96 -1.13
C ASP A 52 -12.91 0.85 -2.63
N TYR A 53 -13.09 -0.35 -3.18
CA TYR A 53 -12.89 -0.59 -4.60
C TYR A 53 -13.78 0.33 -5.44
N ASP A 54 -13.31 0.64 -6.66
CA ASP A 54 -14.06 1.51 -7.56
C ASP A 54 -14.08 0.93 -8.97
N PRO A 55 -15.09 0.11 -9.30
CA PRO A 55 -15.21 -0.52 -10.62
C PRO A 55 -15.44 0.52 -11.73
N GLU A 56 -16.59 1.19 -11.68
CA GLU A 56 -16.92 2.20 -12.67
C GLU A 56 -16.37 3.57 -12.28
N LEU A 57 -16.25 3.81 -10.97
CA LEU A 57 -15.74 5.06 -10.47
C LEU A 57 -14.33 5.34 -11.02
N HIS A 58 -13.58 4.28 -11.26
CA HIS A 58 -12.23 4.40 -11.79
C HIS A 58 -12.12 3.71 -13.15
N GLY A 59 -12.02 2.38 -13.13
CA GLY A 59 -11.91 1.62 -14.35
C GLY A 59 -11.09 0.36 -14.18
N VAL A 60 -10.17 0.14 -15.12
CA VAL A 60 -9.31 -1.05 -15.07
C VAL A 60 -7.83 -0.65 -15.06
N ASP A 61 -7.51 0.43 -15.77
CA ASP A 61 -6.13 0.90 -15.84
C ASP A 61 -5.87 2.00 -14.81
N TYR A 62 -6.54 1.92 -13.67
CA TYR A 62 -6.37 2.90 -12.61
C TYR A 62 -5.06 2.68 -11.86
N VAL A 63 -4.68 1.41 -11.73
CA VAL A 63 -3.44 1.05 -11.03
C VAL A 63 -2.22 1.60 -11.78
N SER A 64 -2.39 1.86 -13.07
CA SER A 64 -1.31 2.40 -13.89
C SER A 64 -0.86 3.78 -13.42
N ASP A 65 -1.64 4.41 -12.56
CA ASP A 65 -1.30 5.72 -12.03
C ASP A 65 -0.43 5.60 -10.79
N PHE A 66 -0.58 4.50 -10.06
CA PHE A 66 0.19 4.26 -8.86
C PHE A 66 1.42 3.37 -9.15
N LYS A 67 2.60 3.89 -8.83
CA LYS A 67 3.84 3.15 -9.06
C LYS A 67 4.03 2.07 -8.01
N LEU A 68 3.64 0.84 -8.36
CA LEU A 68 3.77 -0.28 -7.44
C LEU A 68 5.16 -0.91 -7.53
N ALA A 69 5.84 -0.69 -8.65
CA ALA A 69 7.17 -1.24 -8.85
C ALA A 69 7.81 -0.66 -10.11
N PRO A 70 9.14 -0.84 -10.26
CA PRO A 70 9.88 -0.33 -11.42
C PRO A 70 9.51 -1.08 -12.70
N ASN A 71 9.32 -2.39 -12.58
CA ASN A 71 8.95 -3.22 -13.73
C ASN A 71 7.55 -3.81 -13.55
N GLN A 72 6.55 -2.93 -13.55
CA GLN A 72 5.16 -3.37 -13.38
C GLN A 72 4.69 -4.15 -14.61
N THR A 73 4.31 -5.40 -14.39
CA THR A 73 3.84 -6.25 -15.48
C THR A 73 2.37 -6.61 -15.29
N LYS A 74 1.73 -7.05 -16.38
CA LYS A 74 0.31 -7.42 -16.33
C LYS A 74 0.00 -8.29 -15.12
N GLU A 75 0.88 -9.24 -14.84
CA GLU A 75 0.69 -10.14 -13.70
C GLU A 75 0.56 -9.34 -12.40
N LEU A 76 1.47 -8.39 -12.21
CA LEU A 76 1.46 -7.54 -11.02
C LEU A 76 0.22 -6.65 -11.02
N GLU A 77 -0.12 -6.15 -12.20
CA GLU A 77 -1.29 -5.28 -12.34
C GLU A 77 -2.56 -6.01 -11.93
N GLU A 78 -2.79 -7.17 -12.53
CA GLU A 78 -3.97 -7.98 -12.23
C GLU A 78 -4.07 -8.27 -10.73
N LYS A 79 -2.99 -8.76 -10.15
CA LYS A 79 -2.95 -9.10 -8.73
C LYS A 79 -3.30 -7.89 -7.87
N VAL A 80 -2.92 -6.70 -8.32
CA VAL A 80 -3.21 -5.47 -7.58
C VAL A 80 -4.71 -5.19 -7.53
N MET A 81 -5.34 -5.20 -8.71
CA MET A 81 -6.77 -4.94 -8.82
C MET A 81 -7.58 -6.08 -8.20
N GLU A 82 -7.16 -7.31 -8.46
CA GLU A 82 -7.85 -8.48 -7.93
C GLU A 82 -7.82 -8.50 -6.41
N LEU A 83 -6.64 -8.30 -5.84
CA LEU A 83 -6.47 -8.30 -4.39
C LEU A 83 -7.30 -7.19 -3.75
N HIS A 84 -7.28 -6.01 -4.37
CA HIS A 84 -8.02 -4.86 -3.86
C HIS A 84 -9.50 -5.18 -3.73
N LYS A 85 -10.11 -5.59 -4.83
CA LYS A 85 -11.53 -5.92 -4.85
C LYS A 85 -11.81 -7.19 -4.05
N SER A 86 -10.82 -8.09 -4.02
CA SER A 86 -10.95 -9.35 -3.30
C SER A 86 -11.01 -9.12 -1.79
N TYR A 87 -10.46 -7.99 -1.34
CA TYR A 87 -10.45 -7.67 0.08
C TYR A 87 -11.85 -7.28 0.56
N ARG A 88 -12.30 -7.93 1.62
CA ARG A 88 -13.62 -7.66 2.19
C ARG A 88 -13.70 -6.24 2.75
N SER A 89 -14.68 -5.99 3.61
CA SER A 89 -14.85 -4.68 4.22
C SER A 89 -13.69 -4.36 5.16
N MET A 90 -12.53 -4.07 4.58
CA MET A 90 -11.35 -3.74 5.37
C MET A 90 -11.31 -2.24 5.68
N THR A 91 -10.70 -1.90 6.82
CA THR A 91 -10.60 -0.50 7.23
C THR A 91 -9.24 0.07 6.86
N PRO A 92 -9.11 1.41 6.86
CA PRO A 92 -7.85 2.07 6.52
C PRO A 92 -6.70 1.58 7.39
N ALA A 93 -6.90 1.60 8.70
CA ALA A 93 -5.88 1.15 9.65
C ALA A 93 -5.40 -0.26 9.32
N GLN A 94 -6.33 -1.13 8.93
CA GLN A 94 -5.99 -2.50 8.59
C GLN A 94 -4.96 -2.53 7.46
N ALA A 95 -5.20 -1.73 6.42
CA ALA A 95 -4.29 -1.66 5.29
C ALA A 95 -2.94 -1.10 5.72
N ASP A 96 -2.98 -0.03 6.53
CA ASP A 96 -1.77 0.60 7.02
C ASP A 96 -0.92 -0.41 7.79
N LEU A 97 -1.60 -1.24 8.58
CA LEU A 97 -0.93 -2.27 9.37
C LEU A 97 -0.42 -3.41 8.50
N GLU A 98 -1.15 -3.70 7.43
CA GLU A 98 -0.78 -4.78 6.52
C GLU A 98 0.58 -4.55 5.87
N PHE A 99 0.75 -3.39 5.23
CA PHE A 99 2.02 -3.08 4.58
C PHE A 99 3.11 -2.82 5.61
N LEU A 100 2.78 -2.05 6.64
CA LEU A 100 3.74 -1.75 7.69
C LEU A 100 4.23 -3.02 8.37
N GLU A 101 3.30 -3.95 8.62
CA GLU A 101 3.62 -5.21 9.25
C GLU A 101 4.46 -6.08 8.33
N ASN A 102 4.23 -5.94 7.03
CA ASN A 102 4.99 -6.71 6.05
C ASN A 102 6.41 -6.17 5.93
N ALA A 103 6.51 -4.85 5.75
CA ALA A 103 7.81 -4.20 5.63
C ALA A 103 8.66 -4.41 6.87
N LYS A 104 8.00 -4.39 8.04
CA LYS A 104 8.70 -4.58 9.30
C LYS A 104 9.09 -6.03 9.51
N LYS A 105 8.29 -6.94 8.95
CA LYS A 105 8.56 -8.38 9.07
C LYS A 105 9.66 -8.80 8.10
N LEU A 106 9.86 -8.03 7.05
CA LEU A 106 10.89 -8.33 6.05
C LEU A 106 12.24 -7.72 6.45
N SER A 107 12.23 -6.86 7.46
CA SER A 107 13.46 -6.22 7.92
C SER A 107 14.04 -5.31 6.84
N MET A 108 13.16 -4.70 6.07
CA MET A 108 13.58 -3.80 4.99
C MET A 108 13.43 -2.34 5.40
N TYR A 109 13.52 -2.09 6.70
CA TYR A 109 13.39 -0.74 7.22
C TYR A 109 14.75 -0.07 7.36
N GLY A 1 -7.60 6.17 31.97
CA GLY A 1 -6.18 5.76 31.83
C GLY A 1 -5.83 5.36 30.41
N SER A 2 -4.93 6.12 29.78
CA SER A 2 -4.52 5.83 28.41
C SER A 2 -3.10 6.34 28.16
N HIS A 3 -2.18 5.41 27.91
CA HIS A 3 -0.80 5.74 27.65
C HIS A 3 -0.61 6.23 26.21
N MET A 4 -0.96 5.38 25.26
CA MET A 4 -0.84 5.73 23.84
C MET A 4 -1.76 6.89 23.49
N ASP A 5 -1.48 7.53 22.36
CA ASP A 5 -2.28 8.67 21.91
C ASP A 5 -3.64 8.19 21.41
N PRO A 6 -4.74 8.83 21.86
CA PRO A 6 -6.09 8.47 21.45
C PRO A 6 -6.40 8.92 20.02
N ALA A 7 -5.72 9.96 19.57
CA ALA A 7 -5.92 10.49 18.23
C ALA A 7 -4.87 9.94 17.26
N GLN A 8 -3.70 9.60 17.79
CA GLN A 8 -2.62 9.07 16.97
C GLN A 8 -2.19 10.09 15.91
N LEU A 9 -2.09 11.34 16.32
CA LEU A 9 -1.70 12.42 15.41
C LEU A 9 -0.31 12.17 14.84
N THR A 10 0.69 12.13 15.71
CA THR A 10 2.07 11.90 15.29
C THR A 10 2.21 10.59 14.51
N GLU A 11 1.67 9.52 15.08
CA GLU A 11 1.74 8.21 14.43
C GLU A 11 1.14 8.27 13.03
N ASP A 12 0.17 9.15 12.85
CA ASP A 12 -0.47 9.32 11.55
C ASP A 12 0.51 9.98 10.58
N ILE A 13 1.14 11.05 11.04
CA ILE A 13 2.10 11.79 10.24
C ILE A 13 3.31 10.93 9.90
N THR A 14 3.86 10.26 10.90
CA THR A 14 5.02 9.40 10.70
C THR A 14 4.72 8.27 9.72
N ARG A 15 3.63 7.55 9.95
CA ARG A 15 3.24 6.43 9.11
C ARG A 15 3.13 6.86 7.64
N TYR A 16 2.46 7.98 7.40
CA TYR A 16 2.28 8.48 6.04
C TYR A 16 3.63 8.68 5.36
N TYR A 17 4.53 9.41 6.03
CA TYR A 17 5.86 9.68 5.48
C TYR A 17 6.69 8.40 5.41
N LEU A 18 6.41 7.46 6.31
CA LEU A 18 7.14 6.20 6.33
C LEU A 18 6.82 5.36 5.10
N CYS A 19 5.54 5.11 4.87
CA CYS A 19 5.11 4.32 3.73
C CYS A 19 5.59 4.95 2.42
N LEU A 20 5.49 6.28 2.35
CA LEU A 20 5.91 7.01 1.16
C LEU A 20 7.38 6.75 0.85
N GLN A 21 8.22 6.83 1.88
CA GLN A 21 9.65 6.60 1.72
C GLN A 21 9.94 5.15 1.34
N LEU A 22 9.26 4.23 2.01
CA LEU A 22 9.44 2.80 1.74
C LEU A 22 9.00 2.46 0.32
N ARG A 23 7.87 3.03 -0.10
CA ARG A 23 7.34 2.79 -1.44
C ARG A 23 8.24 3.41 -2.51
N GLN A 24 8.94 4.48 -2.14
CA GLN A 24 9.83 5.17 -3.07
C GLN A 24 11.07 4.32 -3.34
N ASP A 25 11.59 3.69 -2.29
CA ASP A 25 12.78 2.86 -2.41
C ASP A 25 12.48 1.57 -3.16
N ILE A 26 11.30 1.01 -2.94
CA ILE A 26 10.89 -0.23 -3.59
C ILE A 26 10.69 -0.03 -5.09
N VAL A 27 9.88 0.97 -5.46
CA VAL A 27 9.60 1.25 -6.85
C VAL A 27 10.88 1.59 -7.61
N ALA A 28 11.83 2.22 -6.92
CA ALA A 28 13.09 2.60 -7.55
C ALA A 28 14.05 1.41 -7.66
N GLY A 29 13.62 0.26 -7.14
CA GLY A 29 14.45 -0.94 -7.20
C GLY A 29 15.65 -0.85 -6.27
N ARG A 30 15.52 -0.06 -5.22
CA ARG A 30 16.60 0.11 -4.25
C ARG A 30 16.59 -1.01 -3.21
N LEU A 31 15.67 -1.95 -3.35
CA LEU A 31 15.56 -3.07 -2.42
C LEU A 31 14.98 -4.30 -3.11
N PRO A 32 15.59 -5.48 -2.92
CA PRO A 32 15.11 -6.72 -3.54
C PRO A 32 13.82 -7.23 -2.91
N CYS A 33 12.82 -7.49 -3.75
CA CYS A 33 11.54 -7.97 -3.27
C CYS A 33 10.99 -9.05 -4.20
N SER A 34 9.94 -9.74 -3.76
CA SER A 34 9.32 -10.79 -4.56
C SER A 34 8.04 -10.30 -5.21
N PHE A 35 7.55 -11.06 -6.19
CA PHE A 35 6.33 -10.72 -6.90
C PHE A 35 5.15 -10.64 -5.94
N ALA A 36 4.96 -11.68 -5.15
CA ALA A 36 3.86 -11.75 -4.19
C ALA A 36 3.88 -10.55 -3.24
N THR A 37 5.05 -10.23 -2.71
CA THR A 37 5.17 -9.09 -1.79
C THR A 37 4.90 -7.79 -2.52
N LEU A 38 5.41 -7.69 -3.74
CA LEU A 38 5.21 -6.49 -4.56
C LEU A 38 3.73 -6.23 -4.74
N ALA A 39 2.99 -7.27 -5.11
CA ALA A 39 1.56 -7.16 -5.32
C ALA A 39 0.82 -6.94 -4.01
N LEU A 40 1.30 -7.55 -2.93
CA LEU A 40 0.68 -7.41 -1.63
C LEU A 40 0.82 -5.99 -1.11
N LEU A 41 2.05 -5.49 -1.11
CA LEU A 41 2.32 -4.13 -0.64
C LEU A 41 1.58 -3.12 -1.50
N GLY A 42 1.44 -3.43 -2.78
CA GLY A 42 0.73 -2.56 -3.69
C GLY A 42 -0.76 -2.55 -3.44
N SER A 43 -1.36 -3.74 -3.39
CA SER A 43 -2.79 -3.87 -3.15
C SER A 43 -3.22 -3.13 -1.89
N TYR A 44 -2.36 -3.13 -0.88
CA TYR A 44 -2.67 -2.45 0.38
C TYR A 44 -2.56 -0.94 0.21
N THR A 45 -1.51 -0.50 -0.48
CA THR A 45 -1.30 0.93 -0.71
C THR A 45 -2.44 1.50 -1.56
N ILE A 46 -2.87 0.73 -2.55
CA ILE A 46 -3.96 1.17 -3.42
C ILE A 46 -5.24 1.35 -2.62
N GLN A 47 -5.59 0.33 -1.82
CA GLN A 47 -6.80 0.38 -1.00
C GLN A 47 -6.76 1.58 -0.06
N SER A 48 -5.58 1.89 0.45
CA SER A 48 -5.42 3.02 1.36
C SER A 48 -5.40 4.34 0.59
N GLU A 49 -5.04 4.28 -0.69
CA GLU A 49 -4.97 5.47 -1.51
C GLU A 49 -6.34 5.86 -2.05
N LEU A 50 -7.08 4.86 -2.51
CA LEU A 50 -8.39 5.08 -3.08
C LEU A 50 -9.51 4.55 -2.20
N GLY A 51 -9.16 3.99 -1.04
CA GLY A 51 -10.16 3.46 -0.14
C GLY A 51 -10.63 2.07 -0.54
N ASP A 52 -11.88 1.98 -1.00
CA ASP A 52 -12.45 0.70 -1.40
C ASP A 52 -12.46 0.57 -2.93
N TYR A 53 -12.73 -0.65 -3.40
CA TYR A 53 -12.78 -0.91 -4.83
C TYR A 53 -14.05 -0.35 -5.45
N ASP A 54 -13.91 0.46 -6.49
CA ASP A 54 -15.05 1.06 -7.16
C ASP A 54 -14.93 0.90 -8.68
N PRO A 55 -15.54 -0.15 -9.25
CA PRO A 55 -15.50 -0.40 -10.69
C PRO A 55 -16.35 0.59 -11.48
N GLU A 56 -17.43 1.05 -10.86
CA GLU A 56 -18.33 2.00 -11.51
C GLU A 56 -17.64 3.34 -11.73
N LEU A 57 -16.72 3.68 -10.83
CA LEU A 57 -16.00 4.94 -10.92
C LEU A 57 -14.62 4.73 -11.56
N HIS A 58 -13.94 3.66 -11.16
CA HIS A 58 -12.63 3.34 -11.70
C HIS A 58 -12.74 2.38 -12.88
N GLY A 59 -11.61 2.12 -13.53
CA GLY A 59 -11.61 1.22 -14.67
C GLY A 59 -10.71 0.02 -14.45
N VAL A 60 -9.88 -0.28 -15.44
CA VAL A 60 -8.97 -1.43 -15.36
C VAL A 60 -7.51 -0.96 -15.31
N ASP A 61 -7.23 0.18 -15.93
CA ASP A 61 -5.87 0.72 -15.95
C ASP A 61 -5.72 1.82 -14.90
N TYR A 62 -6.45 1.69 -13.80
CA TYR A 62 -6.38 2.67 -12.72
C TYR A 62 -5.11 2.48 -11.90
N VAL A 63 -4.64 1.24 -11.82
CA VAL A 63 -3.43 0.93 -11.07
C VAL A 63 -2.18 1.40 -11.82
N SER A 64 -2.32 1.59 -13.13
CA SER A 64 -1.22 2.04 -13.97
C SER A 64 -0.78 3.45 -13.60
N ASP A 65 -1.60 4.16 -12.82
CA ASP A 65 -1.28 5.51 -12.40
C ASP A 65 -0.37 5.51 -11.18
N PHE A 66 -0.47 4.45 -10.37
CA PHE A 66 0.33 4.32 -9.16
C PHE A 66 1.57 3.47 -9.42
N LYS A 67 2.73 3.98 -9.02
CA LYS A 67 3.98 3.26 -9.21
C LYS A 67 4.13 2.14 -8.18
N LEU A 68 3.71 0.94 -8.55
CA LEU A 68 3.80 -0.21 -7.66
C LEU A 68 5.19 -0.84 -7.70
N ALA A 69 5.90 -0.62 -8.81
CA ALA A 69 7.25 -1.17 -8.97
C ALA A 69 7.89 -0.66 -10.26
N PRO A 70 9.22 -0.85 -10.41
CA PRO A 70 9.94 -0.41 -11.60
C PRO A 70 9.58 -1.22 -12.83
N ASN A 71 9.42 -2.53 -12.65
CA ASN A 71 9.06 -3.42 -13.75
C ASN A 71 7.66 -3.98 -13.56
N GLN A 72 6.65 -3.12 -13.64
CA GLN A 72 5.27 -3.53 -13.47
C GLN A 72 4.79 -4.30 -14.70
N THR A 73 4.38 -5.55 -14.47
CA THR A 73 3.88 -6.40 -15.55
C THR A 73 2.41 -6.75 -15.35
N LYS A 74 1.76 -7.17 -16.43
CA LYS A 74 0.34 -7.53 -16.38
C LYS A 74 0.03 -8.39 -15.15
N GLU A 75 0.90 -9.36 -14.88
CA GLU A 75 0.72 -10.25 -13.75
C GLU A 75 0.62 -9.46 -12.45
N LEU A 76 1.58 -8.56 -12.23
CA LEU A 76 1.60 -7.74 -11.03
C LEU A 76 0.39 -6.80 -11.01
N GLU A 77 0.03 -6.27 -12.17
CA GLU A 77 -1.12 -5.38 -12.28
C GLU A 77 -2.39 -6.09 -11.86
N GLU A 78 -2.66 -7.23 -12.47
CA GLU A 78 -3.86 -8.02 -12.16
C GLU A 78 -3.93 -8.32 -10.67
N LYS A 79 -2.83 -8.83 -10.12
CA LYS A 79 -2.78 -9.18 -8.71
C LYS A 79 -3.11 -7.98 -7.83
N VAL A 80 -2.73 -6.79 -8.28
CA VAL A 80 -2.99 -5.56 -7.53
C VAL A 80 -4.49 -5.28 -7.47
N MET A 81 -5.14 -5.34 -8.63
CA MET A 81 -6.57 -5.08 -8.72
C MET A 81 -7.37 -6.21 -8.04
N GLU A 82 -6.92 -7.44 -8.22
CA GLU A 82 -7.58 -8.59 -7.63
C GLU A 82 -7.61 -8.48 -6.11
N LEU A 83 -6.45 -8.24 -5.51
CA LEU A 83 -6.35 -8.12 -4.07
C LEU A 83 -7.15 -6.90 -3.58
N HIS A 84 -7.14 -5.84 -4.37
CA HIS A 84 -7.88 -4.63 -4.02
C HIS A 84 -9.37 -4.92 -3.89
N LYS A 85 -9.95 -5.45 -4.97
CA LYS A 85 -11.37 -5.77 -4.98
C LYS A 85 -11.67 -6.91 -4.01
N SER A 86 -10.69 -7.78 -3.81
CA SER A 86 -10.85 -8.92 -2.91
C SER A 86 -11.29 -8.46 -1.52
N TYR A 87 -10.97 -7.22 -1.17
CA TYR A 87 -11.33 -6.67 0.13
C TYR A 87 -12.63 -5.88 0.03
N ARG A 88 -13.55 -6.12 0.97
CA ARG A 88 -14.83 -5.43 0.97
C ARG A 88 -15.19 -4.92 2.37
N SER A 89 -14.37 -5.22 3.36
CA SER A 89 -14.64 -4.79 4.72
C SER A 89 -13.37 -4.32 5.43
N MET A 90 -12.25 -4.27 4.70
CA MET A 90 -10.98 -3.84 5.28
C MET A 90 -11.01 -2.35 5.63
N THR A 91 -10.49 -2.01 6.81
CA THR A 91 -10.44 -0.63 7.26
C THR A 91 -9.12 0.02 6.88
N PRO A 92 -9.07 1.36 6.84
CA PRO A 92 -7.85 2.08 6.49
C PRO A 92 -6.67 1.64 7.35
N ALA A 93 -6.85 1.67 8.66
CA ALA A 93 -5.79 1.27 9.59
C ALA A 93 -5.26 -0.13 9.26
N GLN A 94 -6.16 -1.03 8.89
CA GLN A 94 -5.78 -2.40 8.54
C GLN A 94 -4.76 -2.40 7.41
N ALA A 95 -5.01 -1.58 6.40
CA ALA A 95 -4.12 -1.48 5.25
C ALA A 95 -2.77 -0.88 5.67
N ASP A 96 -2.84 0.16 6.49
CA ASP A 96 -1.64 0.81 6.99
C ASP A 96 -0.77 -0.16 7.77
N LEU A 97 -1.43 -0.98 8.59
CA LEU A 97 -0.74 -1.99 9.39
C LEU A 97 -0.25 -3.14 8.53
N GLU A 98 -0.99 -3.43 7.47
CA GLU A 98 -0.65 -4.52 6.56
C GLU A 98 0.71 -4.31 5.91
N PHE A 99 0.90 -3.16 5.27
CA PHE A 99 2.16 -2.86 4.60
C PHE A 99 3.27 -2.66 5.63
N LEU A 100 2.99 -1.89 6.67
CA LEU A 100 3.98 -1.63 7.71
C LEU A 100 4.42 -2.94 8.36
N GLU A 101 3.46 -3.84 8.56
CA GLU A 101 3.73 -5.14 9.16
C GLU A 101 4.59 -5.99 8.23
N ASN A 102 4.37 -5.84 6.94
CA ASN A 102 5.12 -6.60 5.95
C ASN A 102 6.54 -6.05 5.84
N ALA A 103 6.65 -4.74 5.69
CA ALA A 103 7.96 -4.09 5.58
C ALA A 103 8.79 -4.32 6.84
N LYS A 104 8.12 -4.30 7.99
CA LYS A 104 8.78 -4.51 9.26
C LYS A 104 9.24 -5.96 9.40
N LYS A 105 8.46 -6.89 8.86
CA LYS A 105 8.79 -8.31 8.93
C LYS A 105 9.85 -8.67 7.90
N LEU A 106 9.98 -7.85 6.85
CA LEU A 106 10.96 -8.08 5.81
C LEU A 106 12.28 -7.35 6.10
N SER A 107 12.30 -6.57 7.18
CA SER A 107 13.49 -5.83 7.56
C SER A 107 13.87 -4.81 6.49
N MET A 108 12.87 -4.13 5.95
CA MET A 108 13.10 -3.13 4.90
C MET A 108 13.69 -1.85 5.48
N TYR A 109 13.62 -1.71 6.81
CA TYR A 109 14.14 -0.53 7.48
C TYR A 109 15.65 -0.65 7.69
N GLY A 1 -10.36 11.37 23.83
CA GLY A 1 -11.13 12.64 23.93
C GLY A 1 -10.46 13.66 24.83
N SER A 2 -9.85 13.19 25.91
CA SER A 2 -9.17 14.07 26.85
C SER A 2 -7.90 13.42 27.38
N HIS A 3 -8.02 12.17 27.81
CA HIS A 3 -6.87 11.44 28.34
C HIS A 3 -5.95 10.97 27.21
N MET A 4 -5.09 11.87 26.75
CA MET A 4 -4.16 11.56 25.67
C MET A 4 -3.12 12.65 25.52
N ASP A 5 -2.26 12.51 24.50
CA ASP A 5 -1.21 13.50 24.24
C ASP A 5 -1.58 14.38 23.06
N PRO A 6 -1.18 15.66 23.11
CA PRO A 6 -1.48 16.62 22.02
C PRO A 6 -0.57 16.41 20.80
N ALA A 7 0.36 15.48 20.90
CA ALA A 7 1.28 15.20 19.81
C ALA A 7 0.98 13.84 19.17
N GLN A 8 -0.29 13.44 19.22
CA GLN A 8 -0.70 12.15 18.65
C GLN A 8 -0.64 12.17 17.14
N LEU A 9 -0.68 13.37 16.56
CA LEU A 9 -0.62 13.52 15.11
C LEU A 9 0.73 13.06 14.54
N THR A 10 1.73 12.99 15.41
CA THR A 10 3.06 12.57 14.99
C THR A 10 3.04 11.19 14.34
N GLU A 11 2.42 10.22 15.02
CA GLU A 11 2.33 8.87 14.50
C GLU A 11 1.63 8.85 13.13
N ASP A 12 0.67 9.75 12.95
CA ASP A 12 -0.04 9.83 11.69
C ASP A 12 0.86 10.39 10.59
N ILE A 13 1.52 11.51 10.90
CA ILE A 13 2.42 12.15 9.96
C ILE A 13 3.65 11.29 9.67
N THR A 14 4.26 10.76 10.73
CA THR A 14 5.44 9.92 10.57
C THR A 14 5.15 8.75 9.64
N ARG A 15 4.08 8.00 9.94
CA ARG A 15 3.70 6.85 9.13
C ARG A 15 3.54 7.25 7.67
N TYR A 16 2.83 8.35 7.44
CA TYR A 16 2.61 8.84 6.08
C TYR A 16 3.93 9.00 5.34
N TYR A 17 4.84 9.78 5.92
CA TYR A 17 6.14 10.01 5.33
C TYR A 17 6.95 8.72 5.27
N LEU A 18 6.67 7.81 6.20
CA LEU A 18 7.36 6.52 6.24
C LEU A 18 7.01 5.69 5.02
N CYS A 19 5.71 5.47 4.81
CA CYS A 19 5.24 4.69 3.67
C CYS A 19 5.78 5.27 2.36
N LEU A 20 5.79 6.60 2.27
CA LEU A 20 6.28 7.27 1.08
C LEU A 20 7.74 6.91 0.81
N GLN A 21 8.54 6.89 1.86
CA GLN A 21 9.96 6.56 1.74
C GLN A 21 10.13 5.10 1.37
N LEU A 22 9.43 4.21 2.06
CA LEU A 22 9.50 2.78 1.81
C LEU A 22 9.07 2.47 0.37
N ARG A 23 7.96 3.07 -0.04
CA ARG A 23 7.43 2.86 -1.38
C ARG A 23 8.37 3.44 -2.44
N GLN A 24 9.11 4.47 -2.06
CA GLN A 24 10.06 5.11 -2.99
C GLN A 24 11.25 4.21 -3.25
N ASP A 25 11.74 3.56 -2.20
CA ASP A 25 12.89 2.66 -2.32
C ASP A 25 12.52 1.39 -3.07
N ILE A 26 11.35 0.84 -2.76
CA ILE A 26 10.88 -0.38 -3.42
C ILE A 26 10.70 -0.17 -4.92
N VAL A 27 9.93 0.85 -5.28
CA VAL A 27 9.67 1.15 -6.68
C VAL A 27 10.97 1.43 -7.44
N ALA A 28 11.94 2.01 -6.75
CA ALA A 28 13.22 2.33 -7.36
C ALA A 28 14.13 1.11 -7.45
N GLY A 29 13.65 -0.03 -6.93
CA GLY A 29 14.44 -1.24 -6.96
C GLY A 29 15.66 -1.16 -6.08
N ARG A 30 15.53 -0.47 -4.96
CA ARG A 30 16.64 -0.32 -4.01
C ARG A 30 16.65 -1.44 -2.97
N LEU A 31 15.73 -2.40 -3.11
CA LEU A 31 15.64 -3.51 -2.18
C LEU A 31 14.92 -4.69 -2.82
N PRO A 32 15.63 -5.83 -3.02
CA PRO A 32 15.04 -7.02 -3.64
C PRO A 32 13.73 -7.43 -2.99
N CYS A 33 12.69 -7.57 -3.81
CA CYS A 33 11.37 -7.96 -3.32
C CYS A 33 10.71 -8.94 -4.28
N SER A 34 10.09 -9.98 -3.72
CA SER A 34 9.42 -10.99 -4.53
C SER A 34 8.16 -10.43 -5.17
N PHE A 35 7.70 -11.10 -6.23
CA PHE A 35 6.49 -10.67 -6.93
C PHE A 35 5.30 -10.60 -5.98
N ALA A 36 5.11 -11.67 -5.20
CA ALA A 36 3.99 -11.74 -4.27
C ALA A 36 3.99 -10.55 -3.30
N THR A 37 5.18 -10.17 -2.82
CA THR A 37 5.29 -9.05 -1.90
C THR A 37 5.02 -7.74 -2.62
N LEU A 38 5.52 -7.64 -3.84
CA LEU A 38 5.33 -6.44 -4.65
C LEU A 38 3.85 -6.18 -4.86
N ALA A 39 3.12 -7.23 -5.23
CA ALA A 39 1.69 -7.12 -5.47
C ALA A 39 0.91 -6.94 -4.16
N LEU A 40 1.39 -7.59 -3.11
CA LEU A 40 0.74 -7.49 -1.80
C LEU A 40 0.86 -6.08 -1.23
N LEU A 41 2.09 -5.57 -1.20
CA LEU A 41 2.35 -4.23 -0.69
C LEU A 41 1.64 -3.18 -1.56
N GLY A 42 1.58 -3.47 -2.86
CA GLY A 42 0.91 -2.56 -3.78
C GLY A 42 -0.59 -2.56 -3.60
N SER A 43 -1.19 -3.75 -3.62
CA SER A 43 -2.63 -3.89 -3.46
C SER A 43 -3.11 -3.20 -2.18
N TYR A 44 -2.27 -3.25 -1.15
CA TYR A 44 -2.63 -2.63 0.13
C TYR A 44 -2.59 -1.11 0.02
N THR A 45 -1.52 -0.59 -0.58
CA THR A 45 -1.36 0.85 -0.76
C THR A 45 -2.51 1.41 -1.59
N ILE A 46 -2.93 0.65 -2.59
CA ILE A 46 -4.02 1.07 -3.45
C ILE A 46 -5.31 1.21 -2.65
N GLN A 47 -5.63 0.18 -1.88
CA GLN A 47 -6.83 0.17 -1.05
C GLN A 47 -6.84 1.37 -0.11
N SER A 48 -5.67 1.70 0.43
CA SER A 48 -5.53 2.82 1.35
C SER A 48 -5.51 4.15 0.59
N GLU A 49 -5.13 4.11 -0.67
CA GLU A 49 -5.04 5.32 -1.49
C GLU A 49 -6.41 5.70 -2.03
N LEU A 50 -7.15 4.71 -2.49
CA LEU A 50 -8.46 4.94 -3.08
C LEU A 50 -9.58 4.39 -2.21
N GLY A 51 -9.23 3.80 -1.07
CA GLY A 51 -10.25 3.25 -0.19
C GLY A 51 -10.74 1.89 -0.64
N ASP A 52 -11.91 1.85 -1.26
CA ASP A 52 -12.48 0.60 -1.74
C ASP A 52 -12.77 0.66 -3.23
N TYR A 53 -13.05 -0.48 -3.83
CA TYR A 53 -13.33 -0.55 -5.26
C TYR A 53 -14.59 0.24 -5.59
N ASP A 54 -14.57 0.92 -6.74
CA ASP A 54 -15.70 1.72 -7.18
C ASP A 54 -16.03 1.44 -8.65
N PRO A 55 -16.92 0.46 -8.90
CA PRO A 55 -17.32 0.09 -10.26
C PRO A 55 -17.96 1.25 -11.01
N GLU A 56 -18.59 2.16 -10.27
CA GLU A 56 -19.25 3.32 -10.86
C GLU A 56 -18.23 4.21 -11.57
N LEU A 57 -17.01 4.24 -11.05
CA LEU A 57 -15.95 5.04 -11.64
C LEU A 57 -15.25 4.30 -12.77
N HIS A 58 -15.00 3.01 -12.55
CA HIS A 58 -14.33 2.18 -13.56
C HIS A 58 -12.95 2.73 -13.88
N GLY A 59 -12.22 2.01 -14.72
CA GLY A 59 -10.89 2.44 -15.10
C GLY A 59 -10.04 1.30 -15.63
N VAL A 60 -10.07 0.17 -14.93
CA VAL A 60 -9.30 -1.00 -15.32
C VAL A 60 -7.79 -0.74 -15.15
N ASP A 61 -7.26 0.18 -15.93
CA ASP A 61 -5.84 0.52 -15.86
C ASP A 61 -5.60 1.71 -14.93
N TYR A 62 -6.30 1.72 -13.80
CA TYR A 62 -6.15 2.79 -12.83
C TYR A 62 -4.86 2.64 -12.04
N VAL A 63 -4.45 1.40 -11.83
CA VAL A 63 -3.21 1.10 -11.10
C VAL A 63 -1.99 1.67 -11.84
N SER A 64 -2.17 1.97 -13.12
CA SER A 64 -1.10 2.53 -13.94
C SER A 64 -0.64 3.89 -13.42
N ASP A 65 -1.42 4.50 -12.53
CA ASP A 65 -1.08 5.80 -11.96
C ASP A 65 -0.26 5.63 -10.69
N PHE A 66 -0.43 4.51 -10.01
CA PHE A 66 0.29 4.23 -8.77
C PHE A 66 1.56 3.42 -9.06
N LYS A 67 2.70 3.95 -8.63
CA LYS A 67 3.98 3.29 -8.84
C LYS A 67 4.18 2.17 -7.81
N LEU A 68 3.80 0.95 -8.20
CA LEU A 68 3.94 -0.21 -7.32
C LEU A 68 5.32 -0.84 -7.46
N ALA A 69 5.95 -0.63 -8.61
CA ALA A 69 7.28 -1.18 -8.86
C ALA A 69 7.89 -0.58 -10.12
N PRO A 70 9.21 -0.76 -10.32
CA PRO A 70 9.92 -0.23 -11.48
C PRO A 70 9.57 -0.99 -12.76
N ASN A 71 9.27 -2.28 -12.61
CA ASN A 71 8.91 -3.11 -13.76
C ASN A 71 7.52 -3.72 -13.59
N GLN A 72 6.52 -2.87 -13.55
CA GLN A 72 5.14 -3.32 -13.38
C GLN A 72 4.66 -4.05 -14.63
N THR A 73 4.32 -5.33 -14.46
CA THR A 73 3.84 -6.14 -15.58
C THR A 73 2.38 -6.52 -15.38
N LYS A 74 1.73 -6.97 -16.45
CA LYS A 74 0.34 -7.37 -16.41
C LYS A 74 0.05 -8.25 -15.19
N GLU A 75 0.94 -9.19 -14.92
CA GLU A 75 0.79 -10.10 -13.79
C GLU A 75 0.67 -9.30 -12.48
N LEU A 76 1.65 -8.44 -12.23
CA LEU A 76 1.65 -7.62 -11.02
C LEU A 76 0.42 -6.71 -11.00
N GLU A 77 0.08 -6.15 -12.14
CA GLU A 77 -1.07 -5.27 -12.26
C GLU A 77 -2.35 -5.98 -11.85
N GLU A 78 -2.60 -7.13 -12.48
CA GLU A 78 -3.79 -7.92 -12.19
C GLU A 78 -3.87 -8.27 -10.71
N LYS A 79 -2.78 -8.77 -10.15
CA LYS A 79 -2.73 -9.15 -8.75
C LYS A 79 -3.08 -7.98 -7.83
N VAL A 80 -2.70 -6.78 -8.23
CA VAL A 80 -2.99 -5.59 -7.44
C VAL A 80 -4.49 -5.31 -7.40
N MET A 81 -5.11 -5.27 -8.57
CA MET A 81 -6.55 -5.02 -8.67
C MET A 81 -7.35 -6.17 -8.08
N GLU A 82 -6.94 -7.39 -8.39
CA GLU A 82 -7.63 -8.58 -7.89
C GLU A 82 -7.63 -8.60 -6.36
N LEU A 83 -6.44 -8.48 -5.77
CA LEU A 83 -6.31 -8.49 -4.32
C LEU A 83 -7.16 -7.39 -3.69
N HIS A 84 -7.18 -6.23 -4.33
CA HIS A 84 -7.96 -5.09 -3.83
C HIS A 84 -9.44 -5.48 -3.68
N LYS A 85 -10.03 -5.95 -4.76
CA LYS A 85 -11.44 -6.35 -4.75
C LYS A 85 -11.64 -7.61 -3.90
N SER A 86 -10.61 -8.45 -3.85
CA SER A 86 -10.67 -9.69 -3.08
C SER A 86 -10.83 -9.41 -1.59
N TYR A 87 -10.37 -8.23 -1.15
CA TYR A 87 -10.45 -7.86 0.25
C TYR A 87 -11.87 -7.46 0.63
N ARG A 88 -12.41 -8.11 1.65
CA ARG A 88 -13.76 -7.82 2.13
C ARG A 88 -13.84 -6.40 2.69
N SER A 89 -14.82 -6.15 3.56
CA SER A 89 -15.00 -4.83 4.16
C SER A 89 -13.83 -4.50 5.08
N MET A 90 -12.68 -4.21 4.49
CA MET A 90 -11.48 -3.87 5.25
C MET A 90 -11.45 -2.38 5.56
N THR A 91 -10.89 -2.03 6.72
CA THR A 91 -10.78 -0.63 7.13
C THR A 91 -9.42 -0.06 6.76
N PRO A 92 -9.29 1.28 6.74
CA PRO A 92 -8.04 1.94 6.41
C PRO A 92 -6.89 1.45 7.26
N ALA A 93 -7.09 1.48 8.58
CA ALA A 93 -6.08 1.04 9.52
C ALA A 93 -5.57 -0.36 9.18
N GLN A 94 -6.48 -1.24 8.76
CA GLN A 94 -6.13 -2.61 8.40
C GLN A 94 -5.08 -2.61 7.29
N ALA A 95 -5.27 -1.75 6.30
CA ALA A 95 -4.35 -1.65 5.18
C ALA A 95 -3.00 -1.07 5.63
N ASP A 96 -3.07 0.01 6.40
CA ASP A 96 -1.87 0.67 6.91
C ASP A 96 -1.03 -0.31 7.73
N LEU A 97 -1.71 -1.10 8.56
CA LEU A 97 -1.04 -2.10 9.39
C LEU A 97 -0.55 -3.28 8.56
N GLU A 98 -1.22 -3.54 7.44
CA GLU A 98 -0.86 -4.65 6.57
C GLU A 98 0.53 -4.45 5.94
N PHE A 99 0.73 -3.31 5.29
CA PHE A 99 2.01 -3.02 4.65
C PHE A 99 3.10 -2.76 5.70
N LEU A 100 2.75 -1.99 6.73
CA LEU A 100 3.70 -1.67 7.78
C LEU A 100 4.19 -2.96 8.47
N GLU A 101 3.26 -3.88 8.71
CA GLU A 101 3.60 -5.15 9.35
C GLU A 101 4.44 -6.02 8.42
N ASN A 102 4.18 -5.89 7.12
CA ASN A 102 4.92 -6.66 6.14
C ASN A 102 6.34 -6.13 6.00
N ALA A 103 6.47 -4.82 5.84
CA ALA A 103 7.77 -4.18 5.70
C ALA A 103 8.61 -4.37 6.96
N LYS A 104 7.95 -4.32 8.11
CA LYS A 104 8.64 -4.49 9.39
C LYS A 104 9.11 -5.93 9.56
N LYS A 105 8.32 -6.87 9.04
CA LYS A 105 8.66 -8.29 9.13
C LYS A 105 9.94 -8.59 8.36
N LEU A 106 10.31 -7.68 7.46
CA LEU A 106 11.51 -7.85 6.65
C LEU A 106 12.65 -6.96 7.14
N SER A 107 12.31 -5.95 7.93
CA SER A 107 13.31 -5.02 8.46
C SER A 107 13.96 -4.22 7.34
N MET A 108 13.15 -3.83 6.35
CA MET A 108 13.65 -3.07 5.22
C MET A 108 13.47 -1.57 5.44
N TYR A 109 13.25 -1.17 6.69
CA TYR A 109 13.05 0.23 7.03
C TYR A 109 14.36 1.01 6.90
N GLY A 1 3.51 2.39 35.91
CA GLY A 1 4.17 2.39 34.58
C GLY A 1 3.20 2.68 33.45
N SER A 2 2.63 3.89 33.47
CA SER A 2 1.68 4.29 32.44
C SER A 2 2.26 5.41 31.58
N HIS A 3 2.01 5.32 30.28
CA HIS A 3 2.51 6.32 29.34
C HIS A 3 1.56 6.47 28.15
N MET A 4 1.43 7.70 27.67
CA MET A 4 0.56 7.98 26.53
C MET A 4 0.71 9.42 26.06
N ASP A 5 0.41 9.67 24.79
CA ASP A 5 0.52 11.00 24.23
C ASP A 5 -0.87 11.59 23.92
N PRO A 6 -1.11 12.85 24.30
CA PRO A 6 -2.40 13.50 24.07
C PRO A 6 -2.58 13.91 22.61
N ALA A 7 -1.48 14.18 21.93
CA ALA A 7 -1.51 14.57 20.53
C ALA A 7 -2.06 13.44 19.65
N GLN A 8 -1.37 12.30 19.66
CA GLN A 8 -1.78 11.15 18.88
C GLN A 8 -1.77 11.47 17.38
N LEU A 9 -1.05 12.52 17.01
CA LEU A 9 -0.95 12.91 15.60
C LEU A 9 0.41 12.54 15.03
N THR A 10 1.42 12.50 15.89
CA THR A 10 2.77 12.16 15.47
C THR A 10 2.79 10.83 14.72
N GLU A 11 2.17 9.81 15.30
CA GLU A 11 2.12 8.50 14.68
C GLU A 11 1.54 8.59 13.27
N ASP A 12 0.65 9.56 13.07
CA ASP A 12 0.04 9.76 11.77
C ASP A 12 1.05 10.40 10.82
N ILE A 13 1.70 11.45 11.32
CA ILE A 13 2.70 12.17 10.54
C ILE A 13 3.86 11.25 10.18
N THR A 14 4.36 10.51 11.16
CA THR A 14 5.47 9.60 10.93
C THR A 14 5.08 8.51 9.93
N ARG A 15 3.94 7.86 10.14
CA ARG A 15 3.47 6.80 9.27
C ARG A 15 3.39 7.29 7.82
N TYR A 16 2.73 8.42 7.60
CA TYR A 16 2.58 8.97 6.26
C TYR A 16 3.93 9.09 5.57
N TYR A 17 4.88 9.75 6.24
CA TYR A 17 6.21 9.93 5.69
C TYR A 17 6.90 8.59 5.50
N LEU A 18 6.74 7.71 6.48
CA LEU A 18 7.36 6.39 6.45
C LEU A 18 6.94 5.63 5.18
N CYS A 19 5.64 5.50 4.98
CA CYS A 19 5.10 4.80 3.82
C CYS A 19 5.64 5.41 2.53
N LEU A 20 5.68 6.73 2.47
CA LEU A 20 6.17 7.43 1.30
C LEU A 20 7.62 7.06 0.99
N GLN A 21 8.41 6.88 2.05
CA GLN A 21 9.81 6.52 1.91
C GLN A 21 9.96 5.06 1.45
N LEU A 22 9.13 4.19 2.03
CA LEU A 22 9.17 2.77 1.69
C LEU A 22 8.65 2.53 0.27
N ARG A 23 7.60 3.25 -0.10
CA ARG A 23 7.00 3.10 -1.42
C ARG A 23 7.89 3.67 -2.52
N GLN A 24 8.60 4.75 -2.21
CA GLN A 24 9.50 5.37 -3.18
C GLN A 24 10.74 4.51 -3.42
N ASP A 25 11.24 3.91 -2.35
CA ASP A 25 12.42 3.05 -2.43
C ASP A 25 12.12 1.79 -3.23
N ILE A 26 10.96 1.20 -2.99
CA ILE A 26 10.55 -0.02 -3.68
C ILE A 26 10.40 0.22 -5.18
N VAL A 27 9.67 1.26 -5.54
CA VAL A 27 9.45 1.59 -6.95
C VAL A 27 10.76 1.84 -7.67
N ALA A 28 11.75 2.38 -6.95
CA ALA A 28 13.06 2.67 -7.54
C ALA A 28 13.94 1.43 -7.57
N GLY A 29 13.44 0.31 -7.03
CA GLY A 29 14.21 -0.91 -7.02
C GLY A 29 15.42 -0.82 -6.11
N ARG A 30 15.28 -0.07 -5.01
CA ARG A 30 16.37 0.09 -4.05
C ARG A 30 16.43 -1.07 -3.07
N LEU A 31 15.55 -2.05 -3.24
CA LEU A 31 15.51 -3.22 -2.36
C LEU A 31 14.97 -4.44 -3.10
N PRO A 32 15.63 -5.60 -2.96
CA PRO A 32 15.20 -6.84 -3.62
C PRO A 32 13.90 -7.40 -3.03
N CYS A 33 12.91 -7.60 -3.89
CA CYS A 33 11.62 -8.14 -3.46
C CYS A 33 11.10 -9.15 -4.46
N SER A 34 10.06 -9.89 -4.07
CA SER A 34 9.46 -10.89 -4.94
C SER A 34 8.16 -10.38 -5.56
N PHE A 35 7.67 -11.09 -6.57
CA PHE A 35 6.44 -10.71 -7.25
C PHE A 35 5.28 -10.65 -6.27
N ALA A 36 5.12 -11.72 -5.48
CA ALA A 36 4.03 -11.80 -4.52
C ALA A 36 4.04 -10.61 -3.57
N THR A 37 5.19 -10.31 -2.97
CA THR A 37 5.29 -9.18 -2.04
C THR A 37 5.01 -7.88 -2.76
N LEU A 38 5.58 -7.72 -3.95
CA LEU A 38 5.37 -6.50 -4.73
C LEU A 38 3.89 -6.24 -4.92
N ALA A 39 3.14 -7.29 -5.24
CA ALA A 39 1.70 -7.18 -5.46
C ALA A 39 0.95 -7.00 -4.13
N LEU A 40 1.45 -7.63 -3.07
CA LEU A 40 0.82 -7.52 -1.76
C LEU A 40 0.96 -6.11 -1.19
N LEU A 41 2.19 -5.61 -1.16
CA LEU A 41 2.46 -4.27 -0.65
C LEU A 41 1.80 -3.23 -1.52
N GLY A 42 1.74 -3.51 -2.82
CA GLY A 42 1.11 -2.59 -3.75
C GLY A 42 -0.39 -2.57 -3.59
N SER A 43 -1.01 -3.75 -3.60
CA SER A 43 -2.46 -3.86 -3.46
C SER A 43 -2.94 -3.18 -2.18
N TYR A 44 -2.10 -3.22 -1.14
CA TYR A 44 -2.46 -2.60 0.13
C TYR A 44 -2.40 -1.08 0.02
N THR A 45 -1.33 -0.56 -0.57
CA THR A 45 -1.17 0.87 -0.75
C THR A 45 -2.34 1.45 -1.55
N ILE A 46 -2.77 0.72 -2.57
CA ILE A 46 -3.89 1.16 -3.39
C ILE A 46 -5.16 1.25 -2.56
N GLN A 47 -5.43 0.21 -1.78
CA GLN A 47 -6.60 0.17 -0.92
C GLN A 47 -6.60 1.36 0.03
N SER A 48 -5.43 1.69 0.56
CA SER A 48 -5.29 2.80 1.50
C SER A 48 -5.27 4.15 0.76
N GLU A 49 -4.89 4.12 -0.50
CA GLU A 49 -4.81 5.34 -1.29
C GLU A 49 -6.18 5.75 -1.83
N LEU A 50 -6.94 4.76 -2.28
CA LEU A 50 -8.24 5.01 -2.86
C LEU A 50 -9.37 4.41 -2.03
N GLY A 51 -9.03 3.79 -0.89
CA GLY A 51 -10.04 3.20 -0.05
C GLY A 51 -10.79 2.09 -0.73
N ASP A 52 -12.06 1.94 -0.39
CA ASP A 52 -12.91 0.90 -0.97
C ASP A 52 -12.89 0.96 -2.49
N TYR A 53 -12.86 -0.20 -3.13
CA TYR A 53 -12.84 -0.28 -4.58
C TYR A 53 -14.09 0.37 -5.18
N ASP A 54 -13.93 0.96 -6.36
CA ASP A 54 -15.04 1.63 -7.04
C ASP A 54 -14.91 1.49 -8.55
N PRO A 55 -15.57 0.47 -9.15
CA PRO A 55 -15.52 0.24 -10.59
C PRO A 55 -16.20 1.36 -11.38
N GLU A 56 -17.05 2.13 -10.71
CA GLU A 56 -17.75 3.22 -11.36
C GLU A 56 -16.78 4.32 -11.77
N LEU A 57 -15.69 4.46 -11.02
CA LEU A 57 -14.69 5.48 -11.31
C LEU A 57 -13.61 4.92 -12.24
N HIS A 58 -13.14 3.72 -11.95
CA HIS A 58 -12.10 3.08 -12.76
C HIS A 58 -12.57 1.73 -13.29
N GLY A 59 -11.95 1.27 -14.36
CA GLY A 59 -12.31 0.00 -14.94
C GLY A 59 -11.19 -1.01 -14.88
N VAL A 60 -10.35 -1.03 -15.91
CA VAL A 60 -9.23 -1.97 -15.97
C VAL A 60 -7.92 -1.24 -16.23
N ASP A 61 -6.83 -1.77 -15.70
CA ASP A 61 -5.51 -1.18 -15.87
C ASP A 61 -5.48 0.24 -15.31
N TYR A 62 -6.41 0.55 -14.42
CA TYR A 62 -6.48 1.88 -13.81
C TYR A 62 -5.29 2.12 -12.87
N VAL A 63 -4.56 1.06 -12.55
CA VAL A 63 -3.40 1.17 -11.66
C VAL A 63 -2.18 1.72 -12.40
N SER A 64 -2.34 2.00 -13.69
CA SER A 64 -1.25 2.52 -14.51
C SER A 64 -0.76 3.87 -14.00
N ASP A 65 -1.54 4.50 -13.12
CA ASP A 65 -1.17 5.79 -12.55
C ASP A 65 -0.40 5.62 -11.25
N PHE A 66 -0.66 4.49 -10.57
CA PHE A 66 0.00 4.21 -9.29
C PHE A 66 1.26 3.37 -9.51
N LYS A 67 2.38 3.88 -9.01
CA LYS A 67 3.66 3.19 -9.15
C LYS A 67 3.81 2.09 -8.10
N LEU A 68 3.39 0.88 -8.45
CA LEU A 68 3.48 -0.25 -7.53
C LEU A 68 4.88 -0.88 -7.57
N ALA A 69 5.61 -0.63 -8.65
CA ALA A 69 6.96 -1.18 -8.80
C ALA A 69 7.61 -0.68 -10.08
N PRO A 70 8.94 -0.85 -10.21
CA PRO A 70 9.67 -0.42 -11.40
C PRO A 70 9.29 -1.21 -12.65
N ASN A 71 9.24 -2.53 -12.51
CA ASN A 71 8.88 -3.40 -13.62
C ASN A 71 7.47 -3.95 -13.44
N GLN A 72 6.48 -3.08 -13.57
CA GLN A 72 5.08 -3.47 -13.42
C GLN A 72 4.58 -4.21 -14.66
N THR A 73 4.17 -5.46 -14.46
CA THR A 73 3.68 -6.28 -15.57
C THR A 73 2.20 -6.62 -15.37
N LYS A 74 1.56 -7.07 -16.45
CA LYS A 74 0.14 -7.42 -16.39
C LYS A 74 -0.18 -8.29 -15.18
N GLU A 75 0.70 -9.24 -14.89
CA GLU A 75 0.51 -10.13 -13.74
C GLU A 75 0.42 -9.33 -12.45
N LEU A 76 1.41 -8.47 -12.22
CA LEU A 76 1.42 -7.64 -11.02
C LEU A 76 0.22 -6.70 -11.00
N GLU A 77 -0.12 -6.16 -12.17
CA GLU A 77 -1.26 -5.25 -12.29
C GLU A 77 -2.55 -5.94 -11.88
N GLU A 78 -2.83 -7.08 -12.51
CA GLU A 78 -4.03 -7.85 -12.21
C GLU A 78 -4.12 -8.19 -10.73
N LYS A 79 -3.02 -8.70 -10.18
CA LYS A 79 -2.98 -9.09 -8.77
C LYS A 79 -3.31 -7.91 -7.86
N VAL A 80 -2.87 -6.71 -8.23
CA VAL A 80 -3.13 -5.52 -7.43
C VAL A 80 -4.62 -5.17 -7.42
N MET A 81 -5.20 -5.08 -8.61
CA MET A 81 -6.62 -4.74 -8.74
C MET A 81 -7.50 -5.87 -8.18
N GLU A 82 -7.12 -7.10 -8.44
CA GLU A 82 -7.87 -8.26 -7.97
C GLU A 82 -7.88 -8.32 -6.44
N LEU A 83 -6.70 -8.15 -5.85
CA LEU A 83 -6.58 -8.18 -4.40
C LEU A 83 -7.44 -7.10 -3.75
N HIS A 84 -7.42 -5.92 -4.35
CA HIS A 84 -8.19 -4.79 -3.82
C HIS A 84 -9.68 -5.13 -3.75
N LYS A 85 -10.25 -5.51 -4.89
CA LYS A 85 -11.66 -5.86 -4.95
C LYS A 85 -11.95 -7.15 -4.18
N SER A 86 -10.97 -8.04 -4.14
CA SER A 86 -11.11 -9.31 -3.44
C SER A 86 -11.14 -9.10 -1.93
N TYR A 87 -10.59 -7.98 -1.47
CA TYR A 87 -10.56 -7.67 -0.04
C TYR A 87 -11.94 -7.26 0.46
N ARG A 88 -12.38 -7.89 1.54
CA ARG A 88 -13.68 -7.58 2.13
C ARG A 88 -13.73 -6.15 2.63
N SER A 89 -14.70 -5.85 3.48
CA SER A 89 -14.85 -4.51 4.05
C SER A 89 -13.69 -4.18 4.99
N MET A 90 -12.52 -3.94 4.40
CA MET A 90 -11.33 -3.62 5.18
C MET A 90 -11.29 -2.12 5.51
N THR A 91 -10.73 -1.80 6.67
CA THR A 91 -10.63 -0.41 7.11
C THR A 91 -9.23 0.13 6.83
N PRO A 92 -9.08 1.47 6.81
CA PRO A 92 -7.79 2.11 6.55
C PRO A 92 -6.69 1.56 7.47
N ALA A 93 -6.96 1.54 8.77
CA ALA A 93 -6.00 1.04 9.75
C ALA A 93 -5.52 -0.36 9.38
N GLN A 94 -6.44 -1.20 8.93
CA GLN A 94 -6.12 -2.57 8.55
C GLN A 94 -5.05 -2.58 7.45
N ALA A 95 -5.19 -1.67 6.49
CA ALA A 95 -4.23 -1.58 5.40
C ALA A 95 -2.92 -0.99 5.89
N ASP A 96 -3.01 0.01 6.76
CA ASP A 96 -1.84 0.65 7.33
C ASP A 96 -0.99 -0.36 8.11
N LEU A 97 -1.68 -1.19 8.88
CA LEU A 97 -1.02 -2.22 9.68
C LEU A 97 -0.50 -3.37 8.81
N GLU A 98 -1.27 -3.71 7.78
CA GLU A 98 -0.90 -4.80 6.88
C GLU A 98 0.44 -4.57 6.20
N PHE A 99 0.59 -3.42 5.54
CA PHE A 99 1.83 -3.10 4.86
C PHE A 99 2.96 -2.85 5.86
N LEU A 100 2.67 -2.05 6.89
CA LEU A 100 3.66 -1.76 7.91
C LEU A 100 4.15 -3.05 8.56
N GLU A 101 3.22 -3.97 8.77
CA GLU A 101 3.53 -5.25 9.38
C GLU A 101 4.39 -6.11 8.44
N ASN A 102 4.15 -5.94 7.15
CA ASN A 102 4.90 -6.69 6.15
C ASN A 102 6.32 -6.13 6.03
N ALA A 103 6.42 -4.82 5.88
CA ALA A 103 7.71 -4.15 5.76
C ALA A 103 8.54 -4.35 7.03
N LYS A 104 7.85 -4.31 8.17
CA LYS A 104 8.52 -4.49 9.45
C LYS A 104 9.07 -5.91 9.59
N LYS A 105 8.30 -6.88 9.11
CA LYS A 105 8.71 -8.28 9.16
C LYS A 105 9.95 -8.52 8.31
N LEU A 106 10.25 -7.58 7.42
CA LEU A 106 11.40 -7.70 6.53
C LEU A 106 12.50 -6.70 6.91
N SER A 107 12.17 -5.74 7.78
CA SER A 107 13.13 -4.74 8.22
C SER A 107 13.56 -3.85 7.06
N MET A 108 12.67 -2.96 6.64
CA MET A 108 12.95 -2.05 5.54
C MET A 108 13.29 -0.65 6.06
N TYR A 109 12.77 -0.32 7.24
CA TYR A 109 13.02 0.98 7.85
C TYR A 109 13.42 0.83 9.32
N GLY A 1 -15.04 12.73 25.45
CA GLY A 1 -13.64 12.39 25.80
C GLY A 1 -13.40 10.90 25.86
N SER A 2 -12.16 10.52 26.17
CA SER A 2 -11.80 9.11 26.26
C SER A 2 -11.99 8.42 24.91
N HIS A 3 -11.70 7.12 24.87
CA HIS A 3 -11.85 6.33 23.65
C HIS A 3 -10.84 6.77 22.59
N MET A 4 -11.03 7.96 22.05
CA MET A 4 -10.13 8.50 21.03
C MET A 4 -9.15 9.49 21.64
N ASP A 5 -7.90 9.44 21.19
CA ASP A 5 -6.87 10.33 21.69
C ASP A 5 -6.34 11.24 20.57
N PRO A 6 -6.54 12.56 20.70
CA PRO A 6 -6.09 13.53 19.69
C PRO A 6 -4.57 13.73 19.71
N ALA A 7 -3.90 13.10 20.68
CA ALA A 7 -2.45 13.23 20.80
C ALA A 7 -1.73 12.20 19.93
N GLN A 8 -2.49 11.47 19.12
CA GLN A 8 -1.91 10.46 18.23
C GLN A 8 -1.74 11.01 16.83
N LEU A 9 -1.48 12.31 16.73
CA LEU A 9 -1.30 12.97 15.44
C LEU A 9 0.07 12.66 14.86
N THR A 10 1.07 12.51 15.73
CA THR A 10 2.43 12.22 15.30
C THR A 10 2.48 10.89 14.53
N GLU A 11 1.90 9.85 15.11
CA GLU A 11 1.88 8.53 14.47
C GLU A 11 1.32 8.64 13.05
N ASP A 12 0.41 9.59 12.85
CA ASP A 12 -0.19 9.80 11.54
C ASP A 12 0.83 10.42 10.60
N ILE A 13 1.51 11.45 11.08
CA ILE A 13 2.52 12.15 10.29
C ILE A 13 3.68 11.22 9.94
N THR A 14 4.20 10.51 10.95
CA THR A 14 5.31 9.59 10.74
C THR A 14 4.97 8.53 9.69
N ARG A 15 3.83 7.87 9.88
CA ARG A 15 3.41 6.81 8.96
C ARG A 15 3.37 7.30 7.52
N TYR A 16 2.76 8.46 7.30
CA TYR A 16 2.67 9.04 5.96
C TYR A 16 4.06 9.17 5.33
N TYR A 17 4.95 9.83 6.05
CA TYR A 17 6.32 10.04 5.58
C TYR A 17 7.06 8.71 5.48
N LEU A 18 6.68 7.75 6.31
CA LEU A 18 7.31 6.43 6.31
C LEU A 18 6.97 5.67 5.03
N CYS A 19 5.68 5.53 4.76
CA CYS A 19 5.23 4.83 3.56
C CYS A 19 5.81 5.47 2.30
N LEU A 20 5.92 6.80 2.32
CA LEU A 20 6.47 7.53 1.18
C LEU A 20 7.92 7.11 0.92
N GLN A 21 8.72 7.11 1.97
CA GLN A 21 10.13 6.73 1.85
C GLN A 21 10.26 5.26 1.46
N LEU A 22 9.54 4.40 2.16
CA LEU A 22 9.57 2.97 1.88
C LEU A 22 9.14 2.68 0.44
N ARG A 23 8.03 3.30 0.03
CA ARG A 23 7.51 3.12 -1.31
C ARG A 23 8.49 3.64 -2.35
N GLN A 24 9.28 4.64 -1.98
CA GLN A 24 10.25 5.23 -2.89
C GLN A 24 11.41 4.26 -3.14
N ASP A 25 11.90 3.64 -2.08
CA ASP A 25 13.01 2.70 -2.20
C ASP A 25 12.58 1.44 -2.93
N ILE A 26 11.35 1.01 -2.70
CA ILE A 26 10.82 -0.19 -3.35
C ILE A 26 10.64 0.02 -4.85
N VAL A 27 9.90 1.06 -5.21
CA VAL A 27 9.63 1.38 -6.61
C VAL A 27 10.92 1.66 -7.37
N ALA A 28 11.90 2.24 -6.67
CA ALA A 28 13.19 2.56 -7.28
C ALA A 28 14.08 1.32 -7.41
N GLY A 29 13.61 0.19 -6.90
CA GLY A 29 14.39 -1.04 -6.97
C GLY A 29 15.67 -0.95 -6.17
N ARG A 30 15.55 -0.45 -4.94
CA ARG A 30 16.71 -0.31 -4.07
C ARG A 30 16.72 -1.39 -2.99
N LEU A 31 15.80 -2.36 -3.09
CA LEU A 31 15.71 -3.43 -2.13
C LEU A 31 15.04 -4.66 -2.74
N PRO A 32 15.81 -5.75 -2.97
CA PRO A 32 15.27 -6.98 -3.57
C PRO A 32 13.99 -7.45 -2.87
N CYS A 33 12.99 -7.79 -3.68
CA CYS A 33 11.71 -8.26 -3.16
C CYS A 33 11.10 -9.31 -4.10
N SER A 34 10.07 -9.98 -3.61
CA SER A 34 9.39 -11.01 -4.40
C SER A 34 8.12 -10.47 -5.04
N PHE A 35 7.66 -11.14 -6.09
CA PHE A 35 6.44 -10.74 -6.80
C PHE A 35 5.26 -10.66 -5.85
N ALA A 36 5.09 -11.69 -5.04
CA ALA A 36 3.97 -11.75 -4.10
C ALA A 36 3.97 -10.54 -3.16
N THR A 37 5.14 -10.15 -2.67
CA THR A 37 5.24 -9.01 -1.78
C THR A 37 4.96 -7.72 -2.53
N LEU A 38 5.46 -7.63 -3.76
CA LEU A 38 5.24 -6.45 -4.59
C LEU A 38 3.76 -6.23 -4.80
N ALA A 39 3.05 -7.28 -5.18
CA ALA A 39 1.62 -7.22 -5.42
C ALA A 39 0.84 -6.99 -4.13
N LEU A 40 1.32 -7.59 -3.04
CA LEU A 40 0.68 -7.45 -1.74
C LEU A 40 0.79 -6.01 -1.24
N LEU A 41 2.01 -5.49 -1.23
CA LEU A 41 2.26 -4.12 -0.78
C LEU A 41 1.49 -3.13 -1.64
N GLY A 42 1.35 -3.46 -2.93
CA GLY A 42 0.63 -2.59 -3.84
C GLY A 42 -0.87 -2.62 -3.59
N SER A 43 -1.44 -3.82 -3.56
CA SER A 43 -2.87 -3.98 -3.33
C SER A 43 -3.33 -3.25 -2.07
N TYR A 44 -2.47 -3.24 -1.05
CA TYR A 44 -2.81 -2.57 0.20
C TYR A 44 -2.72 -1.06 0.05
N THR A 45 -1.66 -0.59 -0.60
CA THR A 45 -1.48 0.84 -0.82
C THR A 45 -2.61 1.41 -1.65
N ILE A 46 -3.02 0.65 -2.67
CA ILE A 46 -4.11 1.08 -3.54
C ILE A 46 -5.41 1.20 -2.75
N GLN A 47 -5.72 0.18 -1.96
CA GLN A 47 -6.93 0.18 -1.15
C GLN A 47 -6.94 1.37 -0.20
N SER A 48 -5.77 1.72 0.32
CA SER A 48 -5.64 2.83 1.25
C SER A 48 -5.63 4.17 0.50
N GLU A 49 -5.25 4.13 -0.77
CA GLU A 49 -5.17 5.33 -1.58
C GLU A 49 -6.55 5.70 -2.13
N LEU A 50 -7.27 4.71 -2.60
CA LEU A 50 -8.59 4.91 -3.19
C LEU A 50 -9.70 4.36 -2.31
N GLY A 51 -9.34 3.79 -1.15
CA GLY A 51 -10.35 3.25 -0.26
C GLY A 51 -10.82 1.88 -0.68
N ASP A 52 -12.01 1.82 -1.30
CA ASP A 52 -12.57 0.56 -1.77
C ASP A 52 -12.54 0.47 -3.28
N TYR A 53 -13.10 -0.60 -3.83
CA TYR A 53 -13.13 -0.80 -5.27
C TYR A 53 -14.23 0.06 -5.91
N ASP A 54 -13.82 0.99 -6.77
CA ASP A 54 -14.77 1.86 -7.44
C ASP A 54 -14.72 1.66 -8.94
N PRO A 55 -15.55 0.74 -9.47
CA PRO A 55 -15.61 0.45 -10.90
C PRO A 55 -16.37 1.50 -11.70
N GLU A 56 -17.51 1.92 -11.15
CA GLU A 56 -18.34 2.92 -11.81
C GLU A 56 -17.62 4.28 -11.89
N LEU A 57 -16.65 4.48 -11.01
CA LEU A 57 -15.89 5.72 -10.99
C LEU A 57 -14.89 5.77 -12.14
N HIS A 58 -14.17 4.67 -12.33
CA HIS A 58 -13.18 4.58 -13.40
C HIS A 58 -13.37 3.32 -14.23
N GLY A 59 -12.83 2.21 -13.75
CA GLY A 59 -12.96 0.96 -14.46
C GLY A 59 -11.93 -0.07 -14.03
N VAL A 60 -10.89 -0.25 -14.84
CA VAL A 60 -9.84 -1.20 -14.52
C VAL A 60 -8.49 -0.70 -15.03
N ASP A 61 -7.42 -1.35 -14.57
CA ASP A 61 -6.06 -0.99 -14.97
C ASP A 61 -5.72 0.43 -14.52
N TYR A 62 -6.38 0.89 -13.47
CA TYR A 62 -6.13 2.24 -12.95
C TYR A 62 -4.84 2.29 -12.13
N VAL A 63 -4.23 1.12 -11.90
CA VAL A 63 -2.99 1.05 -11.14
C VAL A 63 -1.84 1.76 -11.86
N SER A 64 -2.05 2.06 -13.14
CA SER A 64 -1.03 2.73 -13.95
C SER A 64 -0.74 4.12 -13.40
N ASP A 65 -1.61 4.62 -12.51
CA ASP A 65 -1.42 5.94 -11.91
C ASP A 65 -0.52 5.86 -10.69
N PHE A 66 -0.53 4.70 -10.02
CA PHE A 66 0.29 4.49 -8.83
C PHE A 66 1.41 3.52 -9.12
N LYS A 67 2.65 3.99 -8.95
CA LYS A 67 3.83 3.16 -9.19
C LYS A 67 4.13 2.27 -7.99
N LEU A 68 3.71 1.01 -8.08
CA LEU A 68 3.93 0.06 -6.99
C LEU A 68 5.24 -0.72 -7.20
N ALA A 69 5.77 -0.66 -8.41
CA ALA A 69 7.01 -1.35 -8.73
C ALA A 69 7.64 -0.81 -10.01
N PRO A 70 8.96 -0.96 -10.16
CA PRO A 70 9.69 -0.48 -11.35
C PRO A 70 9.28 -1.23 -12.62
N ASN A 71 9.28 -2.55 -12.54
CA ASN A 71 8.92 -3.39 -13.68
C ASN A 71 7.51 -3.97 -13.50
N GLN A 72 6.51 -3.09 -13.56
CA GLN A 72 5.12 -3.51 -13.39
C GLN A 72 4.64 -4.28 -14.62
N THR A 73 4.30 -5.54 -14.41
CA THR A 73 3.81 -6.39 -15.50
C THR A 73 2.34 -6.76 -15.28
N LYS A 74 1.68 -7.19 -16.34
CA LYS A 74 0.27 -7.58 -16.28
C LYS A 74 -0.01 -8.44 -15.05
N GLU A 75 0.89 -9.37 -14.77
CA GLU A 75 0.72 -10.26 -13.62
C GLU A 75 0.62 -9.45 -12.32
N LEU A 76 1.58 -8.55 -12.10
CA LEU A 76 1.58 -7.72 -10.90
C LEU A 76 0.33 -6.85 -10.87
N GLU A 77 0.02 -6.21 -11.99
CA GLU A 77 -1.15 -5.34 -12.09
C GLU A 77 -2.42 -6.10 -11.72
N GLU A 78 -2.61 -7.25 -12.36
CA GLU A 78 -3.79 -8.08 -12.11
C GLU A 78 -3.93 -8.38 -10.62
N LYS A 79 -2.88 -8.91 -10.02
CA LYS A 79 -2.88 -9.26 -8.61
C LYS A 79 -3.22 -8.05 -7.74
N VAL A 80 -2.86 -6.86 -8.22
CA VAL A 80 -3.15 -5.63 -7.49
C VAL A 80 -4.65 -5.39 -7.41
N MET A 81 -5.29 -5.42 -8.58
CA MET A 81 -6.73 -5.20 -8.65
C MET A 81 -7.50 -6.35 -8.01
N GLU A 82 -7.05 -7.57 -8.28
CA GLU A 82 -7.69 -8.76 -7.72
C GLU A 82 -7.70 -8.70 -6.20
N LEU A 83 -6.54 -8.45 -5.62
CA LEU A 83 -6.41 -8.38 -4.16
C LEU A 83 -7.28 -7.26 -3.61
N HIS A 84 -7.35 -6.15 -4.33
CA HIS A 84 -8.16 -5.00 -3.92
C HIS A 84 -9.64 -5.38 -3.86
N LYS A 85 -10.16 -5.87 -4.99
CA LYS A 85 -11.56 -6.26 -5.07
C LYS A 85 -11.85 -7.41 -4.10
N SER A 86 -10.86 -8.28 -3.90
CA SER A 86 -11.01 -9.42 -3.01
C SER A 86 -11.44 -8.97 -1.61
N TYR A 87 -11.16 -7.73 -1.28
CA TYR A 87 -11.53 -7.19 0.03
C TYR A 87 -12.86 -6.45 -0.05
N ARG A 88 -13.75 -6.72 0.89
CA ARG A 88 -15.06 -6.08 0.91
C ARG A 88 -15.43 -5.55 2.30
N SER A 89 -14.57 -5.81 3.29
CA SER A 89 -14.83 -5.34 4.65
C SER A 89 -13.55 -4.87 5.35
N MET A 90 -12.44 -4.81 4.62
CA MET A 90 -11.18 -4.37 5.19
C MET A 90 -11.23 -2.90 5.59
N THR A 91 -10.53 -2.56 6.66
CA THR A 91 -10.49 -1.18 7.13
C THR A 91 -9.17 -0.52 6.78
N PRO A 92 -9.13 0.82 6.74
CA PRO A 92 -7.92 1.57 6.42
C PRO A 92 -6.72 1.11 7.26
N ALA A 93 -6.90 1.11 8.57
CA ALA A 93 -5.84 0.69 9.49
C ALA A 93 -5.31 -0.69 9.12
N GLN A 94 -6.21 -1.59 8.73
CA GLN A 94 -5.83 -2.95 8.35
C GLN A 94 -4.83 -2.91 7.21
N ALA A 95 -5.04 -2.00 6.27
CA ALA A 95 -4.15 -1.85 5.12
C ALA A 95 -2.85 -1.19 5.54
N ASP A 96 -2.96 -0.15 6.36
CA ASP A 96 -1.79 0.58 6.84
C ASP A 96 -0.86 -0.36 7.61
N LEU A 97 -1.46 -1.20 8.44
CA LEU A 97 -0.72 -2.16 9.25
C LEU A 97 -0.17 -3.30 8.38
N GLU A 98 -0.91 -3.63 7.33
CA GLU A 98 -0.52 -4.71 6.43
C GLU A 98 0.82 -4.43 5.76
N PHE A 99 0.95 -3.27 5.12
CA PHE A 99 2.19 -2.91 4.45
C PHE A 99 3.29 -2.62 5.46
N LEU A 100 2.96 -1.83 6.49
CA LEU A 100 3.93 -1.49 7.52
C LEU A 100 4.46 -2.75 8.19
N GLU A 101 3.56 -3.68 8.47
CA GLU A 101 3.94 -4.94 9.11
C GLU A 101 4.79 -5.79 8.17
N ASN A 102 4.52 -5.68 6.88
CA ASN A 102 5.27 -6.42 5.87
C ASN A 102 6.68 -5.86 5.75
N ALA A 103 6.76 -4.54 5.60
CA ALA A 103 8.06 -3.87 5.49
C ALA A 103 8.90 -4.10 6.73
N LYS A 104 8.24 -4.09 7.90
CA LYS A 104 8.94 -4.30 9.16
C LYS A 104 9.46 -5.73 9.26
N LYS A 105 8.71 -6.67 8.70
CA LYS A 105 9.10 -8.07 8.71
C LYS A 105 10.34 -8.31 7.86
N LEU A 106 10.61 -7.38 6.94
CA LEU A 106 11.76 -7.50 6.06
C LEU A 106 12.89 -6.56 6.48
N SER A 107 12.80 -6.02 7.70
CA SER A 107 13.81 -5.11 8.21
C SER A 107 14.06 -3.95 7.24
N MET A 108 12.99 -3.52 6.58
CA MET A 108 13.08 -2.41 5.63
C MET A 108 13.59 -1.15 6.30
N TYR A 109 13.18 -0.94 7.55
CA TYR A 109 13.60 0.23 8.32
C TYR A 109 13.64 -0.08 9.81
N GLY A 1 -1.54 19.18 29.07
CA GLY A 1 -1.19 19.85 27.78
C GLY A 1 -0.59 21.23 27.99
N SER A 2 0.60 21.27 28.57
CA SER A 2 1.28 22.54 28.83
C SER A 2 2.25 22.88 27.71
N HIS A 3 2.95 21.87 27.20
CA HIS A 3 3.91 22.06 26.12
C HIS A 3 4.09 20.77 25.32
N MET A 4 3.03 19.98 25.24
CA MET A 4 3.07 18.72 24.50
C MET A 4 1.83 18.55 23.64
N ASP A 5 1.84 17.54 22.78
CA ASP A 5 0.71 17.27 21.90
C ASP A 5 -0.32 16.38 22.60
N PRO A 6 -1.51 16.91 22.90
CA PRO A 6 -2.57 16.15 23.57
C PRO A 6 -3.20 15.10 22.65
N ALA A 7 -3.16 15.36 21.34
CA ALA A 7 -3.71 14.44 20.36
C ALA A 7 -2.69 13.37 19.97
N GLN A 8 -1.42 13.75 19.96
CA GLN A 8 -0.35 12.83 19.60
C GLN A 8 -0.51 12.33 18.17
N LEU A 9 -0.35 13.25 17.22
CA LEU A 9 -0.47 12.92 15.81
C LEU A 9 0.88 12.52 15.22
N THR A 10 1.87 12.33 16.08
CA THR A 10 3.21 11.95 15.65
C THR A 10 3.18 10.66 14.84
N GLU A 11 2.51 9.64 15.38
CA GLU A 11 2.42 8.35 14.72
C GLU A 11 1.84 8.50 13.32
N ASP A 12 1.00 9.51 13.13
CA ASP A 12 0.40 9.77 11.82
C ASP A 12 1.44 10.38 10.90
N ILE A 13 2.14 11.39 11.40
CA ILE A 13 3.17 12.07 10.63
C ILE A 13 4.26 11.10 10.19
N THR A 14 4.69 10.25 11.13
CA THR A 14 5.74 9.28 10.83
C THR A 14 5.26 8.25 9.82
N ARG A 15 4.09 7.67 10.05
CA ARG A 15 3.54 6.66 9.15
C ARG A 15 3.46 7.16 7.72
N TYR A 16 2.86 8.33 7.52
CA TYR A 16 2.74 8.91 6.19
C TYR A 16 4.10 9.05 5.52
N TYR A 17 5.02 9.73 6.21
CA TYR A 17 6.38 9.93 5.70
C TYR A 17 7.08 8.59 5.49
N LEU A 18 6.71 7.60 6.28
CA LEU A 18 7.33 6.27 6.17
C LEU A 18 6.93 5.60 4.86
N CYS A 19 5.63 5.49 4.63
CA CYS A 19 5.12 4.88 3.41
C CYS A 19 5.72 5.54 2.18
N LEU A 20 5.85 6.86 2.22
CA LEU A 20 6.43 7.61 1.10
C LEU A 20 7.86 7.16 0.84
N GLN A 21 8.65 7.07 1.91
CA GLN A 21 10.05 6.65 1.79
C GLN A 21 10.15 5.21 1.29
N LEU A 22 9.37 4.32 1.91
CA LEU A 22 9.37 2.92 1.53
C LEU A 22 9.00 2.75 0.06
N ARG A 23 7.97 3.46 -0.37
CA ARG A 23 7.51 3.41 -1.77
C ARG A 23 8.55 3.99 -2.71
N GLN A 24 9.34 4.94 -2.21
CA GLN A 24 10.37 5.58 -3.02
C GLN A 24 11.52 4.63 -3.31
N ASP A 25 11.97 3.90 -2.28
CA ASP A 25 13.06 2.96 -2.43
C ASP A 25 12.65 1.74 -3.24
N ILE A 26 11.47 1.19 -2.93
CA ILE A 26 10.97 0.02 -3.63
C ILE A 26 10.84 0.28 -5.12
N VAL A 27 10.12 1.34 -5.48
CA VAL A 27 9.91 1.68 -6.89
C VAL A 27 11.23 1.86 -7.62
N ALA A 28 12.25 2.35 -6.91
CA ALA A 28 13.56 2.56 -7.51
C ALA A 28 14.39 1.27 -7.51
N GLY A 29 13.84 0.20 -6.95
CA GLY A 29 14.55 -1.06 -6.90
C GLY A 29 15.73 -1.02 -5.95
N ARG A 30 15.59 -0.25 -4.88
CA ARG A 30 16.65 -0.11 -3.89
C ARG A 30 16.63 -1.26 -2.88
N LEU A 31 15.69 -2.20 -3.06
CA LEU A 31 15.56 -3.34 -2.17
C LEU A 31 14.99 -4.55 -2.90
N PRO A 32 15.64 -5.72 -2.79
CA PRO A 32 15.17 -6.94 -3.45
C PRO A 32 13.88 -7.48 -2.85
N CYS A 33 12.88 -7.69 -3.70
CA CYS A 33 11.59 -8.20 -3.24
C CYS A 33 11.05 -9.23 -4.24
N SER A 34 10.01 -9.95 -3.82
CA SER A 34 9.40 -10.97 -4.68
C SER A 34 8.14 -10.44 -5.35
N PHE A 35 7.69 -11.15 -6.38
CA PHE A 35 6.49 -10.76 -7.11
C PHE A 35 5.29 -10.67 -6.18
N ALA A 36 5.07 -11.71 -5.39
CA ALA A 36 3.94 -11.75 -4.48
C ALA A 36 3.95 -10.57 -3.52
N THR A 37 5.12 -10.26 -2.96
CA THR A 37 5.23 -9.13 -2.04
C THR A 37 4.98 -7.81 -2.75
N LEU A 38 5.54 -7.69 -3.95
CA LEU A 38 5.37 -6.48 -4.74
C LEU A 38 3.89 -6.19 -4.96
N ALA A 39 3.16 -7.23 -5.38
CA ALA A 39 1.73 -7.11 -5.64
C ALA A 39 0.94 -6.90 -4.35
N LEU A 40 1.40 -7.55 -3.27
CA LEU A 40 0.72 -7.42 -1.97
C LEU A 40 0.86 -6.00 -1.44
N LEU A 41 2.09 -5.50 -1.40
CA LEU A 41 2.35 -4.15 -0.91
C LEU A 41 1.62 -3.13 -1.77
N GLY A 42 1.51 -3.42 -3.06
CA GLY A 42 0.84 -2.54 -3.97
C GLY A 42 -0.67 -2.53 -3.75
N SER A 43 -1.26 -3.71 -3.75
CA SER A 43 -2.70 -3.85 -3.55
C SER A 43 -3.15 -3.15 -2.27
N TYR A 44 -2.28 -3.14 -1.26
CA TYR A 44 -2.61 -2.49 0.01
C TYR A 44 -2.57 -0.98 -0.14
N THR A 45 -1.49 -0.47 -0.75
CA THR A 45 -1.35 0.96 -0.95
C THR A 45 -2.50 1.51 -1.79
N ILE A 46 -2.97 0.71 -2.74
CA ILE A 46 -4.07 1.11 -3.60
C ILE A 46 -5.35 1.25 -2.79
N GLN A 47 -5.68 0.22 -2.02
CA GLN A 47 -6.88 0.22 -1.19
C GLN A 47 -6.86 1.40 -0.22
N SER A 48 -5.68 1.73 0.28
CA SER A 48 -5.53 2.85 1.21
C SER A 48 -5.56 4.18 0.47
N GLU A 49 -5.21 4.15 -0.81
CA GLU A 49 -5.19 5.37 -1.62
C GLU A 49 -6.57 5.72 -2.14
N LEU A 50 -7.27 4.72 -2.66
CA LEU A 50 -8.59 4.92 -3.23
C LEU A 50 -9.69 4.34 -2.34
N GLY A 51 -9.31 3.78 -1.20
CA GLY A 51 -10.30 3.22 -0.29
C GLY A 51 -10.72 1.82 -0.70
N ASP A 52 -12.00 1.66 -1.04
CA ASP A 52 -12.53 0.36 -1.43
C ASP A 52 -12.64 0.26 -2.95
N TYR A 53 -12.58 -0.97 -3.46
CA TYR A 53 -12.68 -1.22 -4.89
C TYR A 53 -14.06 -0.85 -5.42
N ASP A 54 -14.18 0.35 -5.98
CA ASP A 54 -15.46 0.82 -6.51
C ASP A 54 -15.47 0.75 -8.04
N PRO A 55 -15.93 -0.38 -8.61
CA PRO A 55 -15.99 -0.56 -10.06
C PRO A 55 -17.04 0.33 -10.72
N GLU A 56 -18.01 0.78 -9.92
CA GLU A 56 -19.07 1.63 -10.44
C GLU A 56 -18.55 3.04 -10.74
N LEU A 57 -17.55 3.47 -9.98
CA LEU A 57 -16.96 4.79 -10.16
C LEU A 57 -15.66 4.70 -10.94
N HIS A 58 -14.85 3.68 -10.63
CA HIS A 58 -13.57 3.49 -11.30
C HIS A 58 -13.63 2.28 -12.23
N GLY A 59 -12.72 2.26 -13.22
CA GLY A 59 -12.69 1.17 -14.16
C GLY A 59 -11.65 0.12 -13.80
N VAL A 60 -10.76 -0.17 -14.73
CA VAL A 60 -9.71 -1.16 -14.50
C VAL A 60 -8.40 -0.73 -15.15
N ASP A 61 -7.30 -1.32 -14.69
CA ASP A 61 -5.98 -1.00 -15.22
C ASP A 61 -5.58 0.44 -14.90
N TYR A 62 -6.23 1.01 -13.88
CA TYR A 62 -5.94 2.39 -13.49
C TYR A 62 -4.68 2.47 -12.63
N VAL A 63 -4.07 1.30 -12.35
CA VAL A 63 -2.86 1.25 -11.54
C VAL A 63 -1.63 1.74 -12.32
N SER A 64 -1.83 2.01 -13.62
CA SER A 64 -0.74 2.48 -14.47
C SER A 64 -0.18 3.82 -13.99
N ASP A 65 -0.91 4.49 -13.10
CA ASP A 65 -0.47 5.77 -12.57
C ASP A 65 0.26 5.59 -11.24
N PHE A 66 -0.03 4.49 -10.55
CA PHE A 66 0.61 4.21 -9.27
C PHE A 66 1.91 3.45 -9.47
N LYS A 67 2.98 3.95 -8.87
CA LYS A 67 4.29 3.33 -8.98
C LYS A 67 4.48 2.24 -7.92
N LEU A 68 4.07 1.02 -8.24
CA LEU A 68 4.20 -0.09 -7.31
C LEU A 68 5.53 -0.81 -7.49
N ALA A 69 6.14 -0.66 -8.66
CA ALA A 69 7.43 -1.30 -8.94
C ALA A 69 8.03 -0.77 -10.25
N PRO A 70 9.33 -1.00 -10.45
CA PRO A 70 10.02 -0.55 -11.67
C PRO A 70 9.62 -1.35 -12.89
N ASN A 71 9.47 -2.67 -12.71
CA ASN A 71 9.09 -3.55 -13.81
C ASN A 71 7.65 -4.04 -13.64
N GLN A 72 6.69 -3.12 -13.81
CA GLN A 72 5.29 -3.47 -13.67
C GLN A 72 4.75 -4.14 -14.93
N THR A 73 4.36 -5.39 -14.79
CA THR A 73 3.83 -6.15 -15.93
C THR A 73 2.37 -6.52 -15.67
N LYS A 74 1.69 -7.00 -16.71
CA LYS A 74 0.30 -7.40 -16.61
C LYS A 74 0.08 -8.28 -15.38
N GLU A 75 1.06 -9.12 -15.09
CA GLU A 75 0.98 -10.02 -13.95
C GLU A 75 0.89 -9.23 -12.64
N LEU A 76 1.87 -8.37 -12.41
CA LEU A 76 1.90 -7.55 -11.20
C LEU A 76 0.67 -6.65 -11.15
N GLU A 77 0.32 -6.07 -12.29
CA GLU A 77 -0.83 -5.19 -12.38
C GLU A 77 -2.11 -5.93 -11.99
N GLU A 78 -2.35 -7.07 -12.65
CA GLU A 78 -3.53 -7.88 -12.37
C GLU A 78 -3.63 -8.22 -10.88
N LYS A 79 -2.54 -8.74 -10.33
CA LYS A 79 -2.51 -9.13 -8.92
C LYS A 79 -2.85 -7.95 -8.02
N VAL A 80 -2.48 -6.75 -8.45
CA VAL A 80 -2.74 -5.54 -7.67
C VAL A 80 -4.25 -5.26 -7.60
N MET A 81 -4.89 -5.27 -8.77
CA MET A 81 -6.32 -5.03 -8.85
C MET A 81 -7.11 -6.17 -8.22
N GLU A 82 -6.66 -7.40 -8.47
CA GLU A 82 -7.32 -8.58 -7.93
C GLU A 82 -7.37 -8.52 -6.41
N LEU A 83 -6.21 -8.36 -5.79
CA LEU A 83 -6.13 -8.28 -4.33
C LEU A 83 -6.94 -7.10 -3.81
N HIS A 84 -6.94 -6.01 -4.56
CA HIS A 84 -7.68 -4.82 -4.18
C HIS A 84 -9.17 -5.12 -4.03
N LYS A 85 -9.74 -5.69 -5.09
CA LYS A 85 -11.17 -6.03 -5.09
C LYS A 85 -11.43 -7.24 -4.17
N SER A 86 -10.43 -8.10 -4.02
CA SER A 86 -10.56 -9.28 -3.18
C SER A 86 -10.95 -8.90 -1.76
N TYR A 87 -10.63 -7.67 -1.36
CA TYR A 87 -10.96 -7.19 -0.02
C TYR A 87 -12.31 -6.48 -0.02
N ARG A 88 -13.16 -6.85 0.93
CA ARG A 88 -14.49 -6.24 1.04
C ARG A 88 -14.89 -6.10 2.50
N SER A 89 -15.21 -4.87 2.91
CA SER A 89 -15.61 -4.58 4.29
C SER A 89 -14.40 -4.43 5.19
N MET A 90 -13.40 -3.70 4.71
CA MET A 90 -12.18 -3.45 5.47
C MET A 90 -11.98 -1.96 5.70
N THR A 91 -11.41 -1.60 6.84
CA THR A 91 -11.17 -0.21 7.18
C THR A 91 -9.77 0.22 6.75
N PRO A 92 -9.51 1.53 6.71
CA PRO A 92 -8.20 2.07 6.32
C PRO A 92 -7.08 1.59 7.23
N ALA A 93 -7.30 1.67 8.54
CA ALA A 93 -6.31 1.24 9.52
C ALA A 93 -5.80 -0.17 9.20
N GLN A 94 -6.73 -1.05 8.83
CA GLN A 94 -6.38 -2.43 8.49
C GLN A 94 -5.34 -2.46 7.38
N ALA A 95 -5.57 -1.66 6.35
CA ALA A 95 -4.65 -1.60 5.22
C ALA A 95 -3.32 -0.98 5.64
N ASP A 96 -3.40 0.08 6.43
CA ASP A 96 -2.21 0.76 6.92
C ASP A 96 -1.34 -0.18 7.74
N LEU A 97 -2.00 -0.97 8.59
CA LEU A 97 -1.32 -1.94 9.43
C LEU A 97 -0.82 -3.13 8.61
N GLU A 98 -1.56 -3.49 7.57
CA GLU A 98 -1.22 -4.61 6.72
C GLU A 98 0.14 -4.42 6.05
N PHE A 99 0.33 -3.29 5.37
CA PHE A 99 1.59 -3.01 4.69
C PHE A 99 2.70 -2.73 5.70
N LEU A 100 2.38 -1.90 6.70
CA LEU A 100 3.36 -1.57 7.73
C LEU A 100 3.84 -2.83 8.45
N GLU A 101 2.89 -3.73 8.73
CA GLU A 101 3.19 -4.98 9.40
C GLU A 101 4.01 -5.89 8.49
N ASN A 102 3.76 -5.79 7.19
CA ASN A 102 4.48 -6.60 6.21
C ASN A 102 5.92 -6.11 6.09
N ALA A 103 6.08 -4.81 5.91
CA ALA A 103 7.40 -4.21 5.79
C ALA A 103 8.22 -4.43 7.06
N LYS A 104 7.55 -4.34 8.20
CA LYS A 104 8.21 -4.53 9.49
C LYS A 104 8.69 -5.98 9.63
N LYS A 105 7.90 -6.92 9.13
CA LYS A 105 8.26 -8.32 9.20
C LYS A 105 9.48 -8.62 8.33
N LEU A 106 9.78 -7.72 7.40
CA LEU A 106 10.91 -7.89 6.50
C LEU A 106 12.06 -6.94 6.84
N SER A 107 11.85 -6.07 7.82
CA SER A 107 12.87 -5.12 8.24
C SER A 107 13.23 -4.19 7.09
N MET A 108 12.23 -3.80 6.31
CA MET A 108 12.45 -2.90 5.19
C MET A 108 12.95 -1.54 5.65
N TYR A 109 12.70 -1.22 6.92
CA TYR A 109 13.12 0.06 7.49
C TYR A 109 14.57 -0.02 7.97
N GLY A 1 -3.55 2.38 34.23
CA GLY A 1 -4.58 2.77 33.24
C GLY A 1 -4.01 2.94 31.84
N SER A 2 -4.87 3.23 30.88
CA SER A 2 -4.44 3.43 29.50
C SER A 2 -4.72 4.85 29.03
N HIS A 3 -3.70 5.70 29.09
CA HIS A 3 -3.82 7.09 28.68
C HIS A 3 -3.23 7.30 27.28
N MET A 4 -3.60 8.40 26.65
CA MET A 4 -3.10 8.72 25.31
C MET A 4 -3.01 10.22 25.11
N ASP A 5 -2.10 10.65 24.24
CA ASP A 5 -1.91 12.07 23.96
C ASP A 5 -3.18 12.68 23.37
N PRO A 6 -3.40 13.98 23.60
CA PRO A 6 -4.58 14.69 23.09
C PRO A 6 -4.53 14.90 21.58
N ALA A 7 -3.33 14.81 21.01
CA ALA A 7 -3.15 15.00 19.58
C ALA A 7 -2.98 13.66 18.87
N GLN A 8 -1.85 13.00 19.14
CA GLN A 8 -1.56 11.71 18.53
C GLN A 8 -1.48 11.84 17.01
N LEU A 9 -1.02 12.98 16.54
CA LEU A 9 -0.92 13.23 15.11
C LEU A 9 0.42 12.73 14.56
N THR A 10 1.43 12.68 15.43
CA THR A 10 2.76 12.21 15.03
C THR A 10 2.69 10.85 14.35
N GLU A 11 2.01 9.90 14.98
CA GLU A 11 1.87 8.56 14.42
C GLU A 11 1.29 8.63 13.02
N ASP A 12 0.47 9.64 12.77
CA ASP A 12 -0.12 9.81 11.45
C ASP A 12 0.92 10.38 10.50
N ILE A 13 1.61 11.42 10.95
CA ILE A 13 2.65 12.06 10.16
C ILE A 13 3.77 11.09 9.83
N THR A 14 4.20 10.32 10.82
CA THR A 14 5.28 9.36 10.63
C THR A 14 4.87 8.27 9.63
N ARG A 15 3.71 7.65 9.84
CA ARG A 15 3.23 6.59 8.96
C ARG A 15 3.19 7.03 7.51
N TYR A 16 2.58 8.17 7.25
CA TYR A 16 2.47 8.70 5.89
C TYR A 16 3.85 8.83 5.25
N TYR A 17 4.74 9.54 5.93
CA TYR A 17 6.10 9.74 5.44
C TYR A 17 6.85 8.42 5.35
N LEU A 18 6.48 7.46 6.19
CA LEU A 18 7.13 6.16 6.20
C LEU A 18 6.82 5.39 4.91
N CYS A 19 5.54 5.23 4.62
CA CYS A 19 5.12 4.53 3.42
C CYS A 19 5.68 5.20 2.17
N LEU A 20 5.79 6.52 2.21
CA LEU A 20 6.32 7.29 1.09
C LEU A 20 7.77 6.91 0.80
N GLN A 21 8.58 6.85 1.85
CA GLN A 21 9.99 6.51 1.71
C GLN A 21 10.17 5.06 1.29
N LEU A 22 9.34 4.17 1.84
CA LEU A 22 9.41 2.75 1.54
C LEU A 22 8.95 2.48 0.10
N ARG A 23 7.88 3.14 -0.31
CA ARG A 23 7.32 2.94 -1.65
C ARG A 23 8.22 3.56 -2.73
N GLN A 24 8.88 4.66 -2.39
CA GLN A 24 9.78 5.33 -3.34
C GLN A 24 11.04 4.51 -3.55
N ASP A 25 11.54 3.91 -2.48
CA ASP A 25 12.76 3.10 -2.54
C ASP A 25 12.52 1.81 -3.33
N ILE A 26 11.41 1.14 -3.01
CA ILE A 26 11.07 -0.12 -3.68
C ILE A 26 10.90 0.08 -5.19
N VAL A 27 10.09 1.06 -5.57
CA VAL A 27 9.84 1.35 -6.98
C VAL A 27 11.13 1.70 -7.71
N ALA A 28 12.06 2.32 -6.99
CA ALA A 28 13.35 2.71 -7.57
C ALA A 28 14.29 1.52 -7.69
N GLY A 29 13.86 0.36 -7.21
CA GLY A 29 14.69 -0.83 -7.29
C GLY A 29 15.88 -0.76 -6.36
N ARG A 30 15.70 -0.09 -5.23
CA ARG A 30 16.78 0.06 -4.25
C ARG A 30 16.64 -0.96 -3.11
N LEU A 31 15.65 -1.84 -3.21
CA LEU A 31 15.42 -2.85 -2.19
C LEU A 31 14.93 -4.15 -2.83
N PRO A 32 15.54 -5.29 -2.46
CA PRO A 32 15.17 -6.60 -3.02
C PRO A 32 13.85 -7.11 -2.43
N CYS A 33 12.88 -7.36 -3.30
CA CYS A 33 11.57 -7.87 -2.87
C CYS A 33 11.05 -8.92 -3.84
N SER A 34 10.00 -9.62 -3.44
CA SER A 34 9.42 -10.66 -4.28
C SER A 34 8.15 -10.17 -4.97
N PHE A 35 7.71 -10.91 -5.98
CA PHE A 35 6.51 -10.54 -6.73
C PHE A 35 5.30 -10.48 -5.80
N ALA A 36 5.09 -11.53 -5.02
CA ALA A 36 3.96 -11.60 -4.11
C ALA A 36 3.94 -10.41 -3.15
N THR A 37 5.10 -10.03 -2.63
CA THR A 37 5.19 -8.91 -1.72
C THR A 37 4.92 -7.60 -2.46
N LEU A 38 5.43 -7.50 -3.68
CA LEU A 38 5.23 -6.31 -4.49
C LEU A 38 3.74 -6.07 -4.72
N ALA A 39 3.04 -7.12 -5.11
CA ALA A 39 1.61 -7.04 -5.37
C ALA A 39 0.82 -6.84 -4.08
N LEU A 40 1.29 -7.45 -3.00
CA LEU A 40 0.61 -7.33 -1.70
C LEU A 40 0.75 -5.91 -1.16
N LEU A 41 1.98 -5.42 -1.11
CA LEU A 41 2.24 -4.07 -0.61
C LEU A 41 1.51 -3.04 -1.46
N GLY A 42 1.39 -3.33 -2.75
CA GLY A 42 0.70 -2.44 -3.66
C GLY A 42 -0.80 -2.44 -3.43
N SER A 43 -1.38 -3.63 -3.40
CA SER A 43 -2.81 -3.80 -3.20
C SER A 43 -3.30 -3.07 -1.94
N TYR A 44 -2.47 -3.07 -0.90
CA TYR A 44 -2.82 -2.40 0.35
C TYR A 44 -2.70 -0.89 0.20
N THR A 45 -1.61 -0.44 -0.41
CA THR A 45 -1.39 0.99 -0.61
C THR A 45 -2.48 1.59 -1.49
N ILE A 46 -2.85 0.86 -2.54
CA ILE A 46 -3.88 1.32 -3.47
C ILE A 46 -5.22 1.45 -2.74
N GLN A 47 -5.61 0.41 -2.00
CA GLN A 47 -6.85 0.41 -1.26
C GLN A 47 -6.88 1.55 -0.25
N SER A 48 -5.73 1.84 0.33
CA SER A 48 -5.63 2.92 1.32
C SER A 48 -5.55 4.29 0.63
N GLU A 49 -5.05 4.30 -0.60
CA GLU A 49 -4.91 5.54 -1.36
C GLU A 49 -6.25 5.96 -1.97
N LEU A 50 -6.97 4.99 -2.49
CA LEU A 50 -8.24 5.25 -3.14
C LEU A 50 -9.42 4.70 -2.34
N GLY A 51 -9.15 4.09 -1.19
CA GLY A 51 -10.21 3.54 -0.37
C GLY A 51 -10.81 2.28 -0.96
N ASP A 52 -12.02 1.97 -0.53
CA ASP A 52 -12.72 0.78 -1.01
C ASP A 52 -12.85 0.81 -2.54
N TYR A 53 -13.00 -0.37 -3.13
CA TYR A 53 -13.14 -0.48 -4.58
C TYR A 53 -14.37 0.28 -5.07
N ASP A 54 -14.21 0.99 -6.19
CA ASP A 54 -15.31 1.76 -6.76
C ASP A 54 -15.31 1.66 -8.28
N PRO A 55 -16.02 0.66 -8.84
CA PRO A 55 -16.10 0.46 -10.29
C PRO A 55 -16.93 1.53 -10.99
N GLU A 56 -17.83 2.15 -10.24
CA GLU A 56 -18.69 3.19 -10.79
C GLU A 56 -17.87 4.39 -11.27
N LEU A 57 -16.74 4.61 -10.60
CA LEU A 57 -15.86 5.73 -10.96
C LEU A 57 -14.60 5.22 -11.65
N HIS A 58 -14.08 4.09 -11.19
CA HIS A 58 -12.88 3.49 -11.76
C HIS A 58 -13.25 2.42 -12.78
N GLY A 59 -12.23 1.84 -13.41
CA GLY A 59 -12.45 0.80 -14.40
C GLY A 59 -11.38 -0.27 -14.36
N VAL A 60 -10.49 -0.24 -15.34
CA VAL A 60 -9.40 -1.22 -15.42
C VAL A 60 -8.09 -0.56 -15.80
N ASP A 61 -6.98 -1.19 -15.41
CA ASP A 61 -5.65 -0.65 -15.72
C ASP A 61 -5.45 0.72 -15.07
N TYR A 62 -6.27 1.04 -14.07
CA TYR A 62 -6.17 2.32 -13.38
C TYR A 62 -4.93 2.37 -12.49
N VAL A 63 -4.40 1.20 -12.14
CA VAL A 63 -3.22 1.12 -11.29
C VAL A 63 -1.96 1.60 -12.02
N SER A 64 -2.09 1.82 -13.33
CA SER A 64 -0.98 2.28 -14.15
C SER A 64 -0.47 3.65 -13.70
N ASP A 65 -1.25 4.33 -12.86
CA ASP A 65 -0.86 5.64 -12.35
C ASP A 65 -0.03 5.51 -11.08
N PHE A 66 -0.26 4.43 -10.34
CA PHE A 66 0.47 4.19 -9.09
C PHE A 66 1.69 3.32 -9.35
N LYS A 67 2.87 3.81 -8.99
CA LYS A 67 4.11 3.07 -9.17
C LYS A 67 4.28 2.00 -8.10
N LEU A 68 3.89 0.77 -8.43
CA LEU A 68 4.01 -0.34 -7.49
C LEU A 68 5.38 -0.99 -7.56
N ALA A 69 6.07 -0.77 -8.69
CA ALA A 69 7.40 -1.34 -8.88
C ALA A 69 8.01 -0.87 -10.20
N PRO A 70 9.33 -1.08 -10.39
CA PRO A 70 10.03 -0.68 -11.61
C PRO A 70 9.59 -1.49 -12.82
N ASN A 71 9.54 -2.81 -12.65
CA ASN A 71 9.14 -3.70 -13.74
C ASN A 71 7.70 -4.17 -13.54
N GLN A 72 6.75 -3.27 -13.74
CA GLN A 72 5.34 -3.60 -13.57
C GLN A 72 4.81 -4.36 -14.79
N THR A 73 4.31 -5.56 -14.56
CA THR A 73 3.79 -6.39 -15.64
C THR A 73 2.31 -6.71 -15.40
N LYS A 74 1.65 -7.23 -16.43
CA LYS A 74 0.24 -7.59 -16.33
C LYS A 74 -0.02 -8.42 -15.08
N GLU A 75 0.95 -9.27 -14.73
CA GLU A 75 0.82 -10.12 -13.55
C GLU A 75 0.71 -9.27 -12.29
N LEU A 76 1.71 -8.43 -12.06
CA LEU A 76 1.72 -7.57 -10.88
C LEU A 76 0.49 -6.65 -10.88
N GLU A 77 0.20 -6.09 -12.05
CA GLU A 77 -0.95 -5.19 -12.19
C GLU A 77 -2.24 -5.92 -11.83
N GLU A 78 -2.47 -7.07 -12.47
CA GLU A 78 -3.66 -7.86 -12.23
C GLU A 78 -3.80 -8.19 -10.75
N LYS A 79 -2.72 -8.69 -10.15
CA LYS A 79 -2.73 -9.07 -8.74
C LYS A 79 -3.11 -7.89 -7.85
N VAL A 80 -2.73 -6.68 -8.28
CA VAL A 80 -3.05 -5.47 -7.53
C VAL A 80 -4.55 -5.21 -7.50
N MET A 81 -5.15 -5.18 -8.69
CA MET A 81 -6.59 -4.94 -8.82
C MET A 81 -7.39 -6.10 -8.24
N GLU A 82 -6.96 -7.32 -8.54
CA GLU A 82 -7.64 -8.52 -8.07
C GLU A 82 -7.74 -8.52 -6.54
N LEU A 83 -6.60 -8.39 -5.88
CA LEU A 83 -6.56 -8.37 -4.42
C LEU A 83 -7.39 -7.23 -3.86
N HIS A 84 -7.36 -6.09 -4.55
CA HIS A 84 -8.11 -4.92 -4.13
C HIS A 84 -9.59 -5.26 -3.95
N LYS A 85 -10.20 -5.82 -4.99
CA LYS A 85 -11.60 -6.20 -4.95
C LYS A 85 -11.80 -7.49 -4.18
N SER A 86 -10.77 -8.32 -4.13
CA SER A 86 -10.84 -9.60 -3.42
C SER A 86 -10.93 -9.40 -1.91
N TYR A 87 -10.42 -8.26 -1.44
CA TYR A 87 -10.46 -7.95 -0.01
C TYR A 87 -11.85 -7.55 0.43
N ARG A 88 -12.34 -8.18 1.49
CA ARG A 88 -13.67 -7.89 2.02
C ARG A 88 -13.74 -6.46 2.54
N SER A 89 -14.74 -6.18 3.37
CA SER A 89 -14.91 -4.85 3.94
C SER A 89 -13.77 -4.51 4.89
N MET A 90 -12.60 -4.25 4.33
CA MET A 90 -11.42 -3.92 5.13
C MET A 90 -11.42 -2.43 5.48
N THR A 91 -10.83 -2.11 6.63
CA THR A 91 -10.75 -0.73 7.10
C THR A 91 -9.38 -0.15 6.81
N PRO A 92 -9.28 1.20 6.73
CA PRO A 92 -8.02 1.88 6.46
C PRO A 92 -6.89 1.37 7.35
N ALA A 93 -7.12 1.38 8.66
CA ALA A 93 -6.13 0.92 9.62
C ALA A 93 -5.56 -0.45 9.23
N GLN A 94 -6.45 -1.33 8.79
CA GLN A 94 -6.04 -2.68 8.39
C GLN A 94 -4.99 -2.62 7.29
N ALA A 95 -5.23 -1.77 6.30
CA ALA A 95 -4.30 -1.62 5.18
C ALA A 95 -2.98 -1.03 5.67
N ASP A 96 -3.08 -0.01 6.53
CA ASP A 96 -1.89 0.63 7.08
C ASP A 96 -1.05 -0.36 7.86
N LEU A 97 -1.72 -1.20 8.63
CA LEU A 97 -1.06 -2.22 9.44
C LEU A 97 -0.53 -3.36 8.57
N GLU A 98 -1.26 -3.67 7.50
CA GLU A 98 -0.88 -4.75 6.60
C GLU A 98 0.49 -4.51 5.97
N PHE A 99 0.66 -3.36 5.33
CA PHE A 99 1.92 -3.02 4.68
C PHE A 99 3.02 -2.81 5.72
N LEU A 100 2.71 -2.03 6.76
CA LEU A 100 3.68 -1.76 7.81
C LEU A 100 4.13 -3.06 8.46
N GLU A 101 3.19 -3.99 8.62
CA GLU A 101 3.47 -5.29 9.22
C GLU A 101 4.36 -6.12 8.30
N ASN A 102 4.17 -5.95 7.00
CA ASN A 102 4.95 -6.68 6.02
C ASN A 102 6.37 -6.12 5.96
N ALA A 103 6.48 -4.80 5.83
CA ALA A 103 7.78 -4.15 5.76
C ALA A 103 8.57 -4.41 7.04
N LYS A 104 7.86 -4.41 8.18
CA LYS A 104 8.50 -4.65 9.46
C LYS A 104 9.02 -6.08 9.57
N LYS A 105 8.25 -7.03 9.04
CA LYS A 105 8.65 -8.43 9.07
C LYS A 105 9.71 -8.73 8.01
N LEU A 106 9.78 -7.89 6.98
CA LEU A 106 10.74 -8.06 5.90
C LEU A 106 12.05 -7.31 6.19
N SER A 107 12.04 -6.49 7.24
CA SER A 107 13.22 -5.72 7.62
C SER A 107 13.59 -4.72 6.51
N MET A 108 12.78 -3.69 6.37
CA MET A 108 13.01 -2.66 5.36
C MET A 108 13.47 -1.35 6.00
N TYR A 109 13.07 -1.15 7.26
CA TYR A 109 13.44 0.05 7.98
C TYR A 109 14.86 -0.06 8.55
N GLY A 1 -10.89 8.06 29.84
CA GLY A 1 -11.02 9.02 28.71
C GLY A 1 -12.21 8.70 27.82
N SER A 2 -11.97 8.63 26.52
CA SER A 2 -13.03 8.34 25.56
C SER A 2 -12.63 7.19 24.64
N HIS A 3 -11.78 6.30 25.15
CA HIS A 3 -11.32 5.15 24.37
C HIS A 3 -10.65 5.61 23.08
N MET A 4 -10.02 6.78 23.12
CA MET A 4 -9.34 7.32 21.95
C MET A 4 -8.33 8.38 22.37
N ASP A 5 -7.31 8.58 21.54
CA ASP A 5 -6.26 9.57 21.81
C ASP A 5 -6.27 10.67 20.75
N PRO A 6 -6.49 11.93 21.15
CA PRO A 6 -6.51 13.07 20.22
C PRO A 6 -5.11 13.49 19.78
N ALA A 7 -4.09 12.84 20.34
CA ALA A 7 -2.71 13.16 19.99
C ALA A 7 -2.13 12.11 19.05
N GLN A 8 -2.98 11.51 18.23
CA GLN A 8 -2.56 10.50 17.28
C GLN A 8 -2.26 11.12 15.91
N LEU A 9 -2.05 12.43 15.89
CA LEU A 9 -1.76 13.13 14.65
C LEU A 9 -0.36 12.79 14.13
N THR A 10 0.56 12.56 15.06
CA THR A 10 1.93 12.23 14.70
C THR A 10 2.00 10.87 14.01
N GLU A 11 1.39 9.87 14.63
CA GLU A 11 1.39 8.51 14.06
C GLU A 11 0.78 8.51 12.67
N ASP A 12 -0.17 9.41 12.44
CA ASP A 12 -0.82 9.51 11.13
C ASP A 12 0.14 10.09 10.11
N ILE A 13 0.79 11.20 10.47
CA ILE A 13 1.74 11.85 9.59
C ILE A 13 2.98 10.99 9.37
N THR A 14 3.51 10.44 10.45
CA THR A 14 4.71 9.60 10.35
C THR A 14 4.47 8.44 9.39
N ARG A 15 3.38 7.70 9.58
CA ARG A 15 3.05 6.57 8.72
C ARG A 15 2.99 7.00 7.26
N TYR A 16 2.32 8.12 7.00
CA TYR A 16 2.20 8.63 5.63
C TYR A 16 3.58 8.77 4.99
N TYR A 17 4.46 9.50 5.64
CA TYR A 17 5.82 9.72 5.14
C TYR A 17 6.62 8.42 5.16
N LEU A 18 6.29 7.52 6.09
CA LEU A 18 6.99 6.25 6.20
C LEU A 18 6.70 5.37 5.00
N CYS A 19 5.42 5.19 4.70
CA CYS A 19 5.00 4.37 3.57
C CYS A 19 5.58 4.92 2.27
N LEU A 20 5.52 6.23 2.11
CA LEU A 20 6.06 6.89 0.91
C LEU A 20 7.54 6.57 0.73
N GLN A 21 8.28 6.59 1.82
CA GLN A 21 9.71 6.31 1.78
C GLN A 21 9.97 4.85 1.45
N LEU A 22 9.27 3.94 2.13
CA LEU A 22 9.42 2.52 1.90
C LEU A 22 9.04 2.15 0.47
N ARG A 23 7.92 2.68 0.01
CA ARG A 23 7.43 2.42 -1.34
C ARG A 23 8.37 3.01 -2.39
N GLN A 24 9.05 4.10 -2.02
CA GLN A 24 9.98 4.75 -2.93
C GLN A 24 11.23 3.90 -3.15
N ASP A 25 11.69 3.26 -2.08
CA ASP A 25 12.88 2.42 -2.15
C ASP A 25 12.60 1.14 -2.93
N ILE A 26 11.42 0.57 -2.72
CA ILE A 26 11.03 -0.66 -3.41
C ILE A 26 10.93 -0.44 -4.92
N VAL A 27 10.21 0.60 -5.30
CA VAL A 27 10.03 0.93 -6.72
C VAL A 27 11.36 1.21 -7.40
N ALA A 28 12.30 1.78 -6.65
CA ALA A 28 13.61 2.12 -7.18
C ALA A 28 14.52 0.89 -7.22
N GLY A 29 14.04 -0.23 -6.69
CA GLY A 29 14.83 -1.45 -6.67
C GLY A 29 16.02 -1.35 -5.73
N ARG A 30 15.86 -0.59 -4.65
CA ARG A 30 16.92 -0.42 -3.66
C ARG A 30 16.90 -1.54 -2.62
N LEU A 31 15.99 -2.50 -2.79
CA LEU A 31 15.89 -3.61 -1.85
C LEU A 31 15.25 -4.83 -2.53
N PRO A 32 15.98 -5.95 -2.61
CA PRO A 32 15.46 -7.18 -3.25
C PRO A 32 14.13 -7.62 -2.65
N CYS A 33 13.15 -7.82 -3.51
CA CYS A 33 11.82 -8.26 -3.07
C CYS A 33 11.24 -9.27 -4.05
N SER A 34 10.14 -9.91 -3.64
CA SER A 34 9.49 -10.91 -4.48
C SER A 34 8.24 -10.34 -5.16
N PHE A 35 7.80 -10.99 -6.22
CA PHE A 35 6.61 -10.55 -6.95
C PHE A 35 5.40 -10.47 -6.03
N ALA A 36 5.18 -11.52 -5.24
CA ALA A 36 4.05 -11.58 -4.33
C ALA A 36 4.04 -10.39 -3.37
N THR A 37 5.21 -10.00 -2.88
CA THR A 37 5.31 -8.87 -1.97
C THR A 37 5.07 -7.56 -2.71
N LEU A 38 5.58 -7.49 -3.94
CA LEU A 38 5.41 -6.29 -4.76
C LEU A 38 3.93 -6.03 -5.00
N ALA A 39 3.21 -7.08 -5.39
CA ALA A 39 1.78 -6.99 -5.65
C ALA A 39 0.98 -6.78 -4.36
N LEU A 40 1.43 -7.40 -3.28
CA LEU A 40 0.75 -7.29 -1.99
C LEU A 40 0.89 -5.87 -1.43
N LEU A 41 2.13 -5.40 -1.37
CA LEU A 41 2.40 -4.06 -0.86
C LEU A 41 1.73 -3.01 -1.73
N GLY A 42 1.66 -3.30 -3.03
CA GLY A 42 1.01 -2.39 -3.96
C GLY A 42 -0.49 -2.37 -3.78
N SER A 43 -1.09 -3.56 -3.75
CA SER A 43 -2.54 -3.69 -3.58
C SER A 43 -3.04 -2.94 -2.35
N TYR A 44 -2.23 -2.95 -1.29
CA TYR A 44 -2.61 -2.27 -0.06
C TYR A 44 -2.49 -0.76 -0.22
N THR A 45 -1.38 -0.31 -0.80
CA THR A 45 -1.17 1.11 -1.03
C THR A 45 -2.27 1.70 -1.91
N ILE A 46 -2.67 0.93 -2.92
CA ILE A 46 -3.72 1.38 -3.84
C ILE A 46 -5.04 1.55 -3.09
N GLN A 47 -5.42 0.53 -2.31
CA GLN A 47 -6.66 0.58 -1.55
C GLN A 47 -6.67 1.75 -0.59
N SER A 48 -5.50 2.06 -0.01
CA SER A 48 -5.37 3.16 0.93
C SER A 48 -5.31 4.50 0.21
N GLU A 49 -4.81 4.48 -1.03
CA GLU A 49 -4.69 5.70 -1.82
C GLU A 49 -6.03 6.09 -2.43
N LEU A 50 -6.74 5.11 -2.96
CA LEU A 50 -8.02 5.36 -3.61
C LEU A 50 -9.18 4.85 -2.75
N GLY A 51 -8.89 4.30 -1.58
CA GLY A 51 -9.94 3.81 -0.71
C GLY A 51 -10.46 2.45 -1.16
N ASP A 52 -11.60 2.06 -0.60
CA ASP A 52 -12.21 0.78 -0.94
C ASP A 52 -12.66 0.77 -2.40
N TYR A 53 -12.76 -0.43 -2.97
CA TYR A 53 -13.19 -0.58 -4.36
C TYR A 53 -14.67 -0.30 -4.52
N ASP A 54 -15.04 0.24 -5.67
CA ASP A 54 -16.44 0.55 -5.96
C ASP A 54 -16.75 0.36 -7.44
N PRO A 55 -17.35 -0.78 -7.81
CA PRO A 55 -17.69 -1.08 -9.21
C PRO A 55 -18.75 -0.14 -9.75
N GLU A 56 -19.51 0.48 -8.85
CA GLU A 56 -20.57 1.41 -9.26
C GLU A 56 -19.99 2.60 -10.00
N LEU A 57 -18.76 2.96 -9.65
CA LEU A 57 -18.08 4.09 -10.30
C LEU A 57 -17.15 3.62 -11.40
N HIS A 58 -16.79 2.34 -11.36
CA HIS A 58 -15.89 1.77 -12.37
C HIS A 58 -14.53 2.46 -12.36
N GLY A 59 -13.51 1.76 -12.84
CA GLY A 59 -12.18 2.32 -12.88
C GLY A 59 -11.11 1.25 -12.94
N VAL A 60 -10.29 1.30 -13.98
CA VAL A 60 -9.22 0.32 -14.17
C VAL A 60 -7.98 0.96 -14.79
N ASP A 61 -6.87 0.23 -14.75
CA ASP A 61 -5.62 0.71 -15.32
C ASP A 61 -5.11 1.94 -14.57
N TYR A 62 -5.65 2.19 -13.39
CA TYR A 62 -5.23 3.33 -12.59
C TYR A 62 -3.93 3.04 -11.84
N VAL A 63 -3.49 1.78 -11.87
CA VAL A 63 -2.26 1.39 -11.19
C VAL A 63 -1.05 2.03 -11.87
N SER A 64 -1.20 2.39 -13.13
CA SER A 64 -0.12 3.02 -13.90
C SER A 64 0.28 4.37 -13.30
N ASP A 65 -0.56 4.90 -12.40
CA ASP A 65 -0.27 6.18 -11.76
C ASP A 65 0.45 5.97 -10.44
N PHE A 66 0.25 4.80 -9.82
CA PHE A 66 0.88 4.48 -8.56
C PHE A 66 2.12 3.62 -8.76
N LYS A 67 3.27 4.13 -8.33
CA LYS A 67 4.53 3.39 -8.47
C LYS A 67 4.66 2.32 -7.41
N LEU A 68 4.26 1.10 -7.77
CA LEU A 68 4.33 -0.03 -6.83
C LEU A 68 5.59 -0.86 -7.06
N ALA A 69 6.11 -0.82 -8.29
CA ALA A 69 7.31 -1.56 -8.63
C ALA A 69 7.95 -1.04 -9.91
N PRO A 70 9.19 -1.46 -10.21
CA PRO A 70 9.92 -1.03 -11.40
C PRO A 70 9.39 -1.68 -12.67
N ASN A 71 9.61 -2.98 -12.81
CA ASN A 71 9.16 -3.72 -13.99
C ASN A 71 7.72 -4.21 -13.80
N GLN A 72 6.77 -3.28 -13.90
CA GLN A 72 5.36 -3.62 -13.75
C GLN A 72 4.82 -4.31 -14.99
N THR A 73 4.38 -5.56 -14.82
CA THR A 73 3.84 -6.33 -15.93
C THR A 73 2.37 -6.66 -15.69
N LYS A 74 1.71 -7.20 -16.72
CA LYS A 74 0.30 -7.57 -16.62
C LYS A 74 0.06 -8.40 -15.36
N GLU A 75 1.03 -9.24 -15.02
CA GLU A 75 0.93 -10.10 -13.84
C GLU A 75 0.82 -9.26 -12.58
N LEU A 76 1.82 -8.40 -12.35
CA LEU A 76 1.83 -7.54 -11.17
C LEU A 76 0.62 -6.62 -11.18
N GLU A 77 0.31 -6.08 -12.36
CA GLU A 77 -0.83 -5.18 -12.51
C GLU A 77 -2.13 -5.89 -12.11
N GLU A 78 -2.37 -7.03 -12.73
CA GLU A 78 -3.57 -7.82 -12.45
C GLU A 78 -3.69 -8.12 -10.96
N LYS A 79 -2.60 -8.62 -10.37
CA LYS A 79 -2.58 -8.97 -8.96
C LYS A 79 -2.95 -7.77 -8.09
N VAL A 80 -2.56 -6.58 -8.53
CA VAL A 80 -2.87 -5.37 -7.79
C VAL A 80 -4.38 -5.10 -7.77
N MET A 81 -4.99 -5.15 -8.94
CA MET A 81 -6.43 -4.91 -9.06
C MET A 81 -7.22 -6.05 -8.42
N GLU A 82 -6.76 -7.27 -8.63
CA GLU A 82 -7.44 -8.44 -8.07
C GLU A 82 -7.46 -8.38 -6.54
N LEU A 83 -6.29 -8.20 -5.95
CA LEU A 83 -6.16 -8.12 -4.49
C LEU A 83 -7.04 -7.01 -3.93
N HIS A 84 -7.04 -5.86 -4.60
CA HIS A 84 -7.83 -4.71 -4.16
C HIS A 84 -9.29 -5.09 -3.99
N LYS A 85 -9.90 -5.60 -5.07
CA LYS A 85 -11.30 -6.01 -5.03
C LYS A 85 -11.49 -7.27 -4.20
N SER A 86 -10.43 -8.06 -4.07
CA SER A 86 -10.48 -9.30 -3.31
C SER A 86 -10.65 -9.02 -1.81
N TYR A 87 -10.19 -7.85 -1.38
CA TYR A 87 -10.31 -7.47 0.03
C TYR A 87 -11.73 -7.01 0.37
N ARG A 88 -12.30 -7.61 1.40
CA ARG A 88 -13.65 -7.25 1.82
C ARG A 88 -13.71 -5.80 2.31
N SER A 89 -14.70 -5.48 3.14
CA SER A 89 -14.85 -4.13 3.67
C SER A 89 -13.71 -3.80 4.62
N MET A 90 -12.53 -3.58 4.07
CA MET A 90 -11.36 -3.25 4.87
C MET A 90 -11.27 -1.75 5.13
N THR A 91 -10.73 -1.39 6.29
CA THR A 91 -10.60 0.02 6.67
C THR A 91 -9.19 0.51 6.38
N PRO A 92 -8.99 1.84 6.33
CA PRO A 92 -7.67 2.43 6.06
C PRO A 92 -6.61 1.89 7.01
N ALA A 93 -6.90 1.96 8.31
CA ALA A 93 -5.99 1.49 9.33
C ALA A 93 -5.49 0.08 9.03
N GLN A 94 -6.41 -0.79 8.61
CA GLN A 94 -6.06 -2.17 8.28
C GLN A 94 -4.99 -2.22 7.19
N ALA A 95 -5.21 -1.45 6.13
CA ALA A 95 -4.26 -1.39 5.02
C ALA A 95 -2.91 -0.88 5.50
N ASP A 96 -2.94 0.18 6.31
CA ASP A 96 -1.72 0.77 6.86
C ASP A 96 -0.93 -0.27 7.64
N LEU A 97 -1.65 -1.10 8.38
CA LEU A 97 -1.05 -2.15 9.19
C LEU A 97 -0.53 -3.30 8.31
N GLU A 98 -1.27 -3.61 7.25
CA GLU A 98 -0.90 -4.69 6.35
C GLU A 98 0.49 -4.48 5.73
N PHE A 99 0.70 -3.33 5.10
CA PHE A 99 1.98 -3.03 4.47
C PHE A 99 3.05 -2.80 5.52
N LEU A 100 2.72 -2.04 6.56
CA LEU A 100 3.67 -1.75 7.62
C LEU A 100 4.13 -3.05 8.30
N GLU A 101 3.18 -3.97 8.50
CA GLU A 101 3.50 -5.25 9.12
C GLU A 101 4.35 -6.11 8.21
N ASN A 102 4.13 -5.97 6.90
CA ASN A 102 4.90 -6.72 5.92
C ASN A 102 6.32 -6.19 5.84
N ALA A 103 6.44 -4.88 5.70
CA ALA A 103 7.74 -4.23 5.61
C ALA A 103 8.53 -4.45 6.89
N LYS A 104 7.84 -4.43 8.02
CA LYS A 104 8.48 -4.64 9.31
C LYS A 104 8.94 -6.09 9.46
N LYS A 105 8.20 -7.00 8.87
CA LYS A 105 8.54 -8.43 8.92
C LYS A 105 9.81 -8.71 8.12
N LEU A 106 10.16 -7.80 7.21
CA LEU A 106 11.34 -7.96 6.38
C LEU A 106 12.49 -7.08 6.85
N SER A 107 12.19 -6.12 7.74
CA SER A 107 13.21 -5.22 8.26
C SER A 107 13.82 -4.38 7.14
N MET A 108 13.06 -3.40 6.67
CA MET A 108 13.52 -2.52 5.60
C MET A 108 13.93 -1.16 6.15
N TYR A 109 13.33 -0.78 7.27
CA TYR A 109 13.63 0.50 7.91
C TYR A 109 13.91 0.32 9.39
N GLY A 1 1.74 14.74 33.90
CA GLY A 1 2.54 13.82 33.04
C GLY A 1 1.81 13.39 31.79
N SER A 2 2.29 12.32 31.17
CA SER A 2 1.67 11.80 29.96
C SER A 2 2.30 10.48 29.54
N HIS A 3 1.54 9.65 28.83
CA HIS A 3 2.02 8.35 28.38
C HIS A 3 1.68 8.14 26.91
N MET A 4 0.39 8.12 26.61
CA MET A 4 -0.09 7.91 25.24
C MET A 4 -0.58 9.22 24.63
N ASP A 5 -1.00 9.17 23.37
CA ASP A 5 -1.51 10.34 22.68
C ASP A 5 -2.90 10.07 22.10
N PRO A 6 -3.93 10.77 22.61
CA PRO A 6 -5.30 10.59 22.13
C PRO A 6 -5.51 11.17 20.72
N ALA A 7 -4.68 12.15 20.37
CA ALA A 7 -4.78 12.78 19.06
C ALA A 7 -4.14 11.92 17.98
N GLN A 8 -2.97 11.35 18.29
CA GLN A 8 -2.25 10.51 17.34
C GLN A 8 -1.89 11.28 16.09
N LEU A 9 -1.47 12.53 16.27
CA LEU A 9 -1.11 13.39 15.15
C LEU A 9 0.26 13.01 14.60
N THR A 10 1.26 12.94 15.47
CA THR A 10 2.61 12.59 15.05
C THR A 10 2.64 11.24 14.34
N GLU A 11 2.04 10.23 14.96
CA GLU A 11 2.01 8.90 14.39
C GLU A 11 1.40 8.93 12.98
N ASP A 12 0.50 9.89 12.77
CA ASP A 12 -0.13 10.04 11.47
C ASP A 12 0.87 10.64 10.48
N ILE A 13 1.55 11.69 10.91
CA ILE A 13 2.54 12.35 10.08
C ILE A 13 3.68 11.40 9.71
N THR A 14 4.17 10.67 10.70
CA THR A 14 5.27 9.73 10.48
C THR A 14 4.86 8.62 9.51
N ARG A 15 3.73 7.97 9.78
CA ARG A 15 3.26 6.87 8.94
C ARG A 15 3.14 7.29 7.48
N TYR A 16 2.51 8.43 7.23
CA TYR A 16 2.35 8.93 5.87
C TYR A 16 3.71 9.09 5.18
N TYR A 17 4.61 9.80 5.85
CA TYR A 17 5.94 10.03 5.30
C TYR A 17 6.73 8.71 5.20
N LEU A 18 6.41 7.77 6.07
CA LEU A 18 7.09 6.48 6.06
C LEU A 18 6.70 5.66 4.84
N CYS A 19 5.40 5.46 4.65
CA CYS A 19 4.89 4.70 3.51
C CYS A 19 5.39 5.29 2.21
N LEU A 20 5.44 6.62 2.14
CA LEU A 20 5.91 7.31 0.94
C LEU A 20 7.37 6.98 0.66
N GLN A 21 8.19 7.04 1.70
CA GLN A 21 9.61 6.74 1.56
C GLN A 21 9.84 5.28 1.21
N LEU A 22 9.19 4.39 1.96
CA LEU A 22 9.32 2.96 1.73
C LEU A 22 8.88 2.59 0.31
N ARG A 23 7.72 3.11 -0.09
CA ARG A 23 7.19 2.83 -1.42
C ARG A 23 8.09 3.43 -2.50
N GLN A 24 8.79 4.51 -2.16
CA GLN A 24 9.69 5.17 -3.10
C GLN A 24 10.92 4.32 -3.36
N ASP A 25 11.43 3.67 -2.31
CA ASP A 25 12.61 2.83 -2.43
C ASP A 25 12.30 1.55 -3.20
N ILE A 26 11.11 1.00 -2.98
CA ILE A 26 10.70 -0.22 -3.67
C ILE A 26 10.54 0.00 -5.17
N VAL A 27 9.75 1.00 -5.53
CA VAL A 27 9.52 1.31 -6.94
C VAL A 27 10.82 1.67 -7.67
N ALA A 28 11.75 2.28 -6.95
CA ALA A 28 13.02 2.68 -7.53
C ALA A 28 13.98 1.49 -7.64
N GLY A 29 13.55 0.32 -7.15
CA GLY A 29 14.40 -0.86 -7.21
C GLY A 29 15.64 -0.72 -6.37
N ARG A 30 15.50 -0.13 -5.18
CA ARG A 30 16.62 0.06 -4.28
C ARG A 30 16.71 -1.06 -3.24
N LEU A 31 15.85 -2.08 -3.39
CA LEU A 31 15.83 -3.20 -2.46
C LEU A 31 15.25 -4.44 -3.14
N PRO A 32 15.87 -5.62 -2.90
CA PRO A 32 15.40 -6.88 -3.48
C PRO A 32 14.09 -7.36 -2.87
N CYS A 33 13.08 -7.55 -3.71
CA CYS A 33 11.77 -8.01 -3.24
C CYS A 33 11.21 -9.07 -4.19
N SER A 34 10.15 -9.74 -3.76
CA SER A 34 9.52 -10.77 -4.56
C SER A 34 8.21 -10.27 -5.19
N PHE A 35 7.77 -10.95 -6.23
CA PHE A 35 6.53 -10.59 -6.92
C PHE A 35 5.36 -10.54 -5.95
N ALA A 36 5.22 -11.61 -5.15
CA ALA A 36 4.12 -11.71 -4.19
C ALA A 36 4.10 -10.51 -3.25
N THR A 37 5.26 -10.12 -2.73
CA THR A 37 5.34 -8.99 -1.82
C THR A 37 5.02 -7.70 -2.54
N LEU A 38 5.51 -7.57 -3.78
CA LEU A 38 5.26 -6.38 -4.57
C LEU A 38 3.76 -6.18 -4.75
N ALA A 39 3.06 -7.25 -5.12
CA ALA A 39 1.62 -7.21 -5.33
C ALA A 39 0.87 -7.03 -4.02
N LEU A 40 1.39 -7.62 -2.95
CA LEU A 40 0.75 -7.51 -1.64
C LEU A 40 0.86 -6.10 -1.08
N LEU A 41 2.08 -5.57 -1.06
CA LEU A 41 2.32 -4.22 -0.56
C LEU A 41 1.55 -3.21 -1.39
N GLY A 42 1.41 -3.49 -2.68
CA GLY A 42 0.69 -2.61 -3.57
C GLY A 42 -0.80 -2.66 -3.32
N SER A 43 -1.35 -3.87 -3.26
CA SER A 43 -2.78 -4.06 -3.02
C SER A 43 -3.24 -3.34 -1.77
N TYR A 44 -2.39 -3.32 -0.74
CA TYR A 44 -2.74 -2.66 0.51
C TYR A 44 -2.68 -1.14 0.36
N THR A 45 -1.61 -0.65 -0.25
CA THR A 45 -1.43 0.79 -0.46
C THR A 45 -2.58 1.34 -1.28
N ILE A 46 -2.96 0.63 -2.33
CA ILE A 46 -4.06 1.05 -3.19
C ILE A 46 -5.36 1.13 -2.39
N GLN A 47 -5.65 0.07 -1.63
CA GLN A 47 -6.85 0.02 -0.81
C GLN A 47 -6.89 1.19 0.17
N SER A 48 -5.72 1.54 0.71
CA SER A 48 -5.63 2.64 1.66
C SER A 48 -5.63 3.98 0.94
N GLU A 49 -5.21 3.99 -0.32
CA GLU A 49 -5.15 5.21 -1.10
C GLU A 49 -6.52 5.59 -1.64
N LEU A 50 -7.24 4.58 -2.11
CA LEU A 50 -8.55 4.80 -2.70
C LEU A 50 -9.67 4.20 -1.86
N GLY A 51 -9.31 3.60 -0.72
CA GLY A 51 -10.32 3.01 0.14
C GLY A 51 -10.78 1.65 -0.36
N ASP A 52 -11.89 1.63 -1.09
CA ASP A 52 -12.42 0.39 -1.63
C ASP A 52 -12.50 0.44 -3.15
N TYR A 53 -12.84 -0.70 -3.76
CA TYR A 53 -12.95 -0.77 -5.21
C TYR A 53 -14.11 0.09 -5.72
N ASP A 54 -13.78 1.22 -6.32
CA ASP A 54 -14.79 2.13 -6.85
C ASP A 54 -14.69 2.23 -8.37
N PRO A 55 -15.42 1.37 -9.09
CA PRO A 55 -15.41 1.36 -10.56
C PRO A 55 -15.84 2.70 -11.15
N GLU A 56 -16.60 3.46 -10.38
CA GLU A 56 -17.08 4.76 -10.83
C GLU A 56 -15.92 5.73 -11.05
N LEU A 57 -14.87 5.57 -10.26
CA LEU A 57 -13.70 6.44 -10.36
C LEU A 57 -12.76 5.96 -11.47
N HIS A 58 -12.51 4.65 -11.49
CA HIS A 58 -11.64 4.07 -12.51
C HIS A 58 -12.07 2.64 -12.84
N GLY A 59 -11.29 1.98 -13.69
CA GLY A 59 -11.61 0.61 -14.07
C GLY A 59 -10.72 0.09 -15.18
N VAL A 60 -10.18 -1.10 -15.00
CA VAL A 60 -9.31 -1.71 -16.00
C VAL A 60 -8.03 -0.91 -16.18
N ASP A 61 -6.90 -1.50 -15.79
CA ASP A 61 -5.60 -0.85 -15.92
C ASP A 61 -5.58 0.48 -15.16
N TYR A 62 -6.46 0.61 -14.17
CA TYR A 62 -6.53 1.82 -13.37
C TYR A 62 -5.29 1.96 -12.47
N VAL A 63 -4.65 0.82 -12.17
CA VAL A 63 -3.46 0.81 -11.33
C VAL A 63 -2.24 1.37 -12.07
N SER A 64 -2.40 1.60 -13.38
CA SER A 64 -1.33 2.13 -14.20
C SER A 64 -0.91 3.53 -13.77
N ASP A 65 -1.75 4.17 -12.95
CA ASP A 65 -1.46 5.51 -12.47
C ASP A 65 -0.61 5.48 -11.20
N PHE A 66 -0.72 4.38 -10.45
CA PHE A 66 0.03 4.22 -9.21
C PHE A 66 1.34 3.47 -9.47
N LYS A 67 2.44 4.03 -8.99
CA LYS A 67 3.75 3.42 -9.16
C LYS A 67 4.03 2.41 -8.06
N LEU A 68 3.69 1.15 -8.32
CA LEU A 68 3.90 0.08 -7.34
C LEU A 68 5.25 -0.60 -7.56
N ALA A 69 5.81 -0.44 -8.74
CA ALA A 69 7.10 -1.06 -9.07
C ALA A 69 7.62 -0.55 -10.41
N PRO A 70 8.94 -0.72 -10.66
CA PRO A 70 9.57 -0.28 -11.91
C PRO A 70 9.16 -1.14 -13.10
N ASN A 71 9.09 -2.45 -12.88
CA ASN A 71 8.70 -3.38 -13.93
C ASN A 71 7.30 -3.92 -13.70
N GLN A 72 6.30 -3.06 -13.88
CA GLN A 72 4.91 -3.44 -13.68
C GLN A 72 4.37 -4.20 -14.90
N THR A 73 3.92 -5.43 -14.67
CA THR A 73 3.38 -6.25 -15.75
C THR A 73 1.93 -6.63 -15.45
N LYS A 74 1.26 -7.18 -16.47
CA LYS A 74 -0.13 -7.60 -16.31
C LYS A 74 -0.30 -8.47 -15.08
N GLU A 75 0.73 -9.24 -14.76
CA GLU A 75 0.70 -10.13 -13.60
C GLU A 75 0.59 -9.30 -12.31
N LEU A 76 1.53 -8.39 -12.12
CA LEU A 76 1.54 -7.53 -10.94
C LEU A 76 0.29 -6.67 -10.90
N GLU A 77 -0.10 -6.17 -12.06
CA GLU A 77 -1.30 -5.32 -12.18
C GLU A 77 -2.54 -6.10 -11.76
N GLU A 78 -2.74 -7.26 -12.39
CA GLU A 78 -3.90 -8.10 -12.09
C GLU A 78 -3.97 -8.42 -10.60
N LYS A 79 -2.87 -8.89 -10.04
CA LYS A 79 -2.81 -9.26 -8.63
C LYS A 79 -3.19 -8.07 -7.73
N VAL A 80 -2.82 -6.87 -8.16
CA VAL A 80 -3.14 -5.68 -7.38
C VAL A 80 -4.64 -5.41 -7.36
N MET A 81 -5.26 -5.39 -8.53
CA MET A 81 -6.70 -5.14 -8.64
C MET A 81 -7.50 -6.29 -8.06
N GLU A 82 -7.06 -7.52 -8.33
CA GLU A 82 -7.74 -8.71 -7.84
C GLU A 82 -7.75 -8.75 -6.32
N LEU A 83 -6.56 -8.64 -5.73
CA LEU A 83 -6.43 -8.67 -4.28
C LEU A 83 -7.26 -7.57 -3.63
N HIS A 84 -7.26 -6.40 -4.25
CA HIS A 84 -8.02 -5.26 -3.75
C HIS A 84 -9.51 -5.61 -3.65
N LYS A 85 -10.07 -6.06 -4.76
CA LYS A 85 -11.48 -6.44 -4.82
C LYS A 85 -11.75 -7.66 -3.96
N SER A 86 -10.76 -8.54 -3.87
CA SER A 86 -10.88 -9.77 -3.09
C SER A 86 -11.27 -9.47 -1.64
N TYR A 87 -10.98 -8.26 -1.18
CA TYR A 87 -11.29 -7.85 0.19
C TYR A 87 -12.69 -7.22 0.27
N ARG A 88 -12.76 -5.90 0.05
CA ARG A 88 -14.02 -5.17 0.09
C ARG A 88 -14.62 -5.14 1.51
N SER A 89 -13.94 -5.76 2.46
CA SER A 89 -14.41 -5.80 3.84
C SER A 89 -13.28 -5.50 4.82
N MET A 90 -12.33 -4.68 4.38
CA MET A 90 -11.19 -4.32 5.20
C MET A 90 -11.24 -2.84 5.57
N THR A 91 -10.67 -2.49 6.73
CA THR A 91 -10.64 -1.11 7.18
C THR A 91 -9.30 -0.47 6.89
N PRO A 92 -9.23 0.88 6.88
CA PRO A 92 -8.00 1.61 6.61
C PRO A 92 -6.86 1.12 7.49
N ALA A 93 -7.09 1.13 8.79
CA ALA A 93 -6.09 0.69 9.76
C ALA A 93 -5.54 -0.69 9.41
N GLN A 94 -6.43 -1.59 9.01
CA GLN A 94 -6.01 -2.94 8.64
C GLN A 94 -4.98 -2.90 7.51
N ALA A 95 -5.25 -2.07 6.51
CA ALA A 95 -4.34 -1.93 5.38
C ALA A 95 -3.04 -1.29 5.81
N ASP A 96 -3.14 -0.23 6.60
CA ASP A 96 -1.97 0.48 7.10
C ASP A 96 -1.07 -0.47 7.89
N LEU A 97 -1.70 -1.32 8.70
CA LEU A 97 -0.97 -2.30 9.50
C LEU A 97 -0.42 -3.42 8.63
N GLU A 98 -1.15 -3.75 7.58
CA GLU A 98 -0.75 -4.82 6.67
C GLU A 98 0.61 -4.55 6.04
N PHE A 99 0.76 -3.39 5.41
CA PHE A 99 2.01 -3.04 4.76
C PHE A 99 3.10 -2.74 5.80
N LEU A 100 2.74 -2.01 6.84
CA LEU A 100 3.69 -1.66 7.89
C LEU A 100 4.22 -2.93 8.57
N GLU A 101 3.31 -3.87 8.82
CA GLU A 101 3.68 -5.13 9.46
C GLU A 101 4.54 -5.98 8.53
N ASN A 102 4.28 -5.86 7.24
CA ASN A 102 5.04 -6.62 6.24
C ASN A 102 6.44 -6.05 6.10
N ALA A 103 6.51 -4.72 5.94
CA ALA A 103 7.79 -4.04 5.79
C ALA A 103 8.64 -4.21 7.05
N LYS A 104 7.98 -4.19 8.20
CA LYS A 104 8.67 -4.35 9.48
C LYS A 104 9.20 -5.76 9.63
N LYS A 105 8.44 -6.74 9.13
CA LYS A 105 8.84 -8.14 9.20
C LYS A 105 9.91 -8.47 8.17
N LEU A 106 9.99 -7.64 7.12
CA LEU A 106 10.98 -7.85 6.06
C LEU A 106 12.26 -7.07 6.33
N SER A 107 12.28 -6.31 7.42
CA SER A 107 13.45 -5.51 7.78
C SER A 107 13.73 -4.46 6.72
N MET A 108 12.67 -3.89 6.15
CA MET A 108 12.80 -2.87 5.12
C MET A 108 13.31 -1.56 5.71
N TYR A 109 12.98 -1.32 6.98
CA TYR A 109 13.40 -0.11 7.67
C TYR A 109 14.86 -0.22 8.11
N GLY A 1 -8.04 16.51 35.68
CA GLY A 1 -8.55 17.73 35.01
C GLY A 1 -8.71 17.57 33.51
N SER A 2 -8.93 16.34 33.08
CA SER A 2 -9.09 16.04 31.66
C SER A 2 -7.85 16.42 30.88
N HIS A 3 -7.05 15.41 30.51
CA HIS A 3 -5.83 15.64 29.75
C HIS A 3 -5.89 14.94 28.40
N MET A 4 -5.56 15.69 27.34
CA MET A 4 -5.57 15.15 25.99
C MET A 4 -4.16 14.81 25.53
N ASP A 5 -4.07 13.93 24.53
CA ASP A 5 -2.77 13.51 24.00
C ASP A 5 -2.44 14.29 22.73
N PRO A 6 -1.58 15.32 22.84
CA PRO A 6 -1.19 16.15 21.69
C PRO A 6 -0.30 15.39 20.69
N ALA A 7 0.16 14.21 21.10
CA ALA A 7 1.02 13.39 20.24
C ALA A 7 0.22 12.31 19.55
N GLN A 8 -1.05 12.60 19.25
CA GLN A 8 -1.92 11.64 18.59
C GLN A 8 -1.83 11.78 17.06
N LEU A 9 -1.16 12.82 16.59
CA LEU A 9 -1.01 13.06 15.16
C LEU A 9 0.37 12.61 14.67
N THR A 10 1.31 12.45 15.59
CA THR A 10 2.66 12.04 15.23
C THR A 10 2.64 10.72 14.45
N GLU A 11 1.95 9.72 14.99
CA GLU A 11 1.87 8.42 14.35
C GLU A 11 1.36 8.56 12.91
N ASP A 12 0.54 9.58 12.67
CA ASP A 12 0.01 9.83 11.34
C ASP A 12 1.10 10.39 10.45
N ILE A 13 1.81 11.38 10.98
CA ILE A 13 2.90 12.02 10.25
C ILE A 13 3.99 11.01 9.89
N THR A 14 4.38 10.20 10.88
CA THR A 14 5.42 9.20 10.68
C THR A 14 4.97 8.15 9.65
N ARG A 15 3.78 7.59 9.84
CA ARG A 15 3.26 6.57 8.95
C ARG A 15 3.25 7.04 7.51
N TYR A 16 2.68 8.22 7.26
CA TYR A 16 2.62 8.77 5.92
C TYR A 16 4.01 8.83 5.30
N TYR A 17 4.94 9.46 6.01
CA TYR A 17 6.31 9.59 5.54
C TYR A 17 6.98 8.22 5.41
N LEU A 18 6.54 7.27 6.22
CA LEU A 18 7.09 5.92 6.20
C LEU A 18 6.69 5.20 4.91
N CYS A 19 5.39 5.14 4.66
CA CYS A 19 4.88 4.49 3.45
C CYS A 19 5.55 5.05 2.21
N LEU A 20 5.69 6.37 2.15
CA LEU A 20 6.32 7.03 1.01
C LEU A 20 7.77 6.60 0.89
N GLN A 21 8.44 6.45 2.03
CA GLN A 21 9.84 6.04 2.05
C GLN A 21 10.01 4.62 1.53
N LEU A 22 9.15 3.72 2.01
CA LEU A 22 9.20 2.32 1.59
C LEU A 22 8.77 2.17 0.14
N ARG A 23 7.84 3.01 -0.29
CA ARG A 23 7.34 2.95 -1.67
C ARG A 23 8.36 3.53 -2.65
N GLN A 24 9.11 4.54 -2.22
CA GLN A 24 10.11 5.15 -3.07
C GLN A 24 11.30 4.23 -3.27
N ASP A 25 11.69 3.52 -2.21
CA ASP A 25 12.82 2.60 -2.28
C ASP A 25 12.49 1.38 -3.12
N ILE A 26 11.30 0.82 -2.92
CA ILE A 26 10.88 -0.36 -3.66
C ILE A 26 10.80 -0.09 -5.16
N VAL A 27 10.06 0.95 -5.53
CA VAL A 27 9.90 1.31 -6.94
C VAL A 27 11.26 1.58 -7.60
N ALA A 28 12.21 2.08 -6.82
CA ALA A 28 13.53 2.38 -7.34
C ALA A 28 14.42 1.13 -7.36
N GLY A 29 13.89 0.02 -6.85
CA GLY A 29 14.66 -1.21 -6.82
C GLY A 29 15.85 -1.13 -5.90
N ARG A 30 15.67 -0.47 -4.76
CA ARG A 30 16.75 -0.32 -3.79
C ARG A 30 16.73 -1.44 -2.76
N LEU A 31 15.82 -2.41 -2.94
CA LEU A 31 15.71 -3.53 -2.02
C LEU A 31 15.16 -4.76 -2.74
N PRO A 32 15.71 -5.96 -2.45
CA PRO A 32 15.28 -7.20 -3.07
C PRO A 32 13.95 -7.70 -2.51
N CYS A 33 12.97 -7.89 -3.40
CA CYS A 33 11.65 -8.35 -3.00
C CYS A 33 11.11 -9.37 -4.00
N SER A 34 10.03 -10.04 -3.63
CA SER A 34 9.41 -11.03 -4.51
C SER A 34 8.16 -10.48 -5.17
N PHE A 35 7.72 -11.13 -6.24
CA PHE A 35 6.54 -10.71 -6.98
C PHE A 35 5.32 -10.63 -6.06
N ALA A 36 5.11 -11.69 -5.28
CA ALA A 36 3.97 -11.75 -4.37
C ALA A 36 3.95 -10.56 -3.42
N THR A 37 5.09 -10.25 -2.80
CA THR A 37 5.17 -9.14 -1.87
C THR A 37 4.94 -7.82 -2.60
N LEU A 38 5.53 -7.69 -3.79
CA LEU A 38 5.37 -6.48 -4.59
C LEU A 38 3.89 -6.21 -4.85
N ALA A 39 3.17 -7.25 -5.26
CA ALA A 39 1.75 -7.14 -5.54
C ALA A 39 0.93 -6.93 -4.27
N LEU A 40 1.36 -7.56 -3.18
CA LEU A 40 0.66 -7.43 -1.91
C LEU A 40 0.79 -6.02 -1.36
N LEU A 41 2.02 -5.52 -1.27
CA LEU A 41 2.27 -4.17 -0.77
C LEU A 41 1.60 -3.14 -1.67
N GLY A 42 1.55 -3.44 -2.96
CA GLY A 42 0.93 -2.53 -3.90
C GLY A 42 -0.58 -2.51 -3.75
N SER A 43 -1.19 -3.70 -3.77
CA SER A 43 -2.64 -3.82 -3.65
C SER A 43 -3.15 -3.12 -2.39
N TYR A 44 -2.35 -3.14 -1.33
CA TYR A 44 -2.73 -2.51 -0.07
C TYR A 44 -2.64 -0.98 -0.20
N THR A 45 -1.55 -0.50 -0.74
CA THR A 45 -1.35 0.93 -0.92
C THR A 45 -2.44 1.52 -1.80
N ILE A 46 -2.83 0.79 -2.83
CA ILE A 46 -3.89 1.25 -3.73
C ILE A 46 -5.21 1.35 -2.98
N GLN A 47 -5.56 0.31 -2.25
CA GLN A 47 -6.81 0.30 -1.49
C GLN A 47 -6.84 1.43 -0.47
N SER A 48 -5.69 1.71 0.14
CA SER A 48 -5.58 2.78 1.13
C SER A 48 -5.52 4.15 0.47
N GLU A 49 -4.98 4.19 -0.75
CA GLU A 49 -4.84 5.45 -1.48
C GLU A 49 -6.15 5.87 -2.10
N LEU A 50 -6.87 4.90 -2.66
CA LEU A 50 -8.13 5.17 -3.33
C LEU A 50 -9.32 4.63 -2.54
N GLY A 51 -9.06 4.01 -1.39
CA GLY A 51 -10.12 3.47 -0.58
C GLY A 51 -10.64 2.14 -1.11
N ASP A 52 -11.80 1.74 -0.63
CA ASP A 52 -12.42 0.49 -1.06
C ASP A 52 -12.67 0.50 -2.56
N TYR A 53 -12.90 -0.68 -3.14
CA TYR A 53 -13.15 -0.81 -4.57
C TYR A 53 -14.56 -0.38 -4.91
N ASP A 54 -14.71 0.36 -6.00
CA ASP A 54 -16.02 0.85 -6.44
C ASP A 54 -16.30 0.41 -7.87
N PRO A 55 -16.95 -0.77 -8.05
CA PRO A 55 -17.28 -1.29 -9.37
C PRO A 55 -18.18 -0.35 -10.16
N GLU A 56 -19.06 0.35 -9.46
CA GLU A 56 -19.98 1.29 -10.10
C GLU A 56 -19.22 2.41 -10.80
N LEU A 57 -18.06 2.76 -10.24
CA LEU A 57 -17.24 3.82 -10.82
C LEU A 57 -16.43 3.30 -12.02
N HIS A 58 -16.24 1.99 -12.07
CA HIS A 58 -15.50 1.37 -13.17
C HIS A 58 -14.04 1.83 -13.17
N GLY A 59 -13.23 1.21 -12.31
CA GLY A 59 -11.83 1.57 -12.23
C GLY A 59 -10.95 0.35 -12.01
N VAL A 60 -10.02 0.11 -12.93
CA VAL A 60 -9.11 -1.01 -12.82
C VAL A 60 -7.71 -0.66 -13.32
N ASP A 61 -7.64 0.17 -14.35
CA ASP A 61 -6.35 0.57 -14.91
C ASP A 61 -5.78 1.80 -14.20
N TYR A 62 -6.28 2.09 -13.01
CA TYR A 62 -5.81 3.24 -12.24
C TYR A 62 -4.50 2.92 -11.52
N VAL A 63 -4.04 1.68 -11.64
CA VAL A 63 -2.81 1.25 -10.99
C VAL A 63 -1.59 1.88 -11.66
N SER A 64 -1.74 2.22 -12.94
CA SER A 64 -0.65 2.84 -13.70
C SER A 64 -0.27 4.20 -13.14
N ASP A 65 -1.14 4.75 -12.29
CA ASP A 65 -0.89 6.06 -11.68
C ASP A 65 -0.01 5.91 -10.44
N PHE A 66 -0.14 4.78 -9.75
CA PHE A 66 0.63 4.51 -8.55
C PHE A 66 1.81 3.61 -8.85
N LYS A 67 3.02 4.10 -8.57
CA LYS A 67 4.24 3.34 -8.82
C LYS A 67 4.44 2.26 -7.76
N LEU A 68 4.08 1.02 -8.09
CA LEU A 68 4.23 -0.09 -7.17
C LEU A 68 5.58 -0.79 -7.34
N ALA A 69 6.20 -0.59 -8.51
CA ALA A 69 7.48 -1.20 -8.79
C ALA A 69 8.08 -0.64 -10.09
N PRO A 70 9.40 -0.81 -10.29
CA PRO A 70 10.08 -0.33 -11.50
C PRO A 70 9.70 -1.11 -12.74
N ASN A 71 9.60 -2.43 -12.59
CA ASN A 71 9.24 -3.30 -13.71
C ASN A 71 7.82 -3.84 -13.55
N GLN A 72 6.84 -2.95 -13.70
CA GLN A 72 5.44 -3.34 -13.56
C GLN A 72 4.93 -4.02 -14.83
N THR A 73 4.49 -5.27 -14.68
CA THR A 73 3.98 -6.05 -15.81
C THR A 73 2.52 -6.42 -15.59
N LYS A 74 1.88 -6.92 -16.64
CA LYS A 74 0.48 -7.32 -16.57
C LYS A 74 0.24 -8.21 -15.35
N GLU A 75 1.23 -9.04 -15.02
CA GLU A 75 1.11 -9.93 -13.87
C GLU A 75 0.98 -9.14 -12.58
N LEU A 76 1.97 -8.31 -12.29
CA LEU A 76 1.96 -7.49 -11.08
C LEU A 76 0.74 -6.56 -11.09
N GLU A 77 0.44 -6.01 -12.24
CA GLU A 77 -0.71 -5.12 -12.39
C GLU A 77 -2.01 -5.84 -12.03
N GLU A 78 -2.24 -6.97 -12.68
CA GLU A 78 -3.44 -7.77 -12.43
C GLU A 78 -3.55 -8.13 -10.96
N LYS A 79 -2.46 -8.63 -10.39
CA LYS A 79 -2.45 -9.04 -8.99
C LYS A 79 -2.84 -7.88 -8.08
N VAL A 80 -2.47 -6.67 -8.47
CA VAL A 80 -2.79 -5.49 -7.68
C VAL A 80 -4.30 -5.23 -7.66
N MET A 81 -4.90 -5.26 -8.86
CA MET A 81 -6.33 -5.03 -8.99
C MET A 81 -7.13 -6.19 -8.38
N GLU A 82 -6.67 -7.41 -8.62
CA GLU A 82 -7.33 -8.59 -8.09
C GLU A 82 -7.36 -8.58 -6.56
N LEU A 83 -6.21 -8.26 -5.97
CA LEU A 83 -6.10 -8.21 -4.51
C LEU A 83 -6.98 -7.10 -3.94
N HIS A 84 -6.99 -5.95 -4.60
CA HIS A 84 -7.80 -4.82 -4.16
C HIS A 84 -9.26 -5.20 -4.05
N LYS A 85 -9.83 -5.69 -5.15
CA LYS A 85 -11.23 -6.08 -5.18
C LYS A 85 -11.45 -7.37 -4.37
N SER A 86 -10.40 -8.18 -4.28
CA SER A 86 -10.47 -9.44 -3.54
C SER A 86 -10.79 -9.20 -2.06
N TYR A 87 -10.38 -8.03 -1.56
CA TYR A 87 -10.61 -7.68 -0.17
C TYR A 87 -11.99 -7.02 0.01
N ARG A 88 -12.02 -5.69 -0.07
CA ARG A 88 -13.28 -4.96 0.09
C ARG A 88 -13.80 -5.08 1.52
N SER A 89 -14.44 -4.03 2.01
CA SER A 89 -14.98 -4.00 3.37
C SER A 89 -13.85 -3.80 4.39
N MET A 90 -12.77 -3.17 3.95
CA MET A 90 -11.63 -2.90 4.83
C MET A 90 -11.53 -1.41 5.14
N THR A 91 -10.85 -1.10 6.25
CA THR A 91 -10.67 0.29 6.66
C THR A 91 -9.24 0.74 6.43
N PRO A 92 -9.00 2.06 6.41
CA PRO A 92 -7.65 2.61 6.20
C PRO A 92 -6.64 2.04 7.18
N ALA A 93 -6.98 2.09 8.47
CA ALA A 93 -6.10 1.56 9.52
C ALA A 93 -5.64 0.15 9.20
N GLN A 94 -6.56 -0.70 8.81
CA GLN A 94 -6.25 -2.09 8.48
C GLN A 94 -5.20 -2.15 7.37
N ALA A 95 -5.45 -1.44 6.28
CA ALA A 95 -4.52 -1.40 5.15
C ALA A 95 -3.16 -0.87 5.60
N ASP A 96 -3.19 0.19 6.41
CA ASP A 96 -1.96 0.78 6.93
C ASP A 96 -1.14 -0.26 7.68
N LEU A 97 -1.84 -1.12 8.41
CA LEU A 97 -1.22 -2.18 9.19
C LEU A 97 -0.69 -3.29 8.29
N GLU A 98 -1.42 -3.59 7.22
CA GLU A 98 -1.04 -4.65 6.30
C GLU A 98 0.34 -4.39 5.67
N PHE A 99 0.50 -3.22 5.04
CA PHE A 99 1.76 -2.89 4.39
C PHE A 99 2.86 -2.65 5.43
N LEU A 100 2.55 -1.88 6.47
CA LEU A 100 3.52 -1.59 7.52
C LEU A 100 3.98 -2.88 8.19
N GLU A 101 3.04 -3.80 8.39
CA GLU A 101 3.35 -5.07 9.03
C GLU A 101 4.20 -5.93 8.11
N ASN A 102 3.99 -5.80 6.81
CA ASN A 102 4.75 -6.56 5.83
C ASN A 102 6.16 -6.01 5.72
N ALA A 103 6.26 -4.69 5.56
CA ALA A 103 7.56 -4.02 5.44
C ALA A 103 8.37 -4.22 6.72
N LYS A 104 7.69 -4.20 7.85
CA LYS A 104 8.34 -4.37 9.15
C LYS A 104 8.79 -5.83 9.33
N LYS A 105 8.02 -6.74 8.76
CA LYS A 105 8.34 -8.17 8.84
C LYS A 105 9.50 -8.54 7.92
N LEU A 106 9.73 -7.71 6.92
CA LEU A 106 10.81 -7.95 5.96
C LEU A 106 12.12 -7.30 6.42
N SER A 107 12.01 -6.37 7.38
CA SER A 107 13.18 -5.69 7.90
C SER A 107 13.81 -4.79 6.83
N MET A 108 12.97 -4.07 6.11
CA MET A 108 13.43 -3.18 5.05
C MET A 108 14.09 -1.94 5.65
N TYR A 109 13.62 -1.53 6.83
CA TYR A 109 14.16 -0.36 7.51
C TYR A 109 14.50 -0.68 8.96
N GLY A 1 -10.19 13.91 33.11
CA GLY A 1 -10.29 12.92 31.99
C GLY A 1 -9.46 13.33 30.79
N SER A 2 -9.05 12.34 29.99
CA SER A 2 -8.25 12.61 28.81
C SER A 2 -8.49 11.54 27.74
N HIS A 3 -9.52 11.74 26.93
CA HIS A 3 -9.85 10.80 25.87
C HIS A 3 -9.30 11.27 24.52
N MET A 4 -8.18 11.98 24.56
CA MET A 4 -7.56 12.50 23.34
C MET A 4 -6.11 12.91 23.61
N ASP A 5 -5.20 12.41 22.80
CA ASP A 5 -3.78 12.73 22.95
C ASP A 5 -3.37 13.82 21.98
N PRO A 6 -2.85 14.95 22.48
CA PRO A 6 -2.41 16.06 21.64
C PRO A 6 -1.13 15.75 20.86
N ALA A 7 -0.48 14.64 21.21
CA ALA A 7 0.75 14.24 20.56
C ALA A 7 0.50 13.09 19.58
N GLN A 8 -0.71 13.06 19.01
CA GLN A 8 -1.07 12.01 18.06
C GLN A 8 -0.81 12.46 16.62
N LEU A 9 0.02 13.49 16.46
CA LEU A 9 0.35 14.01 15.15
C LEU A 9 1.64 13.39 14.62
N THR A 10 2.57 13.12 15.53
CA THR A 10 3.85 12.52 15.16
C THR A 10 3.65 11.14 14.54
N GLU A 11 2.94 10.28 15.25
CA GLU A 11 2.68 8.92 14.76
C GLU A 11 1.98 8.94 13.40
N ASP A 12 1.12 9.92 13.19
CA ASP A 12 0.40 10.03 11.93
C ASP A 12 1.33 10.56 10.85
N ILE A 13 2.02 11.65 11.15
CA ILE A 13 2.95 12.26 10.21
C ILE A 13 4.11 11.32 9.90
N THR A 14 4.62 10.64 10.93
CA THR A 14 5.73 9.72 10.73
C THR A 14 5.32 8.58 9.78
N ARG A 15 4.20 7.93 10.09
CA ARG A 15 3.70 6.83 9.27
C ARG A 15 3.56 7.26 7.81
N TYR A 16 2.91 8.40 7.60
CA TYR A 16 2.70 8.93 6.25
C TYR A 16 4.02 8.97 5.47
N TYR A 17 5.00 9.70 6.01
CA TYR A 17 6.30 9.82 5.38
C TYR A 17 6.96 8.45 5.23
N LEU A 18 6.87 7.64 6.28
CA LEU A 18 7.45 6.31 6.28
C LEU A 18 7.01 5.51 5.06
N CYS A 19 5.69 5.40 4.88
CA CYS A 19 5.13 4.67 3.75
C CYS A 19 5.62 5.25 2.43
N LEU A 20 5.72 6.57 2.36
CA LEU A 20 6.18 7.24 1.16
C LEU A 20 7.62 6.87 0.84
N GLN A 21 8.48 6.90 1.86
CA GLN A 21 9.88 6.55 1.69
C GLN A 21 10.05 5.09 1.28
N LEU A 22 9.37 4.20 2.00
CA LEU A 22 9.43 2.77 1.72
C LEU A 22 9.04 2.48 0.28
N ARG A 23 7.90 3.02 -0.14
CA ARG A 23 7.40 2.82 -1.49
C ARG A 23 8.34 3.44 -2.52
N GLN A 24 9.04 4.49 -2.11
CA GLN A 24 9.98 5.17 -3.00
C GLN A 24 11.22 4.32 -3.26
N ASP A 25 11.69 3.65 -2.22
CA ASP A 25 12.88 2.80 -2.34
C ASP A 25 12.58 1.54 -3.16
N ILE A 26 11.37 1.02 -3.01
CA ILE A 26 10.96 -0.18 -3.72
C ILE A 26 10.84 0.07 -5.23
N VAL A 27 10.08 1.11 -5.59
CA VAL A 27 9.89 1.46 -6.99
C VAL A 27 11.20 1.77 -7.69
N ALA A 28 12.15 2.32 -6.94
CA ALA A 28 13.45 2.67 -7.50
C ALA A 28 14.38 1.45 -7.56
N GLY A 29 13.90 0.31 -7.07
CA GLY A 29 14.71 -0.90 -7.08
C GLY A 29 15.89 -0.81 -6.13
N ARG A 30 15.68 -0.12 -5.01
CA ARG A 30 16.74 0.03 -4.00
C ARG A 30 16.70 -1.11 -2.98
N LEU A 31 15.80 -2.06 -3.17
CA LEU A 31 15.68 -3.19 -2.26
C LEU A 31 15.08 -4.41 -2.98
N PRO A 32 15.68 -5.60 -2.79
CA PRO A 32 15.20 -6.83 -3.43
C PRO A 32 13.88 -7.31 -2.84
N CYS A 33 12.88 -7.48 -3.70
CA CYS A 33 11.57 -7.95 -3.26
C CYS A 33 10.98 -8.94 -4.27
N SER A 34 10.26 -9.92 -3.77
CA SER A 34 9.66 -10.94 -4.62
C SER A 34 8.35 -10.43 -5.23
N PHE A 35 7.92 -11.09 -6.31
CA PHE A 35 6.69 -10.72 -6.99
C PHE A 35 5.51 -10.66 -6.02
N ALA A 36 5.38 -11.70 -5.19
CA ALA A 36 4.28 -11.78 -4.24
C ALA A 36 4.25 -10.56 -3.32
N THR A 37 5.38 -10.24 -2.70
CA THR A 37 5.44 -9.08 -1.80
C THR A 37 5.11 -7.81 -2.55
N LEU A 38 5.69 -7.64 -3.73
CA LEU A 38 5.44 -6.45 -4.55
C LEU A 38 3.95 -6.25 -4.74
N ALA A 39 3.27 -7.33 -5.14
CA ALA A 39 1.83 -7.29 -5.36
C ALA A 39 1.05 -7.07 -4.07
N LEU A 40 1.55 -7.65 -2.98
CA LEU A 40 0.88 -7.52 -1.68
C LEU A 40 0.97 -6.09 -1.16
N LEU A 41 2.18 -5.55 -1.12
CA LEU A 41 2.39 -4.18 -0.66
C LEU A 41 1.63 -3.19 -1.52
N GLY A 42 1.54 -3.51 -2.82
CA GLY A 42 0.83 -2.64 -3.73
C GLY A 42 -0.68 -2.69 -3.52
N SER A 43 -1.22 -3.91 -3.48
CA SER A 43 -2.65 -4.11 -3.29
C SER A 43 -3.15 -3.39 -2.03
N TYR A 44 -2.32 -3.34 -0.99
CA TYR A 44 -2.69 -2.68 0.25
C TYR A 44 -2.63 -1.16 0.09
N THR A 45 -1.57 -0.69 -0.56
CA THR A 45 -1.39 0.75 -0.78
C THR A 45 -2.48 1.31 -1.68
N ILE A 46 -2.83 0.54 -2.71
CA ILE A 46 -3.87 0.95 -3.65
C ILE A 46 -5.23 1.05 -2.95
N GLN A 47 -5.59 -0.01 -2.24
CA GLN A 47 -6.87 -0.04 -1.52
C GLN A 47 -6.94 1.09 -0.50
N SER A 48 -5.81 1.40 0.11
CA SER A 48 -5.74 2.46 1.10
C SER A 48 -5.72 3.85 0.44
N GLU A 49 -5.22 3.90 -0.78
CA GLU A 49 -5.12 5.15 -1.51
C GLU A 49 -6.46 5.51 -2.14
N LEU A 50 -7.11 4.53 -2.73
CA LEU A 50 -8.39 4.75 -3.40
C LEU A 50 -9.56 4.18 -2.60
N GLY A 51 -9.26 3.56 -1.45
CA GLY A 51 -10.31 3.00 -0.63
C GLY A 51 -10.87 1.71 -1.20
N ASP A 52 -12.04 1.33 -0.73
CA ASP A 52 -12.69 0.10 -1.20
C ASP A 52 -12.93 0.15 -2.70
N TYR A 53 -12.90 -1.01 -3.34
CA TYR A 53 -13.11 -1.09 -4.78
C TYR A 53 -14.50 -0.59 -5.16
N ASP A 54 -14.56 0.60 -5.75
CA ASP A 54 -15.82 1.20 -6.16
C ASP A 54 -15.95 1.22 -7.69
N PRO A 55 -16.69 0.25 -8.27
CA PRO A 55 -16.87 0.17 -9.71
C PRO A 55 -17.75 1.30 -10.26
N GLU A 56 -18.46 1.98 -9.37
CA GLU A 56 -19.33 3.08 -9.76
C GLU A 56 -18.52 4.33 -10.11
N LEU A 57 -17.37 4.49 -9.47
CA LEU A 57 -16.52 5.65 -9.72
C LEU A 57 -15.41 5.31 -10.70
N HIS A 58 -14.76 4.17 -10.49
CA HIS A 58 -13.68 3.74 -11.36
C HIS A 58 -13.88 2.30 -11.82
N GLY A 59 -12.92 1.78 -12.58
CA GLY A 59 -13.02 0.42 -13.07
C GLY A 59 -11.73 -0.36 -12.86
N VAL A 60 -10.88 -0.37 -13.88
CA VAL A 60 -9.61 -1.09 -13.80
C VAL A 60 -8.52 -0.36 -14.59
N ASP A 61 -7.30 -0.88 -14.52
CA ASP A 61 -6.17 -0.29 -15.23
C ASP A 61 -5.73 1.03 -14.59
N TYR A 62 -6.29 1.34 -13.43
CA TYR A 62 -5.95 2.58 -12.73
C TYR A 62 -4.64 2.43 -11.94
N VAL A 63 -4.17 1.18 -11.83
CA VAL A 63 -2.94 0.91 -11.10
C VAL A 63 -1.73 1.52 -11.81
N SER A 64 -1.89 1.82 -13.09
CA SER A 64 -0.82 2.41 -13.89
C SER A 64 -0.41 3.78 -13.36
N ASP A 65 -1.23 4.36 -12.48
CA ASP A 65 -0.94 5.66 -11.91
C ASP A 65 -0.08 5.53 -10.66
N PHE A 66 -0.22 4.39 -9.97
CA PHE A 66 0.55 4.13 -8.76
C PHE A 66 1.77 3.28 -9.06
N LYS A 67 2.95 3.81 -8.75
CA LYS A 67 4.20 3.10 -8.99
C LYS A 67 4.38 1.95 -8.00
N LEU A 68 4.03 0.75 -8.43
CA LEU A 68 4.14 -0.44 -7.58
C LEU A 68 5.55 -1.02 -7.64
N ALA A 69 6.25 -0.75 -8.74
CA ALA A 69 7.61 -1.26 -8.91
C ALA A 69 8.23 -0.73 -10.21
N PRO A 70 9.56 -0.89 -10.37
CA PRO A 70 10.27 -0.42 -11.57
C PRO A 70 9.90 -1.24 -12.81
N ASN A 71 9.73 -2.54 -12.62
CA ASN A 71 9.37 -3.43 -13.73
C ASN A 71 7.97 -3.98 -13.54
N GLN A 72 6.97 -3.11 -13.66
CA GLN A 72 5.58 -3.51 -13.51
C GLN A 72 5.10 -4.29 -14.73
N THR A 73 4.64 -5.52 -14.49
CA THR A 73 4.15 -6.37 -15.57
C THR A 73 2.68 -6.71 -15.37
N LYS A 74 2.02 -7.14 -16.46
CA LYS A 74 0.61 -7.48 -16.41
C LYS A 74 0.30 -8.36 -15.20
N GLU A 75 1.21 -9.27 -14.87
CA GLU A 75 1.03 -10.16 -13.74
C GLU A 75 0.92 -9.37 -12.44
N LEU A 76 1.90 -8.49 -12.20
CA LEU A 76 1.90 -7.67 -11.00
C LEU A 76 0.66 -6.77 -10.96
N GLU A 77 0.37 -6.14 -12.10
CA GLU A 77 -0.79 -5.26 -12.20
C GLU A 77 -2.08 -6.02 -11.86
N GLU A 78 -2.29 -7.14 -12.56
CA GLU A 78 -3.49 -7.96 -12.34
C GLU A 78 -3.63 -8.31 -10.87
N LYS A 79 -2.55 -8.83 -10.28
CA LYS A 79 -2.56 -9.24 -8.89
C LYS A 79 -2.93 -8.07 -7.98
N VAL A 80 -2.57 -6.85 -8.39
CA VAL A 80 -2.88 -5.66 -7.61
C VAL A 80 -4.39 -5.41 -7.57
N MET A 81 -5.00 -5.37 -8.74
CA MET A 81 -6.44 -5.14 -8.85
C MET A 81 -7.23 -6.32 -8.30
N GLU A 82 -6.74 -7.52 -8.56
CA GLU A 82 -7.41 -8.73 -8.08
C GLU A 82 -7.55 -8.73 -6.57
N LEU A 83 -6.44 -8.54 -5.87
CA LEU A 83 -6.46 -8.51 -4.41
C LEU A 83 -7.25 -7.31 -3.90
N HIS A 84 -7.21 -6.22 -4.66
CA HIS A 84 -7.92 -5.00 -4.27
C HIS A 84 -9.42 -5.26 -4.18
N LYS A 85 -10.00 -5.75 -5.28
CA LYS A 85 -11.43 -6.04 -5.32
C LYS A 85 -11.74 -7.30 -4.52
N SER A 86 -10.76 -8.20 -4.43
CA SER A 86 -10.94 -9.45 -3.69
C SER A 86 -11.40 -9.20 -2.25
N TYR A 87 -11.11 -8.00 -1.74
CA TYR A 87 -11.50 -7.64 -0.38
C TYR A 87 -12.89 -6.99 -0.36
N ARG A 88 -12.94 -5.69 -0.63
CA ARG A 88 -14.20 -4.94 -0.64
C ARG A 88 -14.83 -4.85 0.75
N SER A 89 -14.17 -5.44 1.76
CA SER A 89 -14.68 -5.41 3.12
C SER A 89 -13.56 -5.12 4.12
N MET A 90 -12.58 -4.35 3.69
CA MET A 90 -11.46 -3.99 4.54
C MET A 90 -11.48 -2.50 4.88
N THR A 91 -11.04 -2.17 6.09
CA THR A 91 -11.01 -0.78 6.53
C THR A 91 -9.66 -0.14 6.21
N PRO A 92 -9.61 1.20 6.15
CA PRO A 92 -8.38 1.93 5.86
C PRO A 92 -7.24 1.52 6.78
N ALA A 93 -7.49 1.60 8.08
CA ALA A 93 -6.49 1.24 9.08
C ALA A 93 -5.94 -0.17 8.83
N GLN A 94 -6.82 -1.09 8.45
CA GLN A 94 -6.40 -2.46 8.16
C GLN A 94 -5.33 -2.49 7.08
N ALA A 95 -5.55 -1.73 6.01
CA ALA A 95 -4.60 -1.67 4.91
C ALA A 95 -3.29 -1.02 5.37
N ASP A 96 -3.41 0.05 6.16
CA ASP A 96 -2.24 0.75 6.67
C ASP A 96 -1.39 -0.21 7.51
N LEU A 97 -2.05 -1.03 8.31
CA LEU A 97 -1.37 -2.00 9.16
C LEU A 97 -0.81 -3.15 8.32
N GLU A 98 -1.51 -3.48 7.24
CA GLU A 98 -1.11 -4.58 6.36
C GLU A 98 0.28 -4.34 5.76
N PHE A 99 0.45 -3.19 5.11
CA PHE A 99 1.74 -2.87 4.49
C PHE A 99 2.80 -2.56 5.54
N LEU A 100 2.41 -1.84 6.59
CA LEU A 100 3.33 -1.49 7.66
C LEU A 100 3.83 -2.75 8.36
N GLU A 101 2.91 -3.69 8.60
CA GLU A 101 3.25 -4.94 9.27
C GLU A 101 4.11 -5.82 8.36
N ASN A 102 3.88 -5.72 7.07
CA ASN A 102 4.63 -6.50 6.10
C ASN A 102 6.04 -5.94 5.95
N ALA A 103 6.13 -4.64 5.74
CA ALA A 103 7.42 -3.97 5.57
C ALA A 103 8.23 -4.02 6.87
N LYS A 104 7.55 -3.87 8.00
CA LYS A 104 8.20 -3.91 9.30
C LYS A 104 8.81 -5.29 9.57
N LYS A 105 8.04 -6.33 9.28
CA LYS A 105 8.50 -7.70 9.47
C LYS A 105 9.45 -8.12 8.34
N LEU A 106 9.39 -7.40 7.23
CA LEU A 106 10.24 -7.68 6.08
C LEU A 106 11.70 -7.31 6.36
N SER A 107 11.93 -6.56 7.44
CA SER A 107 13.28 -6.16 7.80
C SER A 107 13.86 -5.20 6.76
N MET A 108 13.01 -4.30 6.25
CA MET A 108 13.45 -3.34 5.25
C MET A 108 14.12 -2.14 5.91
N TYR A 109 13.67 -1.81 7.12
CA TYR A 109 14.22 -0.67 7.85
C TYR A 109 14.20 -0.94 9.35
N GLY A 1 -2.48 17.09 26.75
CA GLY A 1 -2.30 18.56 26.85
C GLY A 1 -1.03 18.94 27.60
N SER A 2 -0.02 18.09 27.52
CA SER A 2 1.24 18.34 28.20
C SER A 2 2.26 17.25 27.87
N HIS A 3 2.04 16.06 28.42
CA HIS A 3 2.94 14.93 28.19
C HIS A 3 2.19 13.75 27.59
N MET A 4 1.16 14.05 26.81
CA MET A 4 0.35 13.01 26.17
C MET A 4 -0.52 13.59 25.06
N ASP A 5 -0.70 12.82 23.99
CA ASP A 5 -1.51 13.26 22.86
C ASP A 5 -2.75 12.39 22.71
N PRO A 6 -3.96 12.98 22.87
CA PRO A 6 -5.21 12.24 22.75
C PRO A 6 -5.54 11.89 21.31
N ALA A 7 -5.08 12.72 20.37
CA ALA A 7 -5.34 12.48 18.96
C ALA A 7 -4.19 11.73 18.31
N GLN A 8 -2.97 11.96 18.81
CA GLN A 8 -1.79 11.30 18.28
C GLN A 8 -1.58 11.65 16.80
N LEU A 9 -1.61 12.94 16.50
CA LEU A 9 -1.43 13.43 15.14
C LEU A 9 -0.09 12.98 14.58
N THR A 10 0.91 12.88 15.47
CA THR A 10 2.25 12.47 15.06
C THR A 10 2.22 11.12 14.35
N GLU A 11 1.56 10.14 14.96
CA GLU A 11 1.45 8.81 14.38
C GLU A 11 0.90 8.88 12.96
N ASP A 12 0.06 9.88 12.72
CA ASP A 12 -0.54 10.07 11.40
C ASP A 12 0.52 10.62 10.44
N ILE A 13 1.23 11.65 10.90
CA ILE A 13 2.27 12.27 10.09
C ILE A 13 3.39 11.29 9.79
N THR A 14 3.87 10.60 10.82
CA THR A 14 4.95 9.63 10.67
C THR A 14 4.58 8.54 9.66
N ARG A 15 3.42 7.91 9.85
CA ARG A 15 2.98 6.84 8.96
C ARG A 15 2.96 7.28 7.50
N TYR A 16 2.40 8.45 7.24
CA TYR A 16 2.33 8.98 5.87
C TYR A 16 3.72 9.04 5.25
N TYR A 17 4.63 9.71 5.94
CA TYR A 17 6.00 9.85 5.46
C TYR A 17 6.73 8.51 5.44
N LEU A 18 6.32 7.60 6.32
CA LEU A 18 6.93 6.28 6.40
C LEU A 18 6.60 5.46 5.15
N CYS A 19 5.31 5.33 4.87
CA CYS A 19 4.86 4.57 3.71
C CYS A 19 5.48 5.12 2.43
N LEU A 20 5.49 6.45 2.31
CA LEU A 20 6.07 7.10 1.12
C LEU A 20 7.52 6.69 0.93
N GLN A 21 8.29 6.71 2.02
CA GLN A 21 9.71 6.34 1.97
C GLN A 21 9.88 4.89 1.52
N LEU A 22 9.09 4.00 2.09
CA LEU A 22 9.17 2.58 1.76
C LEU A 22 8.66 2.32 0.34
N ARG A 23 7.64 3.06 -0.08
CA ARG A 23 7.06 2.89 -1.41
C ARG A 23 7.98 3.46 -2.48
N GLN A 24 8.69 4.54 -2.16
CA GLN A 24 9.60 5.17 -3.11
C GLN A 24 10.83 4.29 -3.33
N ASP A 25 11.31 3.66 -2.25
CA ASP A 25 12.48 2.81 -2.33
C ASP A 25 12.18 1.52 -3.08
N ILE A 26 11.07 0.88 -2.75
CA ILE A 26 10.66 -0.36 -3.38
C ILE A 26 10.48 -0.18 -4.89
N VAL A 27 9.66 0.80 -5.27
CA VAL A 27 9.40 1.08 -6.68
C VAL A 27 10.69 1.40 -7.44
N ALA A 28 11.63 2.03 -6.74
CA ALA A 28 12.91 2.40 -7.35
C ALA A 28 13.85 1.20 -7.45
N GLY A 29 13.41 0.06 -6.93
CA GLY A 29 14.24 -1.14 -6.98
C GLY A 29 15.45 -1.04 -6.07
N ARG A 30 15.32 -0.27 -5.00
CA ARG A 30 16.41 -0.10 -4.05
C ARG A 30 16.46 -1.24 -3.03
N LEU A 31 15.56 -2.21 -3.18
CA LEU A 31 15.51 -3.35 -2.27
C LEU A 31 14.92 -4.58 -2.97
N PRO A 32 15.72 -5.66 -3.10
CA PRO A 32 15.26 -6.89 -3.74
C PRO A 32 13.98 -7.43 -3.15
N CYS A 33 12.98 -7.67 -3.99
CA CYS A 33 11.70 -8.19 -3.53
C CYS A 33 11.14 -9.21 -4.53
N SER A 34 10.10 -9.93 -4.12
CA SER A 34 9.49 -10.94 -4.97
C SER A 34 8.19 -10.41 -5.59
N PHE A 35 7.68 -11.13 -6.58
CA PHE A 35 6.45 -10.75 -7.25
C PHE A 35 5.28 -10.73 -6.27
N ALA A 36 5.12 -11.80 -5.51
CA ALA A 36 4.04 -11.90 -4.54
C ALA A 36 4.06 -10.73 -3.56
N THR A 37 5.24 -10.36 -3.08
CA THR A 37 5.36 -9.26 -2.13
C THR A 37 5.10 -7.94 -2.83
N LEU A 38 5.56 -7.82 -4.08
CA LEU A 38 5.35 -6.61 -4.85
C LEU A 38 3.86 -6.34 -5.02
N ALA A 39 3.11 -7.39 -5.35
CA ALA A 39 1.68 -7.28 -5.54
C ALA A 39 0.94 -7.13 -4.21
N LEU A 40 1.46 -7.77 -3.17
CA LEU A 40 0.84 -7.71 -1.85
C LEU A 40 1.00 -6.33 -1.24
N LEU A 41 2.24 -5.83 -1.21
CA LEU A 41 2.53 -4.51 -0.66
C LEU A 41 1.87 -3.43 -1.52
N GLY A 42 1.80 -3.70 -2.82
CA GLY A 42 1.19 -2.75 -3.74
C GLY A 42 -0.31 -2.72 -3.56
N SER A 43 -0.94 -3.89 -3.56
CA SER A 43 -2.37 -4.00 -3.40
C SER A 43 -2.84 -3.34 -2.11
N TYR A 44 -1.99 -3.39 -1.09
CA TYR A 44 -2.32 -2.78 0.20
C TYR A 44 -2.28 -1.27 0.09
N THR A 45 -1.22 -0.75 -0.53
CA THR A 45 -1.08 0.69 -0.70
C THR A 45 -2.24 1.26 -1.50
N ILE A 46 -2.70 0.49 -2.50
CA ILE A 46 -3.81 0.92 -3.33
C ILE A 46 -5.08 1.06 -2.48
N GLN A 47 -5.36 0.02 -1.69
CA GLN A 47 -6.53 0.03 -0.82
C GLN A 47 -6.51 1.24 0.11
N SER A 48 -5.33 1.57 0.63
CA SER A 48 -5.17 2.70 1.53
C SER A 48 -5.14 4.03 0.77
N GLU A 49 -4.75 3.98 -0.49
CA GLU A 49 -4.65 5.19 -1.30
C GLU A 49 -6.01 5.59 -1.86
N LEU A 50 -6.77 4.61 -2.31
CA LEU A 50 -8.07 4.87 -2.90
C LEU A 50 -9.21 4.30 -2.06
N GLY A 51 -8.88 3.70 -0.92
CA GLY A 51 -9.91 3.15 -0.06
C GLY A 51 -10.56 1.93 -0.67
N ASP A 52 -11.81 1.68 -0.28
CA ASP A 52 -12.55 0.53 -0.78
C ASP A 52 -12.66 0.60 -2.31
N TYR A 53 -12.57 -0.57 -2.94
CA TYR A 53 -12.64 -0.65 -4.40
C TYR A 53 -13.98 -0.10 -4.90
N ASP A 54 -13.95 0.53 -6.06
CA ASP A 54 -15.16 1.11 -6.65
C ASP A 54 -15.11 1.02 -8.18
N PRO A 55 -15.71 -0.04 -8.76
CA PRO A 55 -15.74 -0.23 -10.21
C PRO A 55 -16.60 0.80 -10.92
N GLU A 56 -17.61 1.31 -10.20
CA GLU A 56 -18.51 2.31 -10.77
C GLU A 56 -17.76 3.60 -11.10
N LEU A 57 -16.73 3.89 -10.31
CA LEU A 57 -15.93 5.09 -10.51
C LEU A 57 -14.63 4.77 -11.24
N HIS A 58 -14.02 3.64 -10.88
CA HIS A 58 -12.78 3.21 -11.49
C HIS A 58 -13.04 2.47 -12.80
N GLY A 59 -11.97 1.99 -13.43
CA GLY A 59 -12.12 1.26 -14.68
C GLY A 59 -11.39 -0.07 -14.67
N VAL A 60 -10.16 -0.06 -15.16
CA VAL A 60 -9.35 -1.28 -15.21
C VAL A 60 -7.86 -0.95 -15.20
N ASP A 61 -7.47 0.05 -15.98
CA ASP A 61 -6.07 0.45 -16.05
C ASP A 61 -5.78 1.62 -15.12
N TYR A 62 -6.48 1.66 -13.98
CA TYR A 62 -6.30 2.72 -13.00
C TYR A 62 -5.00 2.52 -12.23
N VAL A 63 -4.66 1.26 -11.97
CA VAL A 63 -3.44 0.92 -11.24
C VAL A 63 -2.21 1.48 -11.95
N SER A 64 -2.34 1.73 -13.25
CA SER A 64 -1.24 2.27 -14.06
C SER A 64 -0.86 3.68 -13.60
N ASP A 65 -1.72 4.30 -12.80
CA ASP A 65 -1.46 5.65 -12.32
C ASP A 65 -0.58 5.62 -11.07
N PHE A 66 -0.63 4.51 -10.34
CA PHE A 66 0.17 4.36 -9.12
C PHE A 66 1.39 3.49 -9.38
N LYS A 67 2.56 4.00 -8.98
CA LYS A 67 3.81 3.26 -9.16
C LYS A 67 4.01 2.22 -8.06
N LEU A 68 3.61 0.99 -8.34
CA LEU A 68 3.75 -0.09 -7.37
C LEU A 68 5.10 -0.79 -7.51
N ALA A 69 5.73 -0.65 -8.67
CA ALA A 69 7.02 -1.27 -8.92
C ALA A 69 7.68 -0.68 -10.17
N PRO A 70 9.01 -0.87 -10.32
CA PRO A 70 9.75 -0.36 -11.47
C PRO A 70 9.40 -1.09 -12.76
N ASN A 71 9.39 -2.41 -12.71
CA ASN A 71 9.07 -3.22 -13.87
C ASN A 71 7.65 -3.80 -13.76
N GLN A 72 6.66 -2.92 -13.87
CA GLN A 72 5.27 -3.35 -13.78
C GLN A 72 4.85 -4.14 -15.01
N THR A 73 4.47 -5.40 -14.77
CA THR A 73 4.03 -6.28 -15.86
C THR A 73 2.57 -6.67 -15.67
N LYS A 74 1.95 -7.15 -16.75
CA LYS A 74 0.55 -7.56 -16.70
C LYS A 74 0.25 -8.39 -15.46
N GLU A 75 1.14 -9.32 -15.15
CA GLU A 75 0.97 -10.18 -13.98
C GLU A 75 0.85 -9.35 -12.71
N LEU A 76 1.75 -8.40 -12.54
CA LEU A 76 1.73 -7.53 -11.36
C LEU A 76 0.50 -6.63 -11.38
N GLU A 77 0.14 -6.19 -12.59
CA GLU A 77 -1.03 -5.32 -12.75
C GLU A 77 -2.29 -6.03 -12.31
N GLU A 78 -2.53 -7.22 -12.89
CA GLU A 78 -3.71 -8.00 -12.56
C GLU A 78 -3.76 -8.30 -11.06
N LYS A 79 -2.64 -8.78 -10.52
CA LYS A 79 -2.57 -9.12 -9.10
C LYS A 79 -2.93 -7.93 -8.21
N VAL A 80 -2.57 -6.72 -8.66
CA VAL A 80 -2.88 -5.52 -7.91
C VAL A 80 -4.38 -5.27 -7.86
N MET A 81 -5.02 -5.34 -9.01
CA MET A 81 -6.46 -5.12 -9.11
C MET A 81 -7.24 -6.25 -8.43
N GLU A 82 -6.81 -7.48 -8.65
CA GLU A 82 -7.47 -8.64 -8.08
C GLU A 82 -7.50 -8.56 -6.56
N LEU A 83 -6.34 -8.40 -5.94
CA LEU A 83 -6.24 -8.31 -4.49
C LEU A 83 -6.97 -7.07 -3.98
N HIS A 84 -6.87 -5.98 -4.73
CA HIS A 84 -7.51 -4.73 -4.35
C HIS A 84 -9.02 -4.93 -4.16
N LYS A 85 -9.66 -5.50 -5.18
CA LYS A 85 -11.09 -5.76 -5.13
C LYS A 85 -11.40 -6.94 -4.20
N SER A 86 -10.42 -7.84 -4.05
CA SER A 86 -10.59 -9.01 -3.21
C SER A 86 -10.92 -8.60 -1.77
N TYR A 87 -10.51 -7.41 -1.38
CA TYR A 87 -10.76 -6.91 -0.04
C TYR A 87 -12.07 -6.12 0.02
N ARG A 88 -12.88 -6.40 1.04
CA ARG A 88 -14.15 -5.72 1.21
C ARG A 88 -14.53 -5.62 2.68
N SER A 89 -14.90 -4.42 3.11
CA SER A 89 -15.29 -4.18 4.51
C SER A 89 -14.05 -4.04 5.40
N MET A 90 -13.04 -3.34 4.88
CA MET A 90 -11.81 -3.11 5.62
C MET A 90 -11.57 -1.63 5.82
N THR A 91 -10.95 -1.27 6.95
CA THR A 91 -10.66 0.13 7.26
C THR A 91 -9.22 0.48 6.89
N PRO A 92 -8.94 1.77 6.66
CA PRO A 92 -7.59 2.24 6.32
C PRO A 92 -6.53 1.72 7.28
N ALA A 93 -6.80 1.84 8.57
CA ALA A 93 -5.87 1.38 9.61
C ALA A 93 -5.41 -0.05 9.33
N GLN A 94 -6.34 -0.89 8.91
CA GLN A 94 -6.03 -2.28 8.61
C GLN A 94 -4.99 -2.38 7.50
N ALA A 95 -5.16 -1.56 6.46
CA ALA A 95 -4.23 -1.55 5.34
C ALA A 95 -2.88 -1.00 5.77
N ASP A 96 -2.90 0.10 6.51
CA ASP A 96 -1.68 0.73 7.00
C ASP A 96 -0.86 -0.26 7.82
N LEU A 97 -1.56 -1.04 8.64
CA LEU A 97 -0.92 -2.04 9.49
C LEU A 97 -0.42 -3.23 8.67
N GLU A 98 -1.19 -3.59 7.64
CA GLU A 98 -0.84 -4.72 6.78
C GLU A 98 0.53 -4.55 6.13
N PHE A 99 0.74 -3.43 5.45
CA PHE A 99 2.02 -3.17 4.79
C PHE A 99 3.11 -2.89 5.82
N LEU A 100 2.80 -2.08 6.82
CA LEU A 100 3.77 -1.74 7.85
C LEU A 100 4.25 -2.99 8.57
N GLU A 101 3.31 -3.89 8.87
CA GLU A 101 3.65 -5.14 9.55
C GLU A 101 4.45 -6.06 8.63
N ASN A 102 4.16 -5.98 7.35
CA ASN A 102 4.86 -6.80 6.36
C ASN A 102 6.30 -6.32 6.21
N ALA A 103 6.46 -5.02 6.01
CA ALA A 103 7.77 -4.42 5.85
C ALA A 103 8.61 -4.58 7.12
N LYS A 104 7.96 -4.47 8.27
CA LYS A 104 8.64 -4.61 9.55
C LYS A 104 9.13 -6.05 9.73
N LYS A 105 8.33 -7.00 9.26
CA LYS A 105 8.68 -8.41 9.36
C LYS A 105 9.88 -8.75 8.47
N LEU A 106 10.16 -7.88 7.51
CA LEU A 106 11.27 -8.09 6.59
C LEU A 106 12.42 -7.13 6.86
N SER A 107 12.23 -6.22 7.81
CA SER A 107 13.26 -5.25 8.15
C SER A 107 13.62 -4.38 6.95
N MET A 108 12.82 -3.35 6.72
CA MET A 108 13.05 -2.44 5.61
C MET A 108 13.53 -1.08 6.11
N TYR A 109 13.09 -0.71 7.31
CA TYR A 109 13.47 0.57 7.90
C TYR A 109 13.88 0.39 9.36
N GLY A 1 -3.26 20.03 33.79
CA GLY A 1 -4.03 20.78 32.77
C GLY A 1 -3.52 20.54 31.36
N SER A 2 -2.23 20.80 31.15
CA SER A 2 -1.61 20.61 29.84
C SER A 2 -0.16 20.19 29.98
N HIS A 3 0.24 19.19 29.20
CA HIS A 3 1.61 18.69 29.24
C HIS A 3 2.02 18.13 27.88
N MET A 4 1.16 17.31 27.29
CA MET A 4 1.43 16.71 26.01
C MET A 4 0.28 16.95 25.03
N ASP A 5 0.47 16.54 23.78
CA ASP A 5 -0.54 16.71 22.75
C ASP A 5 -1.30 15.40 22.50
N PRO A 6 -2.56 15.29 22.97
CA PRO A 6 -3.36 14.09 22.79
C PRO A 6 -3.76 13.86 21.33
N ALA A 7 -3.52 14.86 20.48
CA ALA A 7 -3.86 14.76 19.07
C ALA A 7 -3.19 13.55 18.43
N GLN A 8 -1.94 13.29 18.82
CA GLN A 8 -1.20 12.16 18.29
C GLN A 8 -1.05 12.26 16.77
N LEU A 9 -0.97 13.50 16.27
CA LEU A 9 -0.85 13.74 14.85
C LEU A 9 0.52 13.28 14.33
N THR A 10 1.49 13.20 15.23
CA THR A 10 2.85 12.77 14.87
C THR A 10 2.83 11.38 14.23
N GLU A 11 2.19 10.44 14.90
CA GLU A 11 2.10 9.06 14.39
C GLU A 11 1.46 9.04 13.01
N ASP A 12 0.54 9.97 12.77
CA ASP A 12 -0.13 10.04 11.48
C ASP A 12 0.81 10.57 10.41
N ILE A 13 1.49 11.67 10.74
CA ILE A 13 2.43 12.29 9.81
C ILE A 13 3.64 11.38 9.57
N THR A 14 4.19 10.82 10.64
CA THR A 14 5.35 9.95 10.52
C THR A 14 5.04 8.77 9.60
N ARG A 15 3.93 8.06 9.88
CA ARG A 15 3.54 6.91 9.08
C ARG A 15 3.43 7.29 7.60
N TYR A 16 2.78 8.43 7.33
CA TYR A 16 2.62 8.89 5.96
C TYR A 16 3.96 8.95 5.24
N TYR A 17 4.89 9.74 5.78
CA TYR A 17 6.21 9.87 5.20
C TYR A 17 6.92 8.53 5.14
N LEU A 18 6.82 7.76 6.23
CA LEU A 18 7.45 6.45 6.31
C LEU A 18 7.08 5.58 5.11
N CYS A 19 5.78 5.42 4.90
CA CYS A 19 5.28 4.62 3.78
C CYS A 19 5.83 5.14 2.46
N LEU A 20 5.86 6.46 2.32
CA LEU A 20 6.37 7.08 1.10
C LEU A 20 7.84 6.74 0.87
N GLN A 21 8.57 6.58 1.98
CA GLN A 21 10.00 6.25 1.91
C GLN A 21 10.20 4.80 1.47
N LEU A 22 9.41 3.91 2.04
CA LEU A 22 9.50 2.49 1.71
C LEU A 22 9.00 2.22 0.30
N ARG A 23 7.99 2.97 -0.12
CA ARG A 23 7.41 2.79 -1.45
C ARG A 23 8.34 3.35 -2.53
N GLN A 24 9.04 4.43 -2.21
CA GLN A 24 9.97 5.03 -3.17
C GLN A 24 11.20 4.17 -3.35
N ASP A 25 11.66 3.55 -2.26
CA ASP A 25 12.84 2.69 -2.31
C ASP A 25 12.55 1.39 -3.06
N ILE A 26 11.42 0.77 -2.75
CA ILE A 26 11.03 -0.48 -3.39
C ILE A 26 10.88 -0.30 -4.90
N VAL A 27 10.08 0.67 -5.31
CA VAL A 27 9.84 0.92 -6.72
C VAL A 27 11.14 1.23 -7.46
N ALA A 28 12.08 1.86 -6.76
CA ALA A 28 13.37 2.20 -7.35
C ALA A 28 14.31 1.00 -7.39
N GLY A 29 13.87 -0.13 -6.86
CA GLY A 29 14.69 -1.33 -6.84
C GLY A 29 15.87 -1.20 -5.89
N ARG A 30 15.69 -0.42 -4.83
CA ARG A 30 16.74 -0.22 -3.84
C ARG A 30 16.78 -1.36 -2.83
N LEU A 31 15.91 -2.35 -3.00
CA LEU A 31 15.85 -3.48 -2.09
C LEU A 31 15.29 -4.72 -2.80
N PRO A 32 15.92 -5.89 -2.62
CA PRO A 32 15.46 -7.14 -3.26
C PRO A 32 14.16 -7.64 -2.67
N CYS A 33 13.16 -7.81 -3.53
CA CYS A 33 11.85 -8.30 -3.10
C CYS A 33 11.27 -9.27 -4.13
N SER A 34 10.21 -9.97 -3.74
CA SER A 34 9.56 -10.93 -4.63
C SER A 34 8.29 -10.35 -5.24
N PHE A 35 7.82 -10.99 -6.30
CA PHE A 35 6.60 -10.53 -6.98
C PHE A 35 5.41 -10.52 -6.01
N ALA A 36 5.29 -11.58 -5.23
CA ALA A 36 4.18 -11.70 -4.29
C ALA A 36 4.15 -10.52 -3.32
N THR A 37 5.31 -10.12 -2.81
CA THR A 37 5.38 -8.99 -1.88
C THR A 37 5.09 -7.68 -2.61
N LEU A 38 5.58 -7.59 -3.84
CA LEU A 38 5.37 -6.39 -4.65
C LEU A 38 3.88 -6.17 -4.86
N ALA A 39 3.17 -7.24 -5.20
CA ALA A 39 1.73 -7.18 -5.44
C ALA A 39 0.96 -7.02 -4.13
N LEU A 40 1.46 -7.63 -3.07
CA LEU A 40 0.80 -7.56 -1.76
C LEU A 40 0.91 -6.15 -1.18
N LEU A 41 2.14 -5.63 -1.13
CA LEU A 41 2.37 -4.30 -0.60
C LEU A 41 1.69 -3.25 -1.47
N GLY A 42 1.65 -3.51 -2.78
CA GLY A 42 1.02 -2.61 -3.70
C GLY A 42 -0.49 -2.61 -3.56
N SER A 43 -1.06 -3.81 -3.59
CA SER A 43 -2.51 -3.98 -3.47
C SER A 43 -3.04 -3.32 -2.20
N TYR A 44 -2.24 -3.36 -1.14
CA TYR A 44 -2.65 -2.76 0.13
C TYR A 44 -2.59 -1.23 0.04
N THR A 45 -1.51 -0.72 -0.53
CA THR A 45 -1.35 0.72 -0.67
C THR A 45 -2.44 1.30 -1.57
N ILE A 46 -2.81 0.57 -2.60
CA ILE A 46 -3.86 1.00 -3.52
C ILE A 46 -5.20 1.10 -2.79
N GLN A 47 -5.55 0.05 -2.06
CA GLN A 47 -6.80 0.03 -1.32
C GLN A 47 -6.86 1.17 -0.31
N SER A 48 -5.72 1.48 0.30
CA SER A 48 -5.64 2.54 1.29
C SER A 48 -5.59 3.91 0.62
N GLU A 49 -5.04 3.95 -0.59
CA GLU A 49 -4.90 5.21 -1.32
C GLU A 49 -6.22 5.61 -1.98
N LEU A 50 -6.93 4.61 -2.51
CA LEU A 50 -8.19 4.86 -3.18
C LEU A 50 -9.38 4.31 -2.40
N GLY A 51 -9.11 3.69 -1.25
CA GLY A 51 -10.18 3.15 -0.44
C GLY A 51 -10.83 1.94 -1.09
N ASP A 52 -12.07 1.68 -0.73
CA ASP A 52 -12.82 0.55 -1.26
C ASP A 52 -12.99 0.68 -2.77
N TYR A 53 -13.12 -0.45 -3.45
CA TYR A 53 -13.29 -0.46 -4.91
C TYR A 53 -14.60 0.22 -5.31
N ASP A 54 -14.70 0.59 -6.57
CA ASP A 54 -15.91 1.24 -7.08
C ASP A 54 -16.31 0.66 -8.44
N PRO A 55 -17.16 -0.38 -8.44
CA PRO A 55 -17.61 -1.03 -9.67
C PRO A 55 -18.51 -0.13 -10.51
N GLU A 56 -19.29 0.71 -9.83
CA GLU A 56 -20.20 1.63 -10.51
C GLU A 56 -19.44 2.83 -11.09
N LEU A 57 -18.42 3.29 -10.37
CA LEU A 57 -17.63 4.42 -10.81
C LEU A 57 -16.67 4.03 -11.93
N HIS A 58 -16.47 2.73 -12.12
CA HIS A 58 -15.58 2.24 -13.16
C HIS A 58 -14.14 2.65 -12.89
N GLY A 59 -13.20 1.75 -13.17
CA GLY A 59 -11.80 2.04 -12.94
C GLY A 59 -11.00 0.79 -12.67
N VAL A 60 -10.08 0.46 -13.57
CA VAL A 60 -9.24 -0.72 -13.41
C VAL A 60 -7.79 -0.44 -13.80
N ASP A 61 -7.58 0.52 -14.70
CA ASP A 61 -6.24 0.87 -15.15
C ASP A 61 -5.66 2.02 -14.33
N TYR A 62 -6.11 2.16 -13.09
CA TYR A 62 -5.62 3.23 -12.22
C TYR A 62 -4.31 2.82 -11.53
N VAL A 63 -3.96 1.55 -11.64
CA VAL A 63 -2.74 1.03 -11.03
C VAL A 63 -1.51 1.58 -11.74
N SER A 64 -1.65 1.84 -13.04
CA SER A 64 -0.55 2.37 -13.85
C SER A 64 -0.17 3.78 -13.41
N ASP A 65 -1.03 4.41 -12.61
CA ASP A 65 -0.77 5.76 -12.12
C ASP A 65 0.09 5.72 -10.86
N PHE A 66 -0.06 4.66 -10.08
CA PHE A 66 0.71 4.50 -8.85
C PHE A 66 1.93 3.61 -9.08
N LYS A 67 3.10 4.13 -8.73
CA LYS A 67 4.35 3.39 -8.90
C LYS A 67 4.52 2.35 -7.81
N LEU A 68 4.15 1.11 -8.10
CA LEU A 68 4.28 0.03 -7.14
C LEU A 68 5.55 -0.78 -7.37
N ALA A 69 6.07 -0.74 -8.61
CA ALA A 69 7.27 -1.46 -8.95
C ALA A 69 7.95 -0.86 -10.18
N PRO A 70 9.28 -1.04 -10.30
CA PRO A 70 10.05 -0.51 -11.43
C PRO A 70 9.68 -1.18 -12.74
N ASN A 71 9.68 -2.51 -12.74
CA ASN A 71 9.34 -3.27 -13.94
C ASN A 71 7.94 -3.88 -13.82
N GLN A 72 6.93 -3.01 -13.80
CA GLN A 72 5.55 -3.45 -13.67
C GLN A 72 5.17 -4.37 -14.81
N THR A 73 4.71 -5.57 -14.47
CA THR A 73 4.30 -6.56 -15.46
C THR A 73 2.79 -6.79 -15.39
N LYS A 74 2.19 -7.12 -16.52
CA LYS A 74 0.75 -7.38 -16.58
C LYS A 74 0.32 -8.25 -15.40
N GLU A 75 1.15 -9.24 -15.08
CA GLU A 75 0.86 -10.15 -13.97
C GLU A 75 0.82 -9.38 -12.65
N LEU A 76 1.76 -8.46 -12.48
CA LEU A 76 1.82 -7.64 -11.27
C LEU A 76 0.64 -6.67 -11.23
N GLU A 77 0.41 -6.01 -12.36
CA GLU A 77 -0.68 -5.06 -12.48
C GLU A 77 -2.01 -5.74 -12.19
N GLU A 78 -2.29 -6.83 -12.90
CA GLU A 78 -3.52 -7.57 -12.72
C GLU A 78 -3.71 -7.96 -11.26
N LYS A 79 -2.67 -8.56 -10.67
CA LYS A 79 -2.73 -8.99 -9.28
C LYS A 79 -3.06 -7.82 -8.36
N VAL A 80 -2.64 -6.62 -8.76
CA VAL A 80 -2.90 -5.42 -7.96
C VAL A 80 -4.40 -5.11 -7.94
N MET A 81 -5.00 -5.09 -9.12
CA MET A 81 -6.43 -4.81 -9.24
C MET A 81 -7.25 -5.95 -8.66
N GLU A 82 -6.83 -7.18 -8.92
CA GLU A 82 -7.53 -8.36 -8.43
C GLU A 82 -7.66 -8.32 -6.91
N LEU A 83 -6.53 -8.20 -6.23
CA LEU A 83 -6.53 -8.14 -4.77
C LEU A 83 -7.31 -6.95 -4.26
N HIS A 84 -7.25 -5.84 -5.01
CA HIS A 84 -7.96 -4.62 -4.63
C HIS A 84 -9.45 -4.90 -4.49
N LYS A 85 -10.05 -5.43 -5.54
CA LYS A 85 -11.48 -5.74 -5.53
C LYS A 85 -11.77 -6.96 -4.65
N SER A 86 -10.78 -7.84 -4.53
CA SER A 86 -10.93 -9.04 -3.72
C SER A 86 -11.20 -8.70 -2.25
N TYR A 87 -10.75 -7.52 -1.83
CA TYR A 87 -10.94 -7.08 -0.45
C TYR A 87 -12.25 -6.30 -0.30
N ARG A 88 -12.97 -6.58 0.77
CA ARG A 88 -14.24 -5.90 1.03
C ARG A 88 -14.58 -5.94 2.52
N SER A 89 -15.08 -4.82 3.03
CA SER A 89 -15.45 -4.72 4.45
C SER A 89 -14.21 -4.55 5.32
N MET A 90 -13.24 -3.79 4.82
CA MET A 90 -12.00 -3.54 5.54
C MET A 90 -11.82 -2.04 5.77
N THR A 91 -11.15 -1.68 6.86
CA THR A 91 -10.91 -0.28 7.18
C THR A 91 -9.49 0.13 6.78
N PRO A 92 -9.21 1.45 6.74
CA PRO A 92 -7.89 1.96 6.38
C PRO A 92 -6.80 1.46 7.31
N ALA A 93 -7.07 1.49 8.62
CA ALA A 93 -6.11 1.04 9.61
C ALA A 93 -5.60 -0.36 9.30
N GLN A 94 -6.53 -1.25 8.90
CA GLN A 94 -6.17 -2.62 8.56
C GLN A 94 -5.14 -2.65 7.44
N ALA A 95 -5.38 -1.86 6.40
CA ALA A 95 -4.47 -1.81 5.26
C ALA A 95 -3.13 -1.20 5.68
N ASP A 96 -3.20 -0.12 6.45
CA ASP A 96 -1.99 0.55 6.94
C ASP A 96 -1.12 -0.42 7.72
N LEU A 97 -1.77 -1.26 8.51
CA LEU A 97 -1.08 -2.27 9.32
C LEU A 97 -0.54 -3.39 8.45
N GLU A 98 -1.25 -3.71 7.38
CA GLU A 98 -0.84 -4.79 6.48
C GLU A 98 0.51 -4.52 5.83
N PHE A 99 0.65 -3.37 5.18
CA PHE A 99 1.90 -3.02 4.52
C PHE A 99 2.99 -2.76 5.56
N LEU A 100 2.66 -1.99 6.60
CA LEU A 100 3.62 -1.69 7.64
C LEU A 100 4.10 -2.98 8.32
N GLU A 101 3.18 -3.91 8.50
CA GLU A 101 3.51 -5.20 9.12
C GLU A 101 4.42 -6.02 8.22
N ASN A 102 4.22 -5.87 6.91
CA ASN A 102 5.04 -6.60 5.95
C ASN A 102 6.46 -6.04 5.92
N ALA A 103 6.56 -4.71 5.81
CA ALA A 103 7.86 -4.06 5.80
C ALA A 103 8.62 -4.32 7.09
N LYS A 104 7.90 -4.33 8.20
CA LYS A 104 8.51 -4.57 9.51
C LYS A 104 9.01 -6.00 9.60
N LYS A 105 8.30 -6.93 8.98
CA LYS A 105 8.69 -8.34 8.99
C LYS A 105 10.00 -8.54 8.24
N LEU A 106 10.34 -7.59 7.38
CA LEU A 106 11.56 -7.67 6.60
C LEU A 106 12.66 -6.76 7.13
N SER A 107 12.47 -6.27 8.36
CA SER A 107 13.45 -5.39 8.99
C SER A 107 13.78 -4.20 8.10
N MET A 108 12.79 -3.75 7.33
CA MET A 108 12.98 -2.62 6.42
C MET A 108 13.28 -1.35 7.20
N TYR A 109 12.68 -1.23 8.39
CA TYR A 109 12.88 -0.05 9.23
C TYR A 109 14.16 -0.19 10.05
N GLY A 1 -0.41 25.43 32.08
CA GLY A 1 -0.24 24.05 31.54
C GLY A 1 -1.55 23.45 31.08
N SER A 2 -1.49 22.23 30.55
CA SER A 2 -2.68 21.54 30.07
C SER A 2 -3.36 22.33 28.95
N HIS A 3 -3.10 21.93 27.72
CA HIS A 3 -3.69 22.60 26.56
C HIS A 3 -3.71 21.68 25.34
N MET A 4 -3.89 20.38 25.60
CA MET A 4 -3.93 19.39 24.52
C MET A 4 -2.61 19.34 23.77
N ASP A 5 -1.99 18.17 23.75
CA ASP A 5 -0.71 17.99 23.08
C ASP A 5 -0.91 17.91 21.56
N PRO A 6 -0.22 18.77 20.79
CA PRO A 6 -0.33 18.78 19.33
C PRO A 6 0.36 17.60 18.67
N ALA A 7 1.13 16.84 19.46
CA ALA A 7 1.84 15.67 18.95
C ALA A 7 1.03 14.39 19.11
N GLN A 8 -0.27 14.54 19.35
CA GLN A 8 -1.15 13.40 19.52
C GLN A 8 -1.31 12.63 18.21
N LEU A 9 -1.05 13.31 17.10
CA LEU A 9 -1.17 12.70 15.78
C LEU A 9 0.20 12.39 15.19
N THR A 10 1.23 12.36 16.04
CA THR A 10 2.59 12.08 15.60
C THR A 10 2.65 10.79 14.79
N GLU A 11 2.05 9.72 15.33
CA GLU A 11 2.04 8.43 14.66
C GLU A 11 1.53 8.57 13.22
N ASP A 12 0.48 9.35 13.05
CA ASP A 12 -0.10 9.57 11.73
C ASP A 12 0.95 10.20 10.81
N ILE A 13 1.62 11.22 11.31
CA ILE A 13 2.64 11.93 10.54
C ILE A 13 3.78 11.00 10.13
N THR A 14 4.28 10.23 11.08
CA THR A 14 5.39 9.31 10.80
C THR A 14 4.95 8.19 9.85
N ARG A 15 3.81 7.57 10.15
CA ARG A 15 3.30 6.48 9.34
C ARG A 15 3.16 6.90 7.88
N TYR A 16 2.50 8.03 7.65
CA TYR A 16 2.32 8.53 6.29
C TYR A 16 3.66 8.71 5.59
N TYR A 17 4.57 9.44 6.23
CA TYR A 17 5.89 9.68 5.67
C TYR A 17 6.65 8.38 5.49
N LEU A 18 6.34 7.39 6.33
CA LEU A 18 7.00 6.08 6.26
C LEU A 18 6.65 5.37 4.96
N CYS A 19 5.36 5.21 4.71
CA CYS A 19 4.88 4.53 3.51
C CYS A 19 5.42 5.23 2.25
N LEU A 20 5.44 6.56 2.28
CA LEU A 20 5.93 7.34 1.14
C LEU A 20 7.38 6.99 0.83
N GLN A 21 8.23 7.03 1.85
CA GLN A 21 9.65 6.72 1.67
C GLN A 21 9.85 5.26 1.29
N LEU A 22 9.16 4.37 2.01
CA LEU A 22 9.27 2.94 1.74
C LEU A 22 8.84 2.62 0.31
N ARG A 23 7.70 3.17 -0.09
CA ARG A 23 7.18 2.96 -1.43
C ARG A 23 8.08 3.56 -2.49
N GLN A 24 8.81 4.62 -2.13
CA GLN A 24 9.71 5.29 -3.04
C GLN A 24 10.94 4.42 -3.33
N ASP A 25 11.44 3.76 -2.29
CA ASP A 25 12.61 2.90 -2.43
C ASP A 25 12.28 1.64 -3.23
N ILE A 26 11.10 1.08 -2.98
CA ILE A 26 10.67 -0.12 -3.68
C ILE A 26 10.51 0.12 -5.17
N VAL A 27 9.75 1.16 -5.52
CA VAL A 27 9.52 1.50 -6.92
C VAL A 27 10.82 1.76 -7.66
N ALA A 28 11.81 2.30 -6.95
CA ALA A 28 13.11 2.60 -7.54
C ALA A 28 14.00 1.36 -7.59
N GLY A 29 13.53 0.25 -7.03
CA GLY A 29 14.30 -0.96 -7.01
C GLY A 29 15.51 -0.86 -6.12
N ARG A 30 15.38 -0.11 -5.03
CA ARG A 30 16.47 0.07 -4.08
C ARG A 30 16.51 -1.08 -3.06
N LEU A 31 15.63 -2.05 -3.22
CA LEU A 31 15.57 -3.19 -2.30
C LEU A 31 14.93 -4.39 -2.98
N PRO A 32 15.66 -5.51 -3.12
CA PRO A 32 15.14 -6.73 -3.75
C PRO A 32 13.84 -7.22 -3.10
N CYS A 33 12.83 -7.46 -3.92
CA CYS A 33 11.54 -7.94 -3.43
C CYS A 33 10.94 -8.96 -4.38
N SER A 34 10.05 -9.80 -3.87
CA SER A 34 9.41 -10.83 -4.67
C SER A 34 8.14 -10.30 -5.34
N PHE A 35 7.70 -10.98 -6.39
CA PHE A 35 6.50 -10.58 -7.12
C PHE A 35 5.29 -10.55 -6.19
N ALA A 36 5.10 -11.63 -5.43
CA ALA A 36 3.97 -11.72 -4.52
C ALA A 36 3.94 -10.56 -3.54
N THR A 37 5.11 -10.17 -3.05
CA THR A 37 5.20 -9.06 -2.10
C THR A 37 4.93 -7.74 -2.81
N LEU A 38 5.45 -7.61 -4.02
CA LEU A 38 5.26 -6.39 -4.80
C LEU A 38 3.78 -6.14 -5.02
N ALA A 39 3.06 -7.20 -5.43
CA ALA A 39 1.63 -7.09 -5.68
C ALA A 39 0.84 -6.95 -4.38
N LEU A 40 1.30 -7.61 -3.32
CA LEU A 40 0.63 -7.54 -2.03
C LEU A 40 0.74 -6.14 -1.44
N LEU A 41 1.96 -5.63 -1.37
CA LEU A 41 2.21 -4.29 -0.83
C LEU A 41 1.49 -3.25 -1.69
N GLY A 42 1.43 -3.52 -2.99
CA GLY A 42 0.75 -2.61 -3.90
C GLY A 42 -0.75 -2.62 -3.72
N SER A 43 -1.33 -3.81 -3.75
CA SER A 43 -2.78 -3.95 -3.60
C SER A 43 -3.29 -3.27 -2.32
N TYR A 44 -2.48 -3.33 -1.27
CA TYR A 44 -2.86 -2.71 -0.01
C TYR A 44 -2.77 -1.18 -0.09
N THR A 45 -1.68 -0.70 -0.68
CA THR A 45 -1.48 0.74 -0.84
C THR A 45 -2.62 1.35 -1.64
N ILE A 46 -3.05 0.64 -2.69
CA ILE A 46 -4.15 1.10 -3.53
C ILE A 46 -5.43 1.19 -2.72
N GLN A 47 -5.72 0.14 -1.95
CA GLN A 47 -6.91 0.10 -1.12
C GLN A 47 -6.93 1.28 -0.15
N SER A 48 -5.75 1.62 0.38
CA SER A 48 -5.62 2.72 1.32
C SER A 48 -5.62 4.07 0.60
N GLU A 49 -5.23 4.05 -0.68
CA GLU A 49 -5.18 5.28 -1.46
C GLU A 49 -6.55 5.66 -1.99
N LEU A 50 -7.30 4.66 -2.42
CA LEU A 50 -8.62 4.90 -3.00
C LEU A 50 -9.73 4.29 -2.14
N GLY A 51 -9.37 3.68 -1.02
CA GLY A 51 -10.37 3.09 -0.15
C GLY A 51 -10.80 1.72 -0.63
N ASP A 52 -11.98 1.65 -1.24
CA ASP A 52 -12.51 0.39 -1.75
C ASP A 52 -12.50 0.37 -3.27
N TYR A 53 -13.01 -0.73 -3.83
CA TYR A 53 -13.05 -0.89 -5.29
C TYR A 53 -14.16 -0.01 -5.89
N ASP A 54 -13.76 0.87 -6.80
CA ASP A 54 -14.72 1.77 -7.46
C ASP A 54 -14.77 1.50 -8.96
N PRO A 55 -15.66 0.60 -9.41
CA PRO A 55 -15.81 0.27 -10.82
C PRO A 55 -16.49 1.37 -11.62
N GLU A 56 -17.20 2.25 -10.92
CA GLU A 56 -17.91 3.36 -11.56
C GLU A 56 -16.92 4.36 -12.17
N LEU A 57 -15.87 4.67 -11.42
CA LEU A 57 -14.86 5.62 -11.90
C LEU A 57 -13.86 4.94 -12.82
N HIS A 58 -13.40 3.75 -12.43
CA HIS A 58 -12.44 3.01 -13.23
C HIS A 58 -12.41 1.54 -12.82
N GLY A 59 -11.72 0.72 -13.60
CA GLY A 59 -11.63 -0.70 -13.30
C GLY A 59 -11.09 -1.50 -14.47
N VAL A 60 -9.95 -1.09 -15.00
CA VAL A 60 -9.33 -1.79 -16.13
C VAL A 60 -7.84 -1.49 -16.20
N ASP A 61 -7.48 -0.22 -16.10
CA ASP A 61 -6.08 0.18 -16.16
C ASP A 61 -5.82 1.39 -15.27
N TYR A 62 -6.49 1.43 -14.13
CA TYR A 62 -6.33 2.54 -13.19
C TYR A 62 -5.01 2.41 -12.42
N VAL A 63 -4.61 1.17 -12.14
CA VAL A 63 -3.37 0.91 -11.42
C VAL A 63 -2.16 1.42 -12.21
N SER A 64 -2.35 1.62 -13.51
CA SER A 64 -1.28 2.09 -14.39
C SER A 64 -0.83 3.50 -13.99
N ASP A 65 -1.63 4.18 -13.16
CA ASP A 65 -1.29 5.53 -12.72
C ASP A 65 -0.41 5.49 -11.49
N PHE A 66 -0.56 4.44 -10.68
CA PHE A 66 0.22 4.29 -9.46
C PHE A 66 1.47 3.45 -9.71
N LYS A 67 2.62 3.97 -9.31
CA LYS A 67 3.89 3.27 -9.48
C LYS A 67 4.11 2.26 -8.37
N LEU A 68 3.71 1.02 -8.60
CA LEU A 68 3.86 -0.04 -7.61
C LEU A 68 5.23 -0.72 -7.74
N ALA A 69 5.87 -0.57 -8.89
CA ALA A 69 7.18 -1.16 -9.13
C ALA A 69 7.79 -0.66 -10.44
N PRO A 70 9.10 -0.85 -10.62
CA PRO A 70 9.80 -0.41 -11.83
C PRO A 70 9.39 -1.23 -13.06
N ASN A 71 9.35 -2.54 -12.90
CA ASN A 71 8.97 -3.44 -13.99
C ASN A 71 7.56 -3.98 -13.78
N GLN A 72 6.57 -3.10 -13.94
CA GLN A 72 5.18 -3.48 -13.76
C GLN A 72 4.67 -4.27 -14.96
N THR A 73 4.27 -5.51 -14.71
CA THR A 73 3.76 -6.38 -15.77
C THR A 73 2.30 -6.72 -15.54
N LYS A 74 1.62 -7.17 -16.60
CA LYS A 74 0.21 -7.53 -16.50
C LYS A 74 -0.08 -8.36 -15.25
N GLU A 75 0.84 -9.26 -14.93
CA GLU A 75 0.69 -10.12 -13.75
C GLU A 75 0.60 -9.27 -12.49
N LEU A 76 1.54 -8.34 -12.34
CA LEU A 76 1.56 -7.47 -11.17
C LEU A 76 0.32 -6.58 -11.14
N GLU A 77 -0.03 -6.04 -12.30
CA GLU A 77 -1.20 -5.17 -12.42
C GLU A 77 -2.47 -5.92 -12.01
N GLU A 78 -2.69 -7.07 -12.64
CA GLU A 78 -3.86 -7.89 -12.35
C GLU A 78 -3.96 -8.18 -10.86
N LYS A 79 -2.87 -8.67 -10.28
CA LYS A 79 -2.83 -9.01 -8.86
C LYS A 79 -3.19 -7.81 -8.01
N VAL A 80 -2.83 -6.62 -8.48
CA VAL A 80 -3.13 -5.39 -7.74
C VAL A 80 -4.64 -5.14 -7.69
N MET A 81 -5.28 -5.17 -8.84
CA MET A 81 -6.72 -4.94 -8.94
C MET A 81 -7.50 -6.08 -8.28
N GLU A 82 -7.05 -7.31 -8.52
CA GLU A 82 -7.70 -8.48 -7.96
C GLU A 82 -7.71 -8.43 -6.44
N LEU A 83 -6.54 -8.24 -5.84
CA LEU A 83 -6.41 -8.16 -4.40
C LEU A 83 -7.21 -6.99 -3.84
N HIS A 84 -7.21 -5.88 -4.58
CA HIS A 84 -7.94 -4.68 -4.16
C HIS A 84 -9.42 -5.00 -3.95
N LYS A 85 -10.05 -5.53 -4.98
CA LYS A 85 -11.46 -5.88 -4.91
C LYS A 85 -11.67 -7.10 -4.02
N SER A 86 -10.64 -7.93 -3.92
CA SER A 86 -10.71 -9.14 -3.10
C SER A 86 -10.96 -8.80 -1.64
N TYR A 87 -10.55 -7.60 -1.23
CA TYR A 87 -10.72 -7.16 0.15
C TYR A 87 -12.02 -6.36 0.29
N ARG A 88 -12.74 -6.61 1.37
CA ARG A 88 -14.00 -5.92 1.64
C ARG A 88 -14.32 -5.91 3.12
N SER A 89 -14.76 -4.77 3.63
CA SER A 89 -15.11 -4.61 5.05
C SER A 89 -13.85 -4.44 5.89
N MET A 90 -12.88 -3.69 5.35
CA MET A 90 -11.63 -3.44 6.06
C MET A 90 -11.42 -1.93 6.26
N THR A 91 -10.78 -1.56 7.36
CA THR A 91 -10.52 -0.16 7.66
C THR A 91 -9.10 0.21 7.27
N PRO A 92 -8.83 1.51 7.05
CA PRO A 92 -7.50 2.00 6.69
C PRO A 92 -6.42 1.50 7.65
N ALA A 93 -6.69 1.63 8.94
CA ALA A 93 -5.74 1.20 9.97
C ALA A 93 -5.23 -0.21 9.70
N GLN A 94 -6.14 -1.10 9.32
CA GLN A 94 -5.78 -2.49 9.02
C GLN A 94 -4.72 -2.54 7.92
N ALA A 95 -4.91 -1.71 6.89
CA ALA A 95 -3.98 -1.65 5.78
C ALA A 95 -2.66 -1.00 6.21
N ASP A 96 -2.77 -0.03 7.12
CA ASP A 96 -1.61 0.67 7.65
C ASP A 96 -0.75 -0.29 8.47
N LEU A 97 -1.41 -1.06 9.32
CA LEU A 97 -0.74 -2.02 10.19
C LEU A 97 -0.21 -3.23 9.42
N GLU A 98 -1.02 -3.76 8.50
CA GLU A 98 -0.64 -4.93 7.73
C GLU A 98 0.62 -4.70 6.90
N PHE A 99 0.68 -3.60 6.15
CA PHE A 99 1.85 -3.32 5.33
C PHE A 99 3.04 -2.93 6.21
N LEU A 100 2.80 -2.07 7.19
CA LEU A 100 3.86 -1.64 8.09
C LEU A 100 4.43 -2.85 8.84
N GLU A 101 3.55 -3.77 9.19
CA GLU A 101 3.94 -4.98 9.90
C GLU A 101 4.74 -5.90 8.97
N ASN A 102 4.41 -5.85 7.69
CA ASN A 102 5.10 -6.66 6.70
C ASN A 102 6.52 -6.12 6.49
N ALA A 103 6.61 -4.81 6.26
CA ALA A 103 7.89 -4.15 6.04
C ALA A 103 8.79 -4.30 7.26
N LYS A 104 8.18 -4.23 8.44
CA LYS A 104 8.91 -4.37 9.70
C LYS A 104 9.48 -5.76 9.86
N LYS A 105 8.71 -6.76 9.44
CA LYS A 105 9.13 -8.15 9.52
C LYS A 105 10.11 -8.50 8.41
N LEU A 106 10.10 -7.71 7.34
CA LEU A 106 10.99 -7.94 6.21
C LEU A 106 12.33 -7.21 6.39
N SER A 107 12.42 -6.40 7.45
CA SER A 107 13.65 -5.66 7.73
C SER A 107 13.95 -4.68 6.60
N MET A 108 12.89 -4.15 5.98
CA MET A 108 13.05 -3.20 4.90
C MET A 108 13.68 -1.90 5.39
N TYR A 109 13.31 -1.50 6.59
CA TYR A 109 13.85 -0.27 7.18
C TYR A 109 14.09 -0.44 8.68
N GLY A 1 8.79 7.78 25.45
CA GLY A 1 8.07 6.54 25.86
C GLY A 1 6.95 6.82 26.84
N SER A 2 5.79 6.24 26.57
CA SER A 2 4.63 6.43 27.43
C SER A 2 4.23 7.90 27.51
N HIS A 3 3.14 8.18 28.22
CA HIS A 3 2.66 9.56 28.36
C HIS A 3 2.33 10.16 27.01
N MET A 4 1.90 9.32 26.08
CA MET A 4 1.55 9.78 24.73
C MET A 4 0.37 10.75 24.78
N ASP A 5 0.33 11.66 23.81
CA ASP A 5 -0.74 12.64 23.74
C ASP A 5 -2.01 12.03 23.14
N PRO A 6 -3.18 12.63 23.41
CA PRO A 6 -4.46 12.14 22.90
C PRO A 6 -4.57 12.29 21.38
N ALA A 7 -3.82 13.25 20.84
CA ALA A 7 -3.83 13.49 19.40
C ALA A 7 -2.97 12.47 18.66
N GLN A 8 -1.73 12.31 19.11
CA GLN A 8 -0.81 11.37 18.49
C GLN A 8 -0.60 11.71 17.01
N LEU A 9 -0.51 13.00 16.72
CA LEU A 9 -0.31 13.47 15.35
C LEU A 9 1.03 12.99 14.80
N THR A 10 2.02 12.91 15.68
CA THR A 10 3.36 12.47 15.27
C THR A 10 3.31 11.12 14.56
N GLU A 11 2.66 10.15 15.20
CA GLU A 11 2.55 8.81 14.62
C GLU A 11 1.94 8.89 13.22
N ASP A 12 1.10 9.90 13.00
CA ASP A 12 0.47 10.09 11.70
C ASP A 12 1.50 10.65 10.73
N ILE A 13 2.21 11.67 11.17
CA ILE A 13 3.23 12.31 10.35
C ILE A 13 4.33 11.31 9.99
N THR A 14 4.79 10.56 10.98
CA THR A 14 5.84 9.57 10.76
C THR A 14 5.36 8.47 9.81
N ARG A 15 4.21 7.86 10.11
CA ARG A 15 3.67 6.79 9.29
C ARG A 15 3.52 7.23 7.83
N TYR A 16 2.88 8.36 7.61
CA TYR A 16 2.68 8.88 6.26
C TYR A 16 4.00 8.94 5.50
N TYR A 17 4.97 9.65 6.07
CA TYR A 17 6.28 9.79 5.44
C TYR A 17 6.94 8.42 5.26
N LEU A 18 6.85 7.59 6.29
CA LEU A 18 7.44 6.26 6.26
C LEU A 18 7.00 5.49 5.02
N CYS A 19 5.69 5.38 4.83
CA CYS A 19 5.14 4.67 3.68
C CYS A 19 5.65 5.27 2.37
N LEU A 20 5.68 6.60 2.31
CA LEU A 20 6.16 7.30 1.13
C LEU A 20 7.61 6.93 0.82
N GLN A 21 8.45 6.95 1.85
CA GLN A 21 9.86 6.62 1.69
C GLN A 21 10.03 5.15 1.29
N LEU A 22 9.36 4.27 2.02
CA LEU A 22 9.44 2.84 1.74
C LEU A 22 9.01 2.54 0.31
N ARG A 23 7.85 3.06 -0.08
CA ARG A 23 7.32 2.86 -1.43
C ARG A 23 8.26 3.45 -2.48
N GLN A 24 8.98 4.49 -2.10
CA GLN A 24 9.92 5.14 -3.01
C GLN A 24 11.14 4.25 -3.27
N ASP A 25 11.62 3.60 -2.22
CA ASP A 25 12.77 2.72 -2.33
C ASP A 25 12.43 1.45 -3.10
N ILE A 26 11.25 0.90 -2.84
CA ILE A 26 10.79 -0.32 -3.51
C ILE A 26 10.62 -0.09 -5.01
N VAL A 27 9.86 0.94 -5.36
CA VAL A 27 9.61 1.26 -6.76
C VAL A 27 10.91 1.56 -7.50
N ALA A 28 11.88 2.11 -6.79
CA ALA A 28 13.18 2.44 -7.38
C ALA A 28 14.11 1.23 -7.38
N GLY A 29 13.65 0.11 -6.84
CA GLY A 29 14.46 -1.08 -6.80
C GLY A 29 15.63 -0.95 -5.85
N ARG A 30 15.45 -0.15 -4.80
CA ARG A 30 16.51 0.07 -3.81
C ARG A 30 16.53 -1.05 -2.78
N LEU A 31 15.63 -2.03 -2.92
CA LEU A 31 15.57 -3.15 -1.99
C LEU A 31 15.07 -4.40 -2.70
N PRO A 32 15.69 -5.56 -2.44
CA PRO A 32 15.30 -6.84 -3.05
C PRO A 32 13.98 -7.37 -2.49
N CYS A 33 13.00 -7.54 -3.36
CA CYS A 33 11.70 -8.05 -2.95
C CYS A 33 11.15 -9.04 -3.97
N SER A 34 10.09 -9.75 -3.59
CA SER A 34 9.49 -10.74 -4.48
C SER A 34 8.21 -10.19 -5.11
N PHE A 35 7.79 -10.81 -6.21
CA PHE A 35 6.58 -10.39 -6.92
C PHE A 35 5.38 -10.35 -5.98
N ALA A 36 5.21 -11.41 -5.19
CA ALA A 36 4.10 -11.51 -4.26
C ALA A 36 4.05 -10.31 -3.31
N THR A 37 5.18 -9.99 -2.69
CA THR A 37 5.23 -8.85 -1.77
C THR A 37 4.96 -7.55 -2.50
N LEU A 38 5.51 -7.41 -3.70
CA LEU A 38 5.31 -6.22 -4.50
C LEU A 38 3.83 -6.00 -4.75
N ALA A 39 3.14 -7.05 -5.19
CA ALA A 39 1.72 -6.98 -5.46
C ALA A 39 0.91 -6.78 -4.17
N LEU A 40 1.38 -7.39 -3.08
CA LEU A 40 0.68 -7.28 -1.80
C LEU A 40 0.77 -5.86 -1.26
N LEU A 41 1.98 -5.32 -1.21
CA LEU A 41 2.19 -3.96 -0.71
C LEU A 41 1.44 -2.96 -1.57
N GLY A 42 1.34 -3.26 -2.87
CA GLY A 42 0.62 -2.38 -3.77
C GLY A 42 -0.87 -2.43 -3.56
N SER A 43 -1.43 -3.63 -3.52
CA SER A 43 -2.86 -3.82 -3.32
C SER A 43 -3.36 -3.11 -2.07
N TYR A 44 -2.54 -3.10 -1.02
CA TYR A 44 -2.92 -2.44 0.23
C TYR A 44 -2.83 -0.92 0.08
N THR A 45 -1.75 -0.45 -0.51
CA THR A 45 -1.55 0.99 -0.71
C THR A 45 -2.67 1.57 -1.56
N ILE A 46 -3.04 0.85 -2.62
CA ILE A 46 -4.10 1.29 -3.51
C ILE A 46 -5.42 1.38 -2.74
N GLN A 47 -5.73 0.33 -1.99
CA GLN A 47 -6.96 0.29 -1.21
C GLN A 47 -7.01 1.44 -0.21
N SER A 48 -5.86 1.76 0.38
CA SER A 48 -5.79 2.85 1.35
C SER A 48 -5.76 4.21 0.66
N GLU A 49 -5.30 4.24 -0.58
CA GLU A 49 -5.21 5.48 -1.33
C GLU A 49 -6.56 5.86 -1.94
N LEU A 50 -7.24 4.87 -2.51
CA LEU A 50 -8.52 5.10 -3.14
C LEU A 50 -9.68 4.51 -2.33
N GLY A 51 -9.36 3.90 -1.19
CA GLY A 51 -10.41 3.33 -0.37
C GLY A 51 -10.86 1.97 -0.86
N ASP A 52 -12.00 1.94 -1.55
CA ASP A 52 -12.54 0.69 -2.07
C ASP A 52 -12.41 0.63 -3.58
N TYR A 53 -12.80 -0.50 -4.17
CA TYR A 53 -12.73 -0.69 -5.61
C TYR A 53 -14.09 -0.46 -6.25
N ASP A 54 -14.24 0.69 -6.91
CA ASP A 54 -15.50 1.03 -7.57
C ASP A 54 -15.28 1.22 -9.08
N PRO A 55 -15.46 0.15 -9.86
CA PRO A 55 -15.28 0.19 -11.31
C PRO A 55 -16.29 1.14 -11.99
N GLU A 56 -17.46 1.25 -11.39
CA GLU A 56 -18.51 2.12 -11.93
C GLU A 56 -18.06 3.58 -11.93
N LEU A 57 -17.24 3.94 -10.95
CA LEU A 57 -16.75 5.31 -10.83
C LEU A 57 -15.56 5.54 -11.77
N HIS A 58 -14.63 4.60 -11.77
CA HIS A 58 -13.44 4.70 -12.61
C HIS A 58 -13.45 3.63 -13.71
N GLY A 59 -13.12 2.41 -13.33
CA GLY A 59 -13.09 1.31 -14.28
C GLY A 59 -12.14 0.21 -13.88
N VAL A 60 -11.06 0.07 -14.64
CA VAL A 60 -10.07 -0.96 -14.36
C VAL A 60 -8.72 -0.62 -14.99
N ASP A 61 -7.66 -1.23 -14.48
CA ASP A 61 -6.32 -1.00 -15.01
C ASP A 61 -5.89 0.45 -14.77
N TYR A 62 -6.45 1.08 -13.76
CA TYR A 62 -6.11 2.47 -13.44
C TYR A 62 -4.87 2.55 -12.55
N VAL A 63 -4.27 1.40 -12.24
CA VAL A 63 -3.09 1.36 -11.40
C VAL A 63 -1.85 1.84 -12.15
N SER A 64 -2.00 2.06 -13.46
CA SER A 64 -0.89 2.53 -14.30
C SER A 64 -0.37 3.88 -13.83
N ASP A 65 -1.13 4.57 -12.98
CA ASP A 65 -0.72 5.86 -12.48
C ASP A 65 0.09 5.71 -11.19
N PHE A 66 -0.19 4.64 -10.45
CA PHE A 66 0.51 4.37 -9.20
C PHE A 66 1.71 3.47 -9.43
N LYS A 67 2.90 3.94 -9.07
CA LYS A 67 4.12 3.17 -9.23
C LYS A 67 4.21 2.06 -8.19
N LEU A 68 3.77 0.86 -8.57
CA LEU A 68 3.80 -0.29 -7.68
C LEU A 68 5.18 -0.94 -7.69
N ALA A 69 5.91 -0.75 -8.78
CA ALA A 69 7.25 -1.33 -8.91
C ALA A 69 7.91 -0.88 -10.20
N PRO A 70 9.23 -1.09 -10.33
CA PRO A 70 9.99 -0.69 -11.53
C PRO A 70 9.53 -1.45 -12.77
N ASN A 71 9.44 -2.77 -12.65
CA ASN A 71 9.02 -3.61 -13.76
C ASN A 71 7.58 -4.08 -13.57
N GLN A 72 6.64 -3.15 -13.67
CA GLN A 72 5.22 -3.48 -13.50
C GLN A 72 4.67 -4.20 -14.73
N THR A 73 4.15 -5.41 -14.52
CA THR A 73 3.60 -6.20 -15.61
C THR A 73 2.13 -6.51 -15.35
N LYS A 74 1.44 -6.97 -16.39
CA LYS A 74 0.02 -7.31 -16.27
C LYS A 74 -0.22 -8.19 -15.05
N GLU A 75 0.76 -9.05 -14.75
CA GLU A 75 0.65 -9.94 -13.60
C GLU A 75 0.57 -9.15 -12.30
N LEU A 76 1.57 -8.30 -12.08
CA LEU A 76 1.62 -7.47 -10.88
C LEU A 76 0.39 -6.57 -10.81
N GLU A 77 0.07 -5.94 -11.94
CA GLU A 77 -1.09 -5.06 -12.01
C GLU A 77 -2.37 -5.81 -11.65
N GLU A 78 -2.60 -6.92 -12.34
CA GLU A 78 -3.78 -7.74 -12.10
C GLU A 78 -3.89 -8.11 -10.62
N LYS A 79 -2.79 -8.60 -10.05
CA LYS A 79 -2.76 -8.99 -8.65
C LYS A 79 -3.14 -7.82 -7.75
N VAL A 80 -2.81 -6.61 -8.18
CA VAL A 80 -3.13 -5.42 -7.40
C VAL A 80 -4.64 -5.20 -7.33
N MET A 81 -5.29 -5.24 -8.50
CA MET A 81 -6.74 -5.05 -8.57
C MET A 81 -7.47 -6.23 -7.95
N GLU A 82 -6.94 -7.43 -8.15
CA GLU A 82 -7.56 -8.64 -7.60
C GLU A 82 -7.61 -8.60 -6.08
N LEU A 83 -6.45 -8.39 -5.46
CA LEU A 83 -6.38 -8.31 -4.00
C LEU A 83 -7.22 -7.17 -3.46
N HIS A 84 -7.24 -6.06 -4.20
CA HIS A 84 -8.00 -4.89 -3.81
C HIS A 84 -9.47 -5.24 -3.59
N LYS A 85 -10.07 -5.91 -4.56
CA LYS A 85 -11.47 -6.31 -4.47
C LYS A 85 -11.63 -7.57 -3.64
N SER A 86 -10.56 -8.36 -3.54
CA SER A 86 -10.60 -9.60 -2.76
C SER A 86 -10.98 -9.35 -1.31
N TYR A 87 -10.71 -8.13 -0.84
CA TYR A 87 -11.04 -7.76 0.54
C TYR A 87 -12.54 -7.57 0.71
N ARG A 88 -13.14 -8.39 1.56
CA ARG A 88 -14.59 -8.32 1.81
C ARG A 88 -14.96 -7.16 2.73
N SER A 89 -14.47 -5.97 2.40
CA SER A 89 -14.75 -4.76 3.20
C SER A 89 -13.64 -4.49 4.21
N MET A 90 -12.45 -4.24 3.68
CA MET A 90 -11.29 -3.95 4.52
C MET A 90 -11.28 -2.48 4.93
N THR A 91 -10.68 -2.18 6.07
CA THR A 91 -10.61 -0.80 6.56
C THR A 91 -9.21 -0.23 6.36
N PRO A 92 -9.07 1.11 6.43
CA PRO A 92 -7.79 1.78 6.27
C PRO A 92 -6.73 1.20 7.20
N ALA A 93 -7.05 1.13 8.49
CA ALA A 93 -6.13 0.59 9.49
C ALA A 93 -5.57 -0.76 9.05
N GLN A 94 -6.43 -1.62 8.52
CA GLN A 94 -6.02 -2.93 8.06
C GLN A 94 -4.92 -2.82 7.00
N ALA A 95 -5.11 -1.92 6.04
CA ALA A 95 -4.14 -1.71 4.98
C ALA A 95 -2.86 -1.09 5.55
N ASP A 96 -3.04 -0.17 6.49
CA ASP A 96 -1.90 0.50 7.13
C ASP A 96 -1.05 -0.52 7.88
N LEU A 97 -1.72 -1.40 8.62
CA LEU A 97 -1.05 -2.43 9.40
C LEU A 97 -0.49 -3.52 8.50
N GLU A 98 -1.20 -3.82 7.42
CA GLU A 98 -0.79 -4.86 6.48
C GLU A 98 0.58 -4.57 5.87
N PHE A 99 0.74 -3.39 5.28
CA PHE A 99 2.01 -3.02 4.66
C PHE A 99 3.08 -2.79 5.72
N LEU A 100 2.74 -2.03 6.76
CA LEU A 100 3.69 -1.75 7.83
C LEU A 100 4.17 -3.05 8.47
N GLU A 101 3.25 -4.00 8.65
CA GLU A 101 3.57 -5.29 9.24
C GLU A 101 4.46 -6.11 8.31
N ASN A 102 4.26 -5.93 7.00
CA ASN A 102 5.04 -6.65 6.02
C ASN A 102 6.46 -6.08 5.95
N ALA A 103 6.54 -4.76 5.84
CA ALA A 103 7.82 -4.08 5.77
C ALA A 103 8.61 -4.31 7.05
N LYS A 104 7.92 -4.33 8.18
CA LYS A 104 8.55 -4.56 9.47
C LYS A 104 9.05 -5.99 9.58
N LYS A 105 8.32 -6.92 8.97
CA LYS A 105 8.69 -8.33 8.98
C LYS A 105 9.97 -8.56 8.19
N LEU A 106 10.30 -7.63 7.32
CA LEU A 106 11.49 -7.73 6.49
C LEU A 106 12.61 -6.83 6.99
N SER A 107 12.28 -5.91 7.89
CA SER A 107 13.27 -4.98 8.44
C SER A 107 13.81 -4.06 7.35
N MET A 108 12.96 -3.69 6.41
CA MET A 108 13.35 -2.81 5.32
C MET A 108 13.83 -1.47 5.85
N TYR A 109 13.28 -1.05 6.99
CA TYR A 109 13.65 0.21 7.60
C TYR A 109 13.96 0.03 9.08
N GLY A 1 -3.52 20.10 32.14
CA GLY A 1 -3.03 21.51 32.07
C GLY A 1 -2.89 22.01 30.64
N SER A 2 -2.19 21.25 29.81
CA SER A 2 -1.99 21.62 28.41
C SER A 2 -3.19 21.20 27.57
N HIS A 3 -3.64 22.10 26.70
CA HIS A 3 -4.78 21.84 25.83
C HIS A 3 -4.32 21.57 24.40
N MET A 4 -3.19 20.88 24.26
CA MET A 4 -2.65 20.55 22.95
C MET A 4 -1.54 19.51 23.06
N ASP A 5 -1.72 18.38 22.38
CA ASP A 5 -0.74 17.30 22.40
C ASP A 5 -0.24 17.00 20.99
N PRO A 6 0.96 17.51 20.63
CA PRO A 6 1.54 17.28 19.30
C PRO A 6 2.12 15.89 19.14
N ALA A 7 2.10 15.10 20.21
CA ALA A 7 2.62 13.74 20.18
C ALA A 7 1.59 12.76 19.66
N GLN A 8 0.32 13.04 19.95
CA GLN A 8 -0.77 12.17 19.51
C GLN A 8 -0.86 12.11 17.99
N LEU A 9 -0.34 13.14 17.32
CA LEU A 9 -0.37 13.20 15.87
C LEU A 9 0.98 12.80 15.26
N THR A 10 2.02 12.77 16.09
CA THR A 10 3.35 12.41 15.61
C THR A 10 3.33 11.07 14.88
N GLU A 11 2.74 10.06 15.51
CA GLU A 11 2.66 8.74 14.91
C GLU A 11 2.00 8.80 13.54
N ASP A 12 1.09 9.76 13.36
CA ASP A 12 0.42 9.93 12.09
C ASP A 12 1.38 10.55 11.09
N ILE A 13 2.06 11.60 11.52
CA ILE A 13 3.04 12.29 10.68
C ILE A 13 4.16 11.36 10.26
N THR A 14 4.65 10.57 11.21
CA THR A 14 5.74 9.64 10.94
C THR A 14 5.29 8.49 10.03
N ARG A 15 4.18 7.84 10.40
CA ARG A 15 3.67 6.71 9.62
C ARG A 15 3.46 7.08 8.15
N TYR A 16 2.98 8.30 7.89
CA TYR A 16 2.76 8.74 6.52
C TYR A 16 4.07 8.94 5.80
N TYR A 17 4.98 9.69 6.42
CA TYR A 17 6.28 9.96 5.84
C TYR A 17 7.07 8.67 5.67
N LEU A 18 6.79 7.68 6.52
CA LEU A 18 7.48 6.40 6.46
C LEU A 18 7.08 5.64 5.19
N CYS A 19 5.78 5.45 5.01
CA CYS A 19 5.27 4.74 3.83
C CYS A 19 5.78 5.38 2.55
N LEU A 20 5.81 6.71 2.53
CA LEU A 20 6.28 7.44 1.36
C LEU A 20 7.72 7.09 1.05
N GLN A 21 8.57 7.11 2.07
CA GLN A 21 9.99 6.79 1.90
C GLN A 21 10.17 5.34 1.47
N LEU A 22 9.49 4.43 2.18
CA LEU A 22 9.57 3.01 1.87
C LEU A 22 9.10 2.73 0.44
N ARG A 23 7.95 3.30 0.09
CA ARG A 23 7.39 3.12 -1.24
C ARG A 23 8.31 3.69 -2.31
N GLN A 24 9.08 4.71 -1.94
CA GLN A 24 10.01 5.35 -2.87
C GLN A 24 11.19 4.44 -3.17
N ASP A 25 11.68 3.74 -2.15
CA ASP A 25 12.81 2.83 -2.32
C ASP A 25 12.41 1.60 -3.12
N ILE A 26 11.17 1.16 -2.94
CA ILE A 26 10.67 -0.02 -3.64
C ILE A 26 10.49 0.26 -5.14
N VAL A 27 9.75 1.30 -5.46
CA VAL A 27 9.50 1.67 -6.85
C VAL A 27 10.81 1.95 -7.59
N ALA A 28 11.79 2.47 -6.88
CA ALA A 28 13.09 2.78 -7.47
C ALA A 28 13.99 1.54 -7.56
N GLY A 29 13.50 0.42 -7.03
CA GLY A 29 14.28 -0.80 -7.06
C GLY A 29 15.54 -0.71 -6.21
N ARG A 30 15.41 -0.11 -5.04
CA ARG A 30 16.54 0.05 -4.13
C ARG A 30 16.63 -1.11 -3.14
N LEU A 31 15.77 -2.12 -3.32
CA LEU A 31 15.76 -3.27 -2.43
C LEU A 31 15.16 -4.48 -3.14
N PRO A 32 15.79 -5.66 -3.02
CA PRO A 32 15.30 -6.89 -3.66
C PRO A 32 14.01 -7.40 -3.02
N CYS A 33 12.99 -7.60 -3.85
CA CYS A 33 11.70 -8.09 -3.37
C CYS A 33 11.14 -9.13 -4.32
N SER A 34 10.09 -9.83 -3.88
CA SER A 34 9.46 -10.86 -4.70
C SER A 34 8.17 -10.34 -5.34
N PHE A 35 7.72 -11.04 -6.38
CA PHE A 35 6.51 -10.66 -7.08
C PHE A 35 5.32 -10.59 -6.13
N ALA A 36 5.14 -11.64 -5.33
CA ALA A 36 4.04 -11.70 -4.38
C ALA A 36 4.03 -10.50 -3.45
N THR A 37 5.19 -10.16 -2.89
CA THR A 37 5.29 -9.02 -1.98
C THR A 37 4.97 -7.72 -2.72
N LEU A 38 5.51 -7.58 -3.91
CA LEU A 38 5.27 -6.38 -4.71
C LEU A 38 3.78 -6.16 -4.90
N ALA A 39 3.08 -7.21 -5.31
CA ALA A 39 1.65 -7.15 -5.52
C ALA A 39 0.89 -6.94 -4.21
N LEU A 40 1.38 -7.54 -3.14
CA LEU A 40 0.74 -7.41 -1.83
C LEU A 40 0.84 -5.98 -1.32
N LEU A 41 2.06 -5.44 -1.32
CA LEU A 41 2.28 -4.07 -0.87
C LEU A 41 1.49 -3.09 -1.71
N GLY A 42 1.34 -3.41 -2.99
CA GLY A 42 0.58 -2.56 -3.89
C GLY A 42 -0.90 -2.59 -3.60
N SER A 43 -1.45 -3.81 -3.54
CA SER A 43 -2.88 -3.99 -3.29
C SER A 43 -3.31 -3.26 -2.01
N TYR A 44 -2.43 -3.22 -1.02
CA TYR A 44 -2.74 -2.55 0.23
C TYR A 44 -2.69 -1.03 0.06
N THR A 45 -1.66 -0.55 -0.63
CA THR A 45 -1.50 0.87 -0.87
C THR A 45 -2.68 1.41 -1.68
N ILE A 46 -3.09 0.66 -2.69
CA ILE A 46 -4.21 1.05 -3.53
C ILE A 46 -5.49 1.17 -2.71
N GLN A 47 -5.78 0.13 -1.94
CA GLN A 47 -6.98 0.12 -1.11
C GLN A 47 -6.97 1.28 -0.12
N SER A 48 -5.79 1.60 0.40
CA SER A 48 -5.66 2.70 1.37
C SER A 48 -5.68 4.06 0.67
N GLU A 49 -5.27 4.08 -0.60
CA GLU A 49 -5.23 5.32 -1.36
C GLU A 49 -6.60 5.67 -1.91
N LEU A 50 -7.28 4.67 -2.45
CA LEU A 50 -8.60 4.88 -3.04
C LEU A 50 -9.72 4.32 -2.17
N GLY A 51 -9.35 3.73 -1.03
CA GLY A 51 -10.36 3.17 -0.14
C GLY A 51 -10.84 1.80 -0.58
N ASP A 52 -12.02 1.75 -1.20
CA ASP A 52 -12.58 0.50 -1.69
C ASP A 52 -12.61 0.46 -3.20
N TYR A 53 -13.12 -0.64 -3.75
CA TYR A 53 -13.21 -0.82 -5.20
C TYR A 53 -14.36 0.00 -5.77
N ASP A 54 -14.02 1.05 -6.51
CA ASP A 54 -15.03 1.91 -7.12
C ASP A 54 -14.93 1.87 -8.65
N PRO A 55 -15.72 1.00 -9.29
CA PRO A 55 -15.72 0.87 -10.76
C PRO A 55 -16.47 1.99 -11.46
N GLU A 56 -17.01 2.93 -10.69
CA GLU A 56 -17.76 4.05 -11.25
C GLU A 56 -16.82 5.09 -11.84
N LEU A 57 -15.69 5.34 -11.17
CA LEU A 57 -14.72 6.32 -11.64
C LEU A 57 -13.64 5.65 -12.47
N HIS A 58 -13.11 4.53 -11.98
CA HIS A 58 -12.07 3.80 -12.68
C HIS A 58 -12.49 2.36 -12.95
N GLY A 59 -11.58 1.57 -13.51
CA GLY A 59 -11.88 0.18 -13.81
C GLY A 59 -10.95 -0.42 -14.84
N VAL A 60 -10.35 -1.56 -14.51
CA VAL A 60 -9.44 -2.24 -15.41
C VAL A 60 -8.18 -1.42 -15.65
N ASP A 61 -7.03 -1.99 -15.27
CA ASP A 61 -5.75 -1.32 -15.45
C ASP A 61 -5.73 0.06 -14.80
N TYR A 62 -6.62 0.28 -13.84
CA TYR A 62 -6.70 1.57 -13.15
C TYR A 62 -5.53 1.79 -12.21
N VAL A 63 -4.65 0.79 -12.09
CA VAL A 63 -3.48 0.90 -11.23
C VAL A 63 -2.31 1.58 -11.95
N SER A 64 -2.55 1.98 -13.20
CA SER A 64 -1.53 2.65 -14.00
C SER A 64 -1.10 3.98 -13.39
N ASP A 65 -1.88 4.49 -12.43
CA ASP A 65 -1.57 5.75 -11.77
C ASP A 65 -0.71 5.52 -10.53
N PHE A 66 -0.79 4.33 -9.97
CA PHE A 66 -0.02 3.99 -8.78
C PHE A 66 1.21 3.15 -9.14
N LYS A 67 2.39 3.69 -8.84
CA LYS A 67 3.64 3.00 -9.13
C LYS A 67 3.92 1.91 -8.11
N LEU A 68 3.56 0.67 -8.44
CA LEU A 68 3.78 -0.46 -7.54
C LEU A 68 5.19 -1.03 -7.70
N ALA A 69 5.81 -0.76 -8.84
CA ALA A 69 7.15 -1.26 -9.11
C ALA A 69 7.72 -0.66 -10.40
N PRO A 70 9.05 -0.61 -10.52
CA PRO A 70 9.72 -0.04 -11.71
C PRO A 70 9.42 -0.84 -12.97
N ASN A 71 9.11 -2.13 -12.80
CA ASN A 71 8.79 -2.99 -13.93
C ASN A 71 7.43 -3.65 -13.74
N GLN A 72 6.38 -2.83 -13.71
CA GLN A 72 5.03 -3.34 -13.54
C GLN A 72 4.56 -4.10 -14.78
N THR A 73 4.23 -5.37 -14.58
CA THR A 73 3.77 -6.22 -15.68
C THR A 73 2.32 -6.65 -15.48
N LYS A 74 1.68 -7.09 -16.55
CA LYS A 74 0.29 -7.53 -16.50
C LYS A 74 0.04 -8.43 -15.28
N GLU A 75 0.97 -9.35 -15.04
CA GLU A 75 0.84 -10.27 -13.91
C GLU A 75 0.70 -9.50 -12.60
N LEU A 76 1.65 -8.60 -12.35
CA LEU A 76 1.64 -7.79 -11.14
C LEU A 76 0.37 -6.94 -11.08
N GLU A 77 0.00 -6.36 -12.22
CA GLU A 77 -1.19 -5.53 -12.30
C GLU A 77 -2.43 -6.32 -11.90
N GLU A 78 -2.65 -7.45 -12.55
CA GLU A 78 -3.79 -8.31 -12.27
C GLU A 78 -3.87 -8.66 -10.79
N LYS A 79 -2.75 -9.15 -10.25
CA LYS A 79 -2.68 -9.55 -8.85
C LYS A 79 -3.04 -8.37 -7.93
N VAL A 80 -2.73 -7.16 -8.37
CA VAL A 80 -3.04 -5.98 -7.58
C VAL A 80 -4.55 -5.77 -7.48
N MET A 81 -5.23 -5.82 -8.62
CA MET A 81 -6.67 -5.64 -8.67
C MET A 81 -7.40 -6.82 -8.01
N GLU A 82 -6.90 -8.02 -8.26
CA GLU A 82 -7.50 -9.23 -7.69
C GLU A 82 -7.52 -9.17 -6.18
N LEU A 83 -6.37 -8.87 -5.58
CA LEU A 83 -6.25 -8.79 -4.13
C LEU A 83 -7.08 -7.63 -3.58
N HIS A 84 -7.11 -6.54 -4.33
CA HIS A 84 -7.87 -5.36 -3.92
C HIS A 84 -9.35 -5.66 -3.86
N LYS A 85 -9.91 -6.11 -4.98
CA LYS A 85 -11.34 -6.43 -5.06
C LYS A 85 -11.69 -7.52 -4.05
N SER A 86 -10.73 -8.41 -3.79
CA SER A 86 -10.95 -9.51 -2.86
C SER A 86 -11.41 -9.01 -1.49
N TYR A 87 -11.12 -7.74 -1.19
CA TYR A 87 -11.53 -7.15 0.09
C TYR A 87 -12.86 -6.42 -0.06
N ARG A 88 -13.79 -6.71 0.84
CA ARG A 88 -15.10 -6.06 0.80
C ARG A 88 -15.50 -5.49 2.16
N SER A 89 -14.70 -5.76 3.18
CA SER A 89 -15.00 -5.26 4.53
C SER A 89 -13.74 -4.81 5.25
N MET A 90 -12.62 -4.70 4.52
CA MET A 90 -11.37 -4.28 5.12
C MET A 90 -11.41 -2.80 5.50
N THR A 91 -10.81 -2.47 6.64
CA THR A 91 -10.78 -1.10 7.13
C THR A 91 -9.48 -0.42 6.72
N PRO A 92 -9.49 0.92 6.62
CA PRO A 92 -8.30 1.69 6.25
C PRO A 92 -7.09 1.32 7.10
N ALA A 93 -7.26 1.43 8.41
CA ALA A 93 -6.18 1.10 9.35
C ALA A 93 -5.60 -0.27 9.06
N GLN A 94 -6.47 -1.21 8.68
CA GLN A 94 -6.04 -2.57 8.37
C GLN A 94 -5.01 -2.55 7.25
N ALA A 95 -5.26 -1.75 6.23
CA ALA A 95 -4.34 -1.64 5.10
C ALA A 95 -3.04 -0.98 5.53
N ASP A 96 -3.16 0.10 6.30
CA ASP A 96 -1.99 0.82 6.78
C ASP A 96 -1.08 -0.10 7.59
N LEU A 97 -1.69 -0.92 8.43
CA LEU A 97 -0.97 -1.87 9.26
C LEU A 97 -0.44 -3.02 8.41
N GLU A 98 -1.14 -3.34 7.34
CA GLU A 98 -0.75 -4.43 6.45
C GLU A 98 0.61 -4.20 5.83
N PHE A 99 0.79 -3.03 5.21
CA PHE A 99 2.06 -2.69 4.57
C PHE A 99 3.14 -2.42 5.62
N LEU A 100 2.78 -1.67 6.65
CA LEU A 100 3.73 -1.34 7.71
C LEU A 100 4.21 -2.61 8.41
N GLU A 101 3.27 -3.51 8.68
CA GLU A 101 3.58 -4.78 9.35
C GLU A 101 4.42 -5.67 8.44
N ASN A 102 4.18 -5.57 7.13
CA ASN A 102 4.92 -6.35 6.15
C ASN A 102 6.35 -5.83 6.01
N ALA A 103 6.47 -4.52 5.82
CA ALA A 103 7.76 -3.89 5.68
C ALA A 103 8.61 -4.08 6.92
N LYS A 104 7.95 -4.02 8.08
CA LYS A 104 8.64 -4.19 9.36
C LYS A 104 9.07 -5.63 9.55
N LYS A 105 8.26 -6.57 9.04
CA LYS A 105 8.56 -7.98 9.16
C LYS A 105 9.64 -8.41 8.16
N LEU A 106 9.79 -7.63 7.09
CA LEU A 106 10.79 -7.93 6.07
C LEU A 106 12.13 -7.26 6.39
N SER A 107 12.19 -6.55 7.51
CA SER A 107 13.42 -5.87 7.92
C SER A 107 13.82 -4.80 6.90
N MET A 108 12.82 -4.14 6.34
CA MET A 108 13.07 -3.08 5.36
C MET A 108 13.82 -1.92 5.97
N TYR A 109 13.43 -1.55 7.19
CA TYR A 109 14.07 -0.45 7.90
C TYR A 109 14.30 -0.79 9.37
N GLY A 1 -13.84 1.34 16.80
CA GLY A 1 -14.02 2.52 17.70
C GLY A 1 -12.73 2.94 18.37
N SER A 2 -12.02 3.88 17.75
CA SER A 2 -10.75 4.37 18.29
C SER A 2 -10.79 5.89 18.44
N HIS A 3 -10.65 6.37 19.68
CA HIS A 3 -10.67 7.80 19.95
C HIS A 3 -9.25 8.35 20.03
N MET A 4 -8.99 9.44 19.31
CA MET A 4 -7.68 10.06 19.31
C MET A 4 -7.80 11.58 19.24
N ASP A 5 -6.73 12.26 19.62
CA ASP A 5 -6.71 13.72 19.60
C ASP A 5 -5.88 14.25 18.43
N PRO A 6 -6.19 15.46 17.95
CA PRO A 6 -5.47 16.08 16.83
C PRO A 6 -4.03 16.46 17.19
N ALA A 7 -3.77 16.58 18.49
CA ALA A 7 -2.43 16.93 18.96
C ALA A 7 -1.50 15.72 18.92
N GLN A 8 -2.06 14.53 19.16
CA GLN A 8 -1.29 13.30 19.15
C GLN A 8 -1.36 12.62 17.79
N LEU A 9 -1.30 13.42 16.73
CA LEU A 9 -1.36 12.88 15.37
C LEU A 9 0.04 12.62 14.82
N THR A 10 1.04 12.61 15.70
CA THR A 10 2.42 12.36 15.29
C THR A 10 2.54 11.06 14.52
N GLU A 11 1.96 9.99 15.07
CA GLU A 11 2.00 8.68 14.44
C GLU A 11 1.54 8.76 12.99
N ASP A 12 0.40 9.41 12.77
CA ASP A 12 -0.16 9.56 11.44
C ASP A 12 0.88 10.20 10.50
N ILE A 13 1.52 11.26 10.97
CA ILE A 13 2.52 11.97 10.20
C ILE A 13 3.72 11.07 9.86
N THR A 14 4.26 10.40 10.87
CA THR A 14 5.41 9.53 10.66
C THR A 14 5.06 8.34 9.78
N ARG A 15 3.98 7.64 10.12
CA ARG A 15 3.55 6.48 9.35
C ARG A 15 3.38 6.81 7.87
N TYR A 16 2.71 7.92 7.59
CA TYR A 16 2.50 8.35 6.20
C TYR A 16 3.83 8.53 5.48
N TYR A 17 4.70 9.35 6.06
CA TYR A 17 6.01 9.61 5.47
C TYR A 17 6.84 8.34 5.41
N LEU A 18 6.58 7.41 6.32
CA LEU A 18 7.30 6.15 6.36
C LEU A 18 6.99 5.31 5.13
N CYS A 19 5.69 5.06 4.91
CA CYS A 19 5.25 4.27 3.77
C CYS A 19 5.79 4.87 2.47
N LEU A 20 5.76 6.20 2.37
CA LEU A 20 6.24 6.89 1.19
C LEU A 20 7.71 6.56 0.93
N GLN A 21 8.51 6.58 1.99
CA GLN A 21 9.93 6.28 1.87
C GLN A 21 10.15 4.83 1.44
N LEU A 22 9.36 3.93 2.00
CA LEU A 22 9.45 2.51 1.67
C LEU A 22 8.96 2.24 0.25
N ARG A 23 7.93 2.96 -0.16
CA ARG A 23 7.34 2.78 -1.49
C ARG A 23 8.20 3.42 -2.57
N GLN A 24 8.82 4.55 -2.25
CA GLN A 24 9.68 5.24 -3.21
C GLN A 24 10.97 4.47 -3.44
N ASP A 25 11.49 3.87 -2.37
CA ASP A 25 12.72 3.10 -2.44
C ASP A 25 12.52 1.80 -3.20
N ILE A 26 11.49 1.05 -2.83
CA ILE A 26 11.18 -0.22 -3.47
C ILE A 26 10.98 -0.04 -4.97
N VAL A 27 10.14 0.92 -5.35
CA VAL A 27 9.86 1.18 -6.76
C VAL A 27 11.14 1.56 -7.51
N ALA A 28 12.06 2.23 -6.81
CA ALA A 28 13.32 2.65 -7.41
C ALA A 28 14.30 1.49 -7.53
N GLY A 29 13.90 0.31 -7.03
CA GLY A 29 14.77 -0.85 -7.10
C GLY A 29 15.95 -0.74 -6.15
N ARG A 30 15.76 -0.01 -5.06
CA ARG A 30 16.83 0.17 -4.06
C ARG A 30 16.85 -0.98 -3.05
N LEU A 31 15.96 -1.96 -3.24
CA LEU A 31 15.90 -3.10 -2.34
C LEU A 31 15.28 -4.32 -3.04
N PRO A 32 15.86 -5.51 -2.84
CA PRO A 32 15.36 -6.74 -3.47
C PRO A 32 14.05 -7.21 -2.86
N CYS A 33 13.06 -7.43 -3.71
CA CYS A 33 11.75 -7.89 -3.25
C CYS A 33 11.19 -8.96 -4.19
N SER A 34 10.13 -9.63 -3.75
CA SER A 34 9.51 -10.68 -4.55
C SER A 34 8.21 -10.19 -5.19
N PHE A 35 7.75 -10.91 -6.22
CA PHE A 35 6.53 -10.55 -6.92
C PHE A 35 5.34 -10.50 -5.96
N ALA A 36 5.20 -11.56 -5.15
CA ALA A 36 4.10 -11.64 -4.21
C ALA A 36 4.06 -10.44 -3.27
N THR A 37 5.19 -10.12 -2.65
CA THR A 37 5.25 -8.99 -1.74
C THR A 37 4.97 -7.69 -2.48
N LEU A 38 5.53 -7.57 -3.68
CA LEU A 38 5.33 -6.38 -4.50
C LEU A 38 3.85 -6.15 -4.74
N ALA A 39 3.14 -7.22 -5.11
CA ALA A 39 1.71 -7.14 -5.37
C ALA A 39 0.92 -6.91 -4.08
N LEU A 40 1.40 -7.51 -2.99
CA LEU A 40 0.73 -7.36 -1.70
C LEU A 40 0.83 -5.93 -1.20
N LEU A 41 2.04 -5.40 -1.16
CA LEU A 41 2.29 -4.03 -0.71
C LEU A 41 1.54 -3.04 -1.59
N GLY A 42 1.45 -3.35 -2.88
CA GLY A 42 0.76 -2.49 -3.80
C GLY A 42 -0.75 -2.53 -3.60
N SER A 43 -1.31 -3.73 -3.60
CA SER A 43 -2.75 -3.91 -3.42
C SER A 43 -3.24 -3.19 -2.17
N TYR A 44 -2.42 -3.17 -1.13
CA TYR A 44 -2.78 -2.52 0.13
C TYR A 44 -2.72 -1.00 -0.01
N THR A 45 -1.66 -0.51 -0.65
CA THR A 45 -1.50 0.92 -0.86
C THR A 45 -2.66 1.48 -1.68
N ILE A 46 -3.08 0.73 -2.69
CA ILE A 46 -4.18 1.14 -3.54
C ILE A 46 -5.47 1.22 -2.74
N GLN A 47 -5.74 0.17 -1.96
CA GLN A 47 -6.94 0.13 -1.12
C GLN A 47 -6.97 1.31 -0.17
N SER A 48 -5.81 1.68 0.36
CA SER A 48 -5.70 2.79 1.30
C SER A 48 -5.74 4.13 0.58
N GLU A 49 -5.31 4.13 -0.69
CA GLU A 49 -5.28 5.35 -1.48
C GLU A 49 -6.66 5.69 -2.04
N LEU A 50 -7.35 4.67 -2.53
CA LEU A 50 -8.67 4.85 -3.11
C LEU A 50 -9.78 4.25 -2.25
N GLY A 51 -9.41 3.70 -1.09
CA GLY A 51 -10.40 3.12 -0.21
C GLY A 51 -10.86 1.75 -0.68
N ASP A 52 -11.98 1.70 -1.37
CA ASP A 52 -12.52 0.43 -1.86
C ASP A 52 -12.77 0.51 -3.36
N TYR A 53 -12.80 -0.65 -4.02
CA TYR A 53 -13.03 -0.71 -5.46
C TYR A 53 -14.40 -0.14 -5.81
N ASP A 54 -14.43 0.75 -6.80
CA ASP A 54 -15.67 1.37 -7.23
C ASP A 54 -15.73 1.44 -8.77
N PRO A 55 -16.41 0.47 -9.40
CA PRO A 55 -16.53 0.44 -10.86
C PRO A 55 -17.39 1.57 -11.40
N GLU A 56 -18.29 2.08 -10.56
CA GLU A 56 -19.17 3.17 -10.96
C GLU A 56 -18.42 4.50 -10.99
N LEU A 57 -17.42 4.63 -10.12
CA LEU A 57 -16.62 5.84 -10.04
C LEU A 57 -15.32 5.69 -10.81
N HIS A 58 -14.65 4.56 -10.62
CA HIS A 58 -13.39 4.30 -11.31
C HIS A 58 -13.56 3.21 -12.35
N GLY A 59 -12.55 3.04 -13.20
CA GLY A 59 -12.60 2.03 -14.24
C GLY A 59 -11.75 0.82 -13.92
N VAL A 60 -10.87 0.46 -14.85
CA VAL A 60 -9.99 -0.69 -14.66
C VAL A 60 -8.61 -0.42 -15.25
N ASP A 61 -7.62 -1.18 -14.80
CA ASP A 61 -6.25 -1.04 -15.27
C ASP A 61 -5.69 0.33 -14.92
N TYR A 62 -6.18 0.91 -13.82
CA TYR A 62 -5.70 2.22 -13.38
C TYR A 62 -4.46 2.09 -12.51
N VAL A 63 -4.10 0.86 -12.15
CA VAL A 63 -2.93 0.61 -11.33
C VAL A 63 -1.64 0.90 -12.10
N SER A 64 -1.75 0.91 -13.43
CA SER A 64 -0.59 1.17 -14.29
C SER A 64 -0.09 2.61 -14.14
N ASP A 65 -0.90 3.46 -13.51
CA ASP A 65 -0.52 4.85 -13.30
C ASP A 65 0.25 5.01 -12.00
N PHE A 66 -0.02 4.15 -11.03
CA PHE A 66 0.65 4.19 -9.74
C PHE A 66 2.03 3.53 -9.82
N LYS A 67 2.98 4.07 -9.06
CA LYS A 67 4.34 3.54 -9.05
C LYS A 67 4.49 2.48 -7.97
N LEU A 68 4.09 1.25 -8.30
CA LEU A 68 4.19 0.14 -7.36
C LEU A 68 5.53 -0.57 -7.49
N ALA A 69 6.15 -0.46 -8.66
CA ALA A 69 7.45 -1.10 -8.90
C ALA A 69 8.06 -0.61 -10.22
N PRO A 70 9.36 -0.86 -10.41
CA PRO A 70 10.07 -0.45 -11.63
C PRO A 70 9.64 -1.25 -12.85
N ASN A 71 9.53 -2.57 -12.68
CA ASN A 71 9.12 -3.45 -13.77
C ASN A 71 7.71 -3.97 -13.55
N GLN A 72 6.73 -3.08 -13.64
CA GLN A 72 5.34 -3.45 -13.45
C GLN A 72 4.80 -4.20 -14.66
N THR A 73 4.36 -5.44 -14.45
CA THR A 73 3.82 -6.26 -15.51
C THR A 73 2.34 -6.53 -15.30
N LYS A 74 1.65 -6.98 -16.35
CA LYS A 74 0.24 -7.28 -16.25
C LYS A 74 -0.05 -8.15 -15.04
N GLU A 75 0.89 -9.03 -14.72
CA GLU A 75 0.73 -9.92 -13.58
C GLU A 75 0.65 -9.13 -12.27
N LEU A 76 1.66 -8.29 -12.03
CA LEU A 76 1.69 -7.46 -10.84
C LEU A 76 0.47 -6.55 -10.79
N GLU A 77 0.19 -5.90 -11.92
CA GLU A 77 -0.96 -4.99 -12.02
C GLU A 77 -2.26 -5.73 -11.69
N GLU A 78 -2.49 -6.84 -12.38
CA GLU A 78 -3.70 -7.64 -12.17
C GLU A 78 -3.80 -8.09 -10.72
N LYS A 79 -2.72 -8.63 -10.19
CA LYS A 79 -2.70 -9.11 -8.81
C LYS A 79 -3.06 -8.00 -7.83
N VAL A 80 -2.67 -6.78 -8.15
CA VAL A 80 -2.98 -5.64 -7.28
C VAL A 80 -4.48 -5.38 -7.26
N MET A 81 -5.09 -5.36 -8.45
CA MET A 81 -6.52 -5.12 -8.58
C MET A 81 -7.32 -6.28 -7.99
N GLU A 82 -6.87 -7.49 -8.28
CA GLU A 82 -7.54 -8.70 -7.78
C GLU A 82 -7.61 -8.69 -6.26
N LEU A 83 -6.44 -8.54 -5.62
CA LEU A 83 -6.36 -8.52 -4.17
C LEU A 83 -7.23 -7.40 -3.60
N HIS A 84 -7.24 -6.26 -4.29
CA HIS A 84 -8.03 -5.12 -3.86
C HIS A 84 -9.51 -5.47 -3.81
N LYS A 85 -10.04 -5.92 -4.93
CA LYS A 85 -11.45 -6.29 -5.03
C LYS A 85 -11.76 -7.51 -4.15
N SER A 86 -10.79 -8.40 -4.04
CA SER A 86 -10.95 -9.61 -3.24
C SER A 86 -11.05 -9.29 -1.74
N TYR A 87 -10.56 -8.12 -1.35
CA TYR A 87 -10.60 -7.70 0.04
C TYR A 87 -12.01 -7.31 0.46
N ARG A 88 -12.50 -7.92 1.53
CA ARG A 88 -13.84 -7.64 2.04
C ARG A 88 -13.92 -6.19 2.52
N SER A 89 -14.90 -5.90 3.38
CA SER A 89 -15.07 -4.55 3.91
C SER A 89 -13.93 -4.19 4.84
N MET A 90 -12.76 -3.94 4.25
CA MET A 90 -11.57 -3.59 5.03
C MET A 90 -11.54 -2.09 5.32
N THR A 91 -10.79 -1.72 6.35
CA THR A 91 -10.67 -0.32 6.74
C THR A 91 -9.24 0.18 6.48
N PRO A 92 -9.06 1.51 6.35
CA PRO A 92 -7.75 2.11 6.11
C PRO A 92 -6.69 1.59 7.07
N ALA A 93 -6.99 1.66 8.37
CA ALA A 93 -6.06 1.19 9.40
C ALA A 93 -5.52 -0.19 9.08
N GLN A 94 -6.42 -1.09 8.65
CA GLN A 94 -6.03 -2.45 8.31
C GLN A 94 -4.97 -2.44 7.22
N ALA A 95 -5.19 -1.62 6.19
CA ALA A 95 -4.25 -1.50 5.09
C ALA A 95 -2.92 -0.94 5.57
N ASP A 96 -2.99 0.13 6.37
CA ASP A 96 -1.80 0.76 6.90
C ASP A 96 -0.98 -0.24 7.71
N LEU A 97 -1.67 -1.07 8.49
CA LEU A 97 -1.02 -2.08 9.31
C LEU A 97 -0.48 -3.23 8.46
N GLU A 98 -1.22 -3.59 7.42
CA GLU A 98 -0.83 -4.69 6.54
C GLU A 98 0.55 -4.46 5.92
N PHE A 99 0.72 -3.32 5.26
CA PHE A 99 1.99 -3.00 4.62
C PHE A 99 3.08 -2.71 5.65
N LEU A 100 2.73 -1.94 6.68
CA LEU A 100 3.69 -1.60 7.72
C LEU A 100 4.17 -2.85 8.45
N GLU A 101 3.26 -3.77 8.71
CA GLU A 101 3.60 -5.02 9.39
C GLU A 101 4.46 -5.90 8.49
N ASN A 102 4.20 -5.83 7.20
CA ASN A 102 4.94 -6.62 6.23
C ASN A 102 6.36 -6.06 6.06
N ALA A 103 6.45 -4.76 5.84
CA ALA A 103 7.73 -4.09 5.68
C ALA A 103 8.58 -4.22 6.94
N LYS A 104 7.92 -4.15 8.10
CA LYS A 104 8.60 -4.26 9.38
C LYS A 104 9.14 -5.67 9.59
N LYS A 105 8.37 -6.67 9.15
CA LYS A 105 8.77 -8.06 9.29
C LYS A 105 9.82 -8.44 8.24
N LEU A 106 9.87 -7.68 7.15
CA LEU A 106 10.83 -7.94 6.08
C LEU A 106 12.15 -7.22 6.32
N SER A 107 12.23 -6.47 7.41
CA SER A 107 13.45 -5.74 7.75
C SER A 107 13.80 -4.75 6.63
N MET A 108 12.79 -4.17 6.01
CA MET A 108 12.99 -3.21 4.94
C MET A 108 13.64 -1.92 5.46
N TYR A 109 13.61 -1.74 6.78
CA TYR A 109 14.19 -0.55 7.39
C TYR A 109 15.69 -0.72 7.59
N GLY A 1 -15.16 1.18 26.52
CA GLY A 1 -15.99 2.15 25.75
C GLY A 1 -15.36 2.54 24.43
N SER A 2 -15.75 3.70 23.91
CA SER A 2 -15.22 4.18 22.63
C SER A 2 -14.62 5.58 22.78
N HIS A 3 -13.44 5.77 22.23
CA HIS A 3 -12.76 7.06 22.29
C HIS A 3 -11.53 7.09 21.38
N MET A 4 -11.36 8.18 20.66
CA MET A 4 -10.23 8.33 19.75
C MET A 4 -9.02 8.92 20.48
N ASP A 5 -7.85 8.37 20.20
CA ASP A 5 -6.62 8.83 20.83
C ASP A 5 -6.18 10.17 20.23
N PRO A 6 -6.20 11.25 21.04
CA PRO A 6 -5.79 12.59 20.57
C PRO A 6 -4.29 12.69 20.32
N ALA A 7 -3.54 11.66 20.73
CA ALA A 7 -2.10 11.65 20.54
C ALA A 7 -1.71 10.87 19.29
N GLN A 8 -2.64 10.78 18.34
CA GLN A 8 -2.39 10.06 17.09
C GLN A 8 -2.03 11.03 15.97
N LEU A 9 -1.58 12.23 16.34
CA LEU A 9 -1.21 13.24 15.36
C LEU A 9 0.16 12.95 14.77
N THR A 10 1.14 12.70 15.64
CA THR A 10 2.49 12.40 15.20
C THR A 10 2.54 11.07 14.45
N GLU A 11 1.94 10.04 15.03
CA GLU A 11 1.92 8.72 14.41
C GLU A 11 1.37 8.79 12.99
N ASP A 12 0.48 9.76 12.78
CA ASP A 12 -0.11 9.94 11.45
C ASP A 12 0.93 10.53 10.50
N ILE A 13 1.61 11.57 10.96
CA ILE A 13 2.64 12.24 10.17
C ILE A 13 3.76 11.27 9.81
N THR A 14 4.23 10.52 10.80
CA THR A 14 5.32 9.56 10.58
C THR A 14 4.91 8.48 9.59
N ARG A 15 3.74 7.87 9.82
CA ARG A 15 3.26 6.80 8.94
C ARG A 15 3.22 7.23 7.48
N TYR A 16 2.65 8.41 7.22
CA TYR A 16 2.56 8.92 5.86
C TYR A 16 3.95 9.04 5.23
N TYR A 17 4.85 9.74 5.91
CA TYR A 17 6.20 9.94 5.42
C TYR A 17 6.96 8.61 5.33
N LEU A 18 6.58 7.66 6.18
CA LEU A 18 7.22 6.35 6.19
C LEU A 18 6.89 5.58 4.92
N CYS A 19 5.60 5.41 4.65
CA CYS A 19 5.14 4.70 3.47
C CYS A 19 5.76 5.29 2.21
N LEU A 20 5.79 6.61 2.14
CA LEU A 20 6.36 7.30 0.98
C LEU A 20 7.83 6.93 0.79
N GLN A 21 8.58 6.93 1.89
CA GLN A 21 10.00 6.59 1.84
C GLN A 21 10.20 5.12 1.45
N LEU A 22 9.46 4.23 2.12
CA LEU A 22 9.56 2.81 1.85
C LEU A 22 9.17 2.51 0.40
N ARG A 23 8.08 3.14 -0.05
CA ARG A 23 7.59 2.95 -1.41
C ARG A 23 8.58 3.49 -2.43
N GLN A 24 9.34 4.51 -2.04
CA GLN A 24 10.31 5.12 -2.93
C GLN A 24 11.51 4.20 -3.18
N ASP A 25 11.97 3.55 -2.12
CA ASP A 25 13.11 2.64 -2.22
C ASP A 25 12.73 1.37 -2.97
N ILE A 26 11.54 0.84 -2.70
CA ILE A 26 11.08 -0.37 -3.36
C ILE A 26 10.93 -0.17 -4.86
N VAL A 27 10.20 0.87 -5.26
CA VAL A 27 9.98 1.16 -6.67
C VAL A 27 11.30 1.37 -7.41
N ALA A 28 12.28 1.92 -6.71
CA ALA A 28 13.59 2.17 -7.32
C ALA A 28 14.43 0.89 -7.37
N GLY A 29 13.90 -0.22 -6.85
CA GLY A 29 14.63 -1.46 -6.86
C GLY A 29 15.83 -1.42 -5.94
N ARG A 30 15.69 -0.77 -4.80
CA ARG A 30 16.77 -0.64 -3.83
C ARG A 30 16.68 -1.75 -2.77
N LEU A 31 15.74 -2.66 -2.93
CA LEU A 31 15.57 -3.75 -1.98
C LEU A 31 14.92 -4.97 -2.66
N PRO A 32 15.70 -6.04 -2.87
CA PRO A 32 15.19 -7.27 -3.52
C PRO A 32 13.90 -7.76 -2.87
N CYS A 33 12.89 -8.00 -3.71
CA CYS A 33 11.59 -8.48 -3.24
C CYS A 33 10.99 -9.47 -4.24
N SER A 34 9.94 -10.16 -3.81
CA SER A 34 9.27 -11.13 -4.67
C SER A 34 8.03 -10.52 -5.32
N PHE A 35 7.58 -11.14 -6.41
CA PHE A 35 6.40 -10.67 -7.13
C PHE A 35 5.18 -10.63 -6.22
N ALA A 36 4.98 -11.71 -5.47
CA ALA A 36 3.84 -11.81 -4.56
C ALA A 36 3.82 -10.65 -3.57
N THR A 37 4.98 -10.30 -3.03
CA THR A 37 5.06 -9.20 -2.07
C THR A 37 4.86 -7.87 -2.77
N LEU A 38 5.38 -7.76 -4.00
CA LEU A 38 5.24 -6.54 -4.78
C LEU A 38 3.77 -6.26 -5.05
N ALA A 39 3.03 -7.30 -5.43
CA ALA A 39 1.62 -7.17 -5.71
C ALA A 39 0.80 -7.01 -4.44
N LEU A 40 1.24 -7.68 -3.37
CA LEU A 40 0.53 -7.60 -2.09
C LEU A 40 0.68 -6.20 -1.48
N LEU A 41 1.92 -5.73 -1.38
CA LEU A 41 2.19 -4.41 -0.83
C LEU A 41 1.60 -3.33 -1.73
N GLY A 42 1.62 -3.59 -3.03
CA GLY A 42 1.09 -2.64 -3.99
C GLY A 42 -0.43 -2.58 -3.93
N SER A 43 -1.07 -3.73 -3.98
CA SER A 43 -2.52 -3.81 -3.94
C SER A 43 -3.07 -3.16 -2.67
N TYR A 44 -2.34 -3.27 -1.58
CA TYR A 44 -2.76 -2.68 -0.32
C TYR A 44 -2.62 -1.17 -0.35
N THR A 45 -1.52 -0.69 -0.92
CA THR A 45 -1.27 0.74 -1.03
C THR A 45 -2.38 1.40 -1.86
N ILE A 46 -2.77 0.74 -2.94
CA ILE A 46 -3.82 1.26 -3.81
C ILE A 46 -5.13 1.35 -3.04
N GLN A 47 -5.45 0.28 -2.29
CA GLN A 47 -6.67 0.25 -1.49
C GLN A 47 -6.70 1.41 -0.51
N SER A 48 -5.54 1.75 0.04
CA SER A 48 -5.43 2.84 1.00
C SER A 48 -5.46 4.20 0.28
N GLU A 49 -5.05 4.20 -0.98
CA GLU A 49 -4.99 5.42 -1.77
C GLU A 49 -6.36 5.78 -2.33
N LEU A 50 -7.08 4.78 -2.79
CA LEU A 50 -8.39 5.00 -3.40
C LEU A 50 -9.53 4.38 -2.58
N GLY A 51 -9.18 3.75 -1.46
CA GLY A 51 -10.20 3.14 -0.62
C GLY A 51 -10.56 1.73 -1.06
N ASP A 52 -11.83 1.50 -1.33
CA ASP A 52 -12.29 0.17 -1.76
C ASP A 52 -12.63 0.16 -3.24
N TYR A 53 -13.03 -1.00 -3.74
CA TYR A 53 -13.39 -1.14 -5.15
C TYR A 53 -14.87 -0.87 -5.37
N ASP A 54 -15.18 0.04 -6.29
CA ASP A 54 -16.56 0.40 -6.59
C ASP A 54 -16.88 0.14 -8.06
N PRO A 55 -17.41 -1.05 -8.39
CA PRO A 55 -17.76 -1.40 -9.77
C PRO A 55 -18.71 -0.41 -10.40
N GLU A 56 -19.53 0.24 -9.57
CA GLU A 56 -20.49 1.23 -10.04
C GLU A 56 -19.78 2.46 -10.60
N LEU A 57 -18.62 2.77 -10.03
CA LEU A 57 -17.85 3.93 -10.46
C LEU A 57 -16.94 3.58 -11.64
N HIS A 58 -16.71 2.28 -11.85
CA HIS A 58 -15.86 1.82 -12.94
C HIS A 58 -14.44 2.34 -12.77
N GLY A 59 -13.63 1.61 -12.01
CA GLY A 59 -12.26 2.00 -11.79
C GLY A 59 -11.26 0.92 -12.17
N VAL A 60 -10.55 1.13 -13.27
CA VAL A 60 -9.56 0.17 -13.74
C VAL A 60 -8.42 0.85 -14.48
N ASP A 61 -7.30 0.15 -14.60
CA ASP A 61 -6.13 0.69 -15.29
C ASP A 61 -5.53 1.87 -14.53
N TYR A 62 -5.95 2.07 -13.29
CA TYR A 62 -5.45 3.17 -12.47
C TYR A 62 -4.11 2.80 -11.82
N VAL A 63 -3.73 1.53 -11.92
CA VAL A 63 -2.48 1.07 -11.33
C VAL A 63 -1.28 1.62 -12.10
N SER A 64 -1.48 1.90 -13.38
CA SER A 64 -0.42 2.45 -14.23
C SER A 64 0.02 3.83 -13.75
N ASP A 65 -0.77 4.44 -12.87
CA ASP A 65 -0.45 5.76 -12.34
C ASP A 65 0.31 5.64 -11.02
N PHE A 66 0.10 4.53 -10.32
CA PHE A 66 0.77 4.29 -9.05
C PHE A 66 2.02 3.45 -9.24
N LYS A 67 3.16 3.98 -8.79
CA LYS A 67 4.44 3.28 -8.91
C LYS A 67 4.60 2.22 -7.82
N LEU A 68 4.18 1.00 -8.11
CA LEU A 68 4.28 -0.09 -7.15
C LEU A 68 5.62 -0.81 -7.28
N ALA A 69 6.24 -0.71 -8.46
CA ALA A 69 7.52 -1.35 -8.71
C ALA A 69 8.20 -0.78 -9.95
N PRO A 70 9.52 -0.96 -10.09
CA PRO A 70 10.28 -0.46 -11.24
C PRO A 70 9.88 -1.16 -12.54
N ASN A 71 9.84 -2.49 -12.51
CA ASN A 71 9.48 -3.27 -13.68
C ASN A 71 8.07 -3.84 -13.54
N GLN A 72 7.07 -2.95 -13.57
CA GLN A 72 5.69 -3.37 -13.45
C GLN A 72 5.24 -4.19 -14.65
N THR A 73 4.88 -5.45 -14.39
CA THR A 73 4.44 -6.35 -15.45
C THR A 73 2.93 -6.52 -15.41
N LYS A 74 2.33 -6.75 -16.57
CA LYS A 74 0.87 -6.94 -16.65
C LYS A 74 0.40 -7.89 -15.55
N GLU A 75 1.17 -8.96 -15.32
CA GLU A 75 0.84 -9.92 -14.29
C GLU A 75 0.80 -9.25 -12.92
N LEU A 76 1.76 -8.36 -12.67
CA LEU A 76 1.82 -7.64 -11.41
C LEU A 76 0.66 -6.66 -11.31
N GLU A 77 0.47 -5.89 -12.39
CA GLU A 77 -0.62 -4.90 -12.44
C GLU A 77 -1.96 -5.57 -12.19
N GLU A 78 -2.25 -6.63 -12.94
CA GLU A 78 -3.51 -7.36 -12.79
C GLU A 78 -3.73 -7.78 -11.35
N LYS A 79 -2.74 -8.45 -10.77
CA LYS A 79 -2.83 -8.93 -9.40
C LYS A 79 -3.10 -7.77 -8.44
N VAL A 80 -2.63 -6.58 -8.80
CA VAL A 80 -2.85 -5.40 -7.97
C VAL A 80 -4.34 -5.04 -7.93
N MET A 81 -4.94 -4.96 -9.11
CA MET A 81 -6.36 -4.64 -9.22
C MET A 81 -7.22 -5.76 -8.66
N GLU A 82 -6.85 -6.99 -9.00
CA GLU A 82 -7.59 -8.16 -8.54
C GLU A 82 -7.62 -8.21 -7.00
N LEU A 83 -6.44 -8.11 -6.39
CA LEU A 83 -6.33 -8.14 -4.94
C LEU A 83 -7.14 -7.01 -4.32
N HIS A 84 -7.12 -5.84 -4.96
CA HIS A 84 -7.84 -4.69 -4.46
C HIS A 84 -9.34 -5.00 -4.34
N LYS A 85 -9.94 -5.42 -5.44
CA LYS A 85 -11.36 -5.75 -5.46
C LYS A 85 -11.65 -6.95 -4.58
N SER A 86 -10.67 -7.85 -4.48
CA SER A 86 -10.82 -9.05 -3.66
C SER A 86 -11.06 -8.70 -2.20
N TYR A 87 -10.63 -7.51 -1.79
CA TYR A 87 -10.79 -7.07 -0.41
C TYR A 87 -12.08 -6.25 -0.26
N ARG A 88 -12.80 -6.49 0.83
CA ARG A 88 -14.04 -5.79 1.10
C ARG A 88 -14.38 -5.84 2.58
N SER A 89 -14.94 -4.74 3.10
CA SER A 89 -15.31 -4.65 4.51
C SER A 89 -14.08 -4.45 5.38
N MET A 90 -13.12 -3.68 4.87
CA MET A 90 -11.89 -3.39 5.60
C MET A 90 -11.70 -1.90 5.79
N THR A 91 -11.01 -1.52 6.85
CA THR A 91 -10.77 -0.11 7.14
C THR A 91 -9.35 0.30 6.74
N PRO A 92 -9.09 1.62 6.61
CA PRO A 92 -7.78 2.13 6.23
C PRO A 92 -6.69 1.68 7.19
N ALA A 93 -6.93 1.87 8.49
CA ALA A 93 -5.97 1.49 9.52
C ALA A 93 -5.50 0.05 9.33
N GLN A 94 -6.42 -0.84 9.01
CA GLN A 94 -6.10 -2.24 8.79
C GLN A 94 -5.05 -2.39 7.68
N ALA A 95 -5.22 -1.63 6.61
CA ALA A 95 -4.29 -1.68 5.49
C ALA A 95 -2.95 -1.08 5.89
N ASP A 96 -3.00 0.04 6.61
CA ASP A 96 -1.77 0.71 7.06
C ASP A 96 -0.95 -0.21 7.94
N LEU A 97 -1.63 -0.92 8.84
CA LEU A 97 -0.99 -1.85 9.76
C LEU A 97 -0.51 -3.12 9.04
N GLU A 98 -1.17 -3.47 7.95
CA GLU A 98 -0.83 -4.67 7.19
C GLU A 98 0.51 -4.53 6.47
N PHE A 99 0.68 -3.45 5.72
CA PHE A 99 1.92 -3.23 4.97
C PHE A 99 3.05 -2.87 5.94
N LEU A 100 2.74 -2.03 6.93
CA LEU A 100 3.72 -1.62 7.91
C LEU A 100 4.26 -2.83 8.67
N GLU A 101 3.35 -3.75 9.01
CA GLU A 101 3.72 -4.95 9.73
C GLU A 101 4.51 -5.90 8.83
N ASN A 102 4.20 -5.87 7.55
CA ASN A 102 4.89 -6.71 6.58
C ASN A 102 6.31 -6.20 6.37
N ALA A 103 6.43 -4.90 6.13
CA ALA A 103 7.72 -4.27 5.92
C ALA A 103 8.59 -4.41 7.16
N LYS A 104 7.97 -4.30 8.33
CA LYS A 104 8.68 -4.42 9.59
C LYS A 104 9.21 -5.84 9.77
N LYS A 105 8.44 -6.81 9.30
CA LYS A 105 8.83 -8.21 9.40
C LYS A 105 9.99 -8.52 8.46
N LEU A 106 10.20 -7.67 7.46
CA LEU A 106 11.27 -7.86 6.50
C LEU A 106 12.43 -6.88 6.72
N SER A 107 12.38 -6.16 7.84
CA SER A 107 13.43 -5.19 8.17
C SER A 107 13.60 -4.16 7.05
N MET A 108 12.49 -3.53 6.65
CA MET A 108 12.52 -2.52 5.60
C MET A 108 12.52 -1.11 6.20
N TYR A 109 13.04 -0.99 7.43
CA TYR A 109 13.09 0.29 8.10
C TYR A 109 14.53 0.68 8.43
#